data_6X6U
#
_entry.id   6X6U
#
_cell.length_a   125.148
_cell.length_b   127.501
_cell.length_c   140.712
_cell.angle_alpha   90.00
_cell.angle_beta   90.00
_cell.angle_gamma   90.00
#
_symmetry.space_group_name_H-M   'P 21 21 2'
#
loop_
_entity.id
_entity.type
_entity.pdbx_description
1 polymer 'Formaldehyde:ferredoxin oxidoreductase wor5'
2 polymer 'Oxidoreductase, Fe-S subunit'
3 non-polymer 'TUNGSTOPTERIN COFACTOR'
4 non-polymer 'IRON/SULFUR CLUSTER'
5 non-polymer 'MAGNESIUM ION'
6 non-polymer '2-AMINOETHANESULFONIC ACID'
7 non-polymer 'PHOSPHATE ION'
8 non-polymer 'CHLORIDE ION'
9 water water
#
loop_
_entity_poly.entity_id
_entity_poly.type
_entity_poly.pdbx_seq_one_letter_code
_entity_poly.pdbx_strand_id
1 'polypeptide(L)'
;MYAYNGKLLDVDLTREKVKEVELSEDVLKKFYGGRGLGTYILWKELGEKWEKVDPLGEENLLLILTGPLTGYYPGMKTSI
VSKSPESNGVVGSVLSSELGLELKAAGYDGIIIRGKAKSPVYLFIHNDTVEIRDATKYWGMGGIELYKTLLKEVHEEIRK
KEKLKGVPKEPAMIYIGKGGENKVRFAAIMTKLMHAAGYGGYGAVMGSKNLKAVIAKGSGPLPEVYDKEKMKVLLREFWK
ELFSMTTFREWGTGAGGYSVGHDRSSEPIRNWQEEYHDNEEISVVNFENRTWIKKYWADYGCPVNCMKISYLRYGPYKGS
ISDAPDYELQAYMGTNLGIFEPEKIVYLSYLVDELGLDGINTGNILGFAAELYQRGILTKEDLGFELNWGDEKAFAKLLH
LIVEKEGIGKILAEGTYRAALKISEIKGIDVTKYAVHVKGIAVGAHGIRSELDYTKDISYAVSVQGGDHTSTAALPAKGY
TGELVEAFYDSAVICNFVTKPGFEKIIEFGNALSGFNITPEQWLNEIGLRIIHLQRILLLLGGPDVYWDPRKDDDNPPRF
YEPLPSGPVKGKAPNREDIKAKVKQYYEEIGYDEHGIPKEEVLEELGIGEAKREVKRIKKRLN
;
A,C
2 'polypeptide(L)'
;MSEEVQERIWILITPDKCSGCRLCEVTCSLEHEGIIWPEASRIRVFELFPGINVPHTCVQCPDYPCVNACPTNALSVDEK
TGAVVVNEEKCITCGACVLACPGKVPRIPAGKGSVVICDLCGGNPKCVEICHEAGHDALKIVTGNYRPIYRTFAKDPQEK
SLDIARKVFGEDF
;
B,D
#
loop_
_chem_comp.id
_chem_comp.type
_chem_comp.name
_chem_comp.formula
CL non-polymer 'CHLORIDE ION' 'Cl -1'
MG non-polymer 'MAGNESIUM ION' 'Mg 2'
PO4 non-polymer 'PHOSPHATE ION' 'O4 P -3'
PTE non-polymer 'TUNGSTOPTERIN COFACTOR' 'C20 H29 Mg N10 O14 P2 S4 W'
SF4 non-polymer 'IRON/SULFUR CLUSTER' 'Fe4 S4'
TAU non-polymer '2-AMINOETHANESULFONIC ACID' 'C2 H7 N O3 S'
#
# COMPACT_ATOMS: atom_id res chain seq x y z
N MET A 1 32.45 -13.37 26.47
CA MET A 1 32.94 -14.02 25.26
C MET A 1 32.50 -13.31 24.00
N TYR A 2 33.00 -13.80 22.87
CA TYR A 2 32.59 -13.33 21.56
C TYR A 2 31.28 -13.97 21.17
N ALA A 3 30.35 -13.15 20.67
CA ALA A 3 29.13 -13.58 19.98
C ALA A 3 28.06 -14.16 20.90
N TYR A 4 28.41 -14.67 22.07
CA TYR A 4 27.41 -15.07 23.04
C TYR A 4 27.56 -14.24 24.30
N ASN A 5 26.51 -14.26 25.14
CA ASN A 5 26.65 -13.71 26.49
C ASN A 5 27.29 -14.70 27.47
N GLY A 6 27.18 -16.01 27.23
CA GLY A 6 27.63 -17.01 28.18
C GLY A 6 26.72 -17.24 29.37
N LYS A 7 25.42 -16.96 29.25
CA LYS A 7 24.47 -17.13 30.35
C LYS A 7 23.13 -17.60 29.83
N LEU A 8 22.50 -18.47 30.61
CA LEU A 8 21.12 -18.82 30.40
C LEU A 8 20.34 -18.38 31.62
N LEU A 9 19.08 -18.00 31.42
CA LEU A 9 18.18 -17.88 32.56
C LEU A 9 17.59 -19.25 32.86
N ASP A 10 17.48 -19.56 34.15
CA ASP A 10 16.85 -20.79 34.61
C ASP A 10 15.63 -20.38 35.42
N VAL A 11 14.44 -20.81 34.99
CA VAL A 11 13.19 -20.32 35.57
C VAL A 11 12.40 -21.51 36.09
N ASP A 12 12.19 -21.57 37.41
CA ASP A 12 11.42 -22.64 38.03
C ASP A 12 10.03 -22.10 38.34
N LEU A 13 9.03 -22.56 37.58
CA LEU A 13 7.65 -22.12 37.76
C LEU A 13 6.97 -22.75 38.98
N THR A 14 7.36 -23.98 39.35
CA THR A 14 6.86 -24.58 40.59
C THR A 14 7.24 -23.75 41.80
N ARG A 15 8.53 -23.48 41.96
CA ARG A 15 9.00 -22.76 43.13
C ARG A 15 9.00 -21.25 42.94
N GLU A 16 8.63 -20.76 41.74
CA GLU A 16 8.68 -19.33 41.42
C GLU A 16 10.06 -18.74 41.68
N LYS A 17 11.07 -19.37 41.11
CA LYS A 17 12.45 -18.98 41.29
C LYS A 17 13.07 -18.66 39.94
N VAL A 18 13.96 -17.70 39.93
CA VAL A 18 14.70 -17.32 38.73
C VAL A 18 16.17 -17.23 39.10
N LYS A 19 17.04 -17.76 38.25
CA LYS A 19 18.48 -17.57 38.46
C LYS A 19 19.19 -17.60 37.12
N GLU A 20 20.45 -17.17 37.14
CA GLU A 20 21.30 -17.23 35.96
C GLU A 20 22.26 -18.39 36.10
N VAL A 21 22.41 -19.19 35.05
CA VAL A 21 23.43 -20.23 35.04
C VAL A 21 24.41 -19.95 33.92
N GLU A 22 25.64 -20.42 34.10
CA GLU A 22 26.72 -20.14 33.17
C GLU A 22 26.66 -21.09 31.98
N LEU A 23 27.11 -20.59 30.84
CA LEU A 23 27.12 -21.34 29.60
C LEU A 23 28.57 -21.37 29.19
N SER A 24 29.25 -22.48 29.43
CA SER A 24 30.69 -22.51 29.26
C SER A 24 31.06 -22.59 27.79
N GLU A 25 32.28 -22.14 27.49
CA GLU A 25 32.80 -22.20 26.14
C GLU A 25 32.90 -23.64 25.63
N ASP A 26 33.22 -24.57 26.51
CA ASP A 26 33.37 -25.95 26.08
C ASP A 26 32.04 -26.54 25.60
N VAL A 27 30.96 -26.28 26.33
CA VAL A 27 29.65 -26.69 25.83
C VAL A 27 29.35 -26.03 24.50
N LEU A 28 29.67 -24.74 24.36
CA LEU A 28 29.34 -24.02 23.13
C LEU A 28 30.14 -24.56 21.95
N LYS A 29 31.42 -24.88 22.14
CA LYS A 29 32.18 -25.42 21.01
C LYS A 29 31.72 -26.81 20.62
N LYS A 30 31.03 -27.51 21.52
CA LYS A 30 30.63 -28.88 21.28
C LYS A 30 29.20 -29.01 20.75
N PHE A 31 28.31 -28.05 21.07
CA PHE A 31 26.92 -28.13 20.65
C PHE A 31 26.39 -26.88 19.93
N TYR A 32 27.09 -25.74 20.02
CA TYR A 32 26.93 -24.52 19.19
C TYR A 32 25.80 -23.60 19.64
N GLY A 33 24.59 -24.11 19.75
CA GLY A 33 23.46 -23.28 20.10
C GLY A 33 22.14 -23.97 19.76
N GLY A 34 21.05 -23.24 20.04
CA GLY A 34 19.73 -23.66 19.56
C GLY A 34 19.42 -25.15 19.64
N ARG A 35 19.04 -25.77 18.53
CA ARG A 35 18.69 -27.19 18.51
C ARG A 35 19.76 -28.08 19.16
N GLY A 36 21.02 -27.88 18.77
CA GLY A 36 22.08 -28.71 19.34
C GLY A 36 22.27 -28.48 20.82
N LEU A 37 22.25 -27.22 21.25
CA LEU A 37 22.41 -26.94 22.68
C LEU A 37 21.23 -27.46 23.47
N GLY A 38 20.01 -27.32 22.94
CA GLY A 38 18.85 -27.82 23.64
C GLY A 38 18.82 -29.34 23.73
N THR A 39 19.25 -30.03 22.66
CA THR A 39 19.29 -31.48 22.71
C THR A 39 20.22 -31.95 23.83
N TYR A 40 21.39 -31.30 23.97
CA TYR A 40 22.32 -31.63 25.04
C TYR A 40 21.70 -31.42 26.43
N ILE A 41 21.11 -30.24 26.66
CA ILE A 41 20.51 -29.96 27.97
C ILE A 41 19.44 -31.03 28.31
N LEU A 42 18.60 -31.39 27.34
CA LEU A 42 17.56 -32.38 27.59
CA LEU A 42 17.55 -32.37 27.60
C LEU A 42 18.16 -33.74 27.95
N TRP A 43 19.18 -34.17 27.21
CA TRP A 43 19.77 -35.47 27.47
C TRP A 43 20.48 -35.52 28.82
N LYS A 44 21.24 -34.46 29.13
CA LYS A 44 21.97 -34.35 30.38
C LYS A 44 21.03 -34.28 31.57
N GLU A 45 19.96 -33.50 31.50
CA GLU A 45 19.07 -33.39 32.65
C GLU A 45 18.06 -34.52 32.72
N LEU A 46 17.66 -35.10 31.58
CA LEU A 46 16.56 -36.07 31.56
C LEU A 46 16.89 -37.38 30.87
N GLY A 47 18.01 -37.48 30.16
CA GLY A 47 18.22 -38.66 29.33
C GLY A 47 18.23 -39.96 30.11
N GLU A 48 18.71 -39.91 31.36
CA GLU A 48 18.78 -41.10 32.19
CA GLU A 48 18.78 -41.12 32.16
C GLU A 48 17.40 -41.62 32.57
N LYS A 49 16.39 -40.76 32.60
CA LYS A 49 15.03 -41.20 32.92
C LYS A 49 14.03 -40.87 31.80
N TRP A 50 14.47 -40.86 30.54
CA TRP A 50 13.69 -40.21 29.47
C TRP A 50 12.34 -40.85 29.30
N GLU A 51 12.30 -42.19 29.20
CA GLU A 51 11.05 -42.90 28.93
C GLU A 51 10.03 -42.69 30.04
N LYS A 52 10.44 -42.22 31.21
CA LYS A 52 9.46 -41.86 32.24
C LYS A 52 9.05 -40.38 32.22
N VAL A 53 9.68 -39.55 31.39
CA VAL A 53 9.31 -38.13 31.37
C VAL A 53 8.05 -37.95 30.51
N ASP A 54 6.96 -37.54 31.13
CA ASP A 54 5.76 -37.17 30.40
C ASP A 54 5.96 -35.77 29.79
N PRO A 55 5.93 -35.63 28.45
CA PRO A 55 6.15 -34.28 27.88
C PRO A 55 5.09 -33.27 28.29
N LEU A 56 3.90 -33.72 28.67
CA LEU A 56 2.87 -32.85 29.21
C LEU A 56 2.89 -32.79 30.72
N GLY A 57 3.88 -33.41 31.35
CA GLY A 57 4.01 -33.39 32.79
C GLY A 57 5.03 -32.37 33.24
N GLU A 58 5.01 -32.11 34.54
CA GLU A 58 5.80 -30.98 35.02
C GLU A 58 7.30 -31.21 34.95
N GLU A 59 7.75 -32.44 34.67
CA GLU A 59 9.19 -32.70 34.62
C GLU A 59 9.82 -32.35 33.26
N ASN A 60 9.04 -32.10 32.21
CA ASN A 60 9.63 -31.63 30.96
C ASN A 60 10.30 -30.25 31.14
N LEU A 61 11.28 -29.97 30.28
CA LEU A 61 11.95 -28.67 30.19
C LEU A 61 11.55 -27.99 28.88
N LEU A 62 11.19 -26.72 28.93
CA LEU A 62 10.91 -25.93 27.73
C LEU A 62 12.08 -24.98 27.54
N LEU A 63 12.84 -25.18 26.47
CA LEU A 63 14.05 -24.42 26.24
C LEU A 63 13.85 -23.37 25.15
N ILE A 64 14.16 -22.11 25.46
CA ILE A 64 14.08 -21.01 24.48
C ILE A 64 15.50 -20.53 24.23
N LEU A 65 16.03 -20.77 23.02
CA LEU A 65 17.47 -20.70 22.81
C LEU A 65 17.84 -19.86 21.61
N THR A 66 19.11 -19.49 21.57
CA THR A 66 19.72 -18.82 20.42
C THR A 66 21.00 -19.52 20.05
N GLY A 67 21.73 -18.96 19.10
CA GLY A 67 23.06 -19.39 18.78
C GLY A 67 23.92 -18.19 18.44
N PRO A 68 25.19 -18.44 18.09
CA PRO A 68 26.11 -17.30 17.94
C PRO A 68 25.74 -16.37 16.80
N LEU A 69 25.10 -16.87 15.73
CA LEU A 69 24.75 -16.01 14.61
C LEU A 69 23.49 -15.19 14.89
N THR A 70 22.69 -15.58 15.88
CA THR A 70 21.44 -14.89 16.16
C THR A 70 21.73 -13.45 16.56
N GLY A 71 21.19 -12.52 15.78
CA GLY A 71 21.38 -11.10 15.99
C GLY A 71 22.36 -10.46 15.04
N TYR A 72 23.19 -11.25 14.35
CA TYR A 72 24.18 -10.68 13.42
C TYR A 72 23.93 -11.11 11.99
N TYR A 73 23.66 -12.40 11.77
CA TYR A 73 23.37 -12.90 10.44
C TYR A 73 22.01 -12.32 9.99
N PRO A 74 21.84 -12.09 8.68
CA PRO A 74 20.56 -11.52 8.22
C PRO A 74 19.38 -12.37 8.66
N GLY A 75 18.25 -11.71 8.91
CA GLY A 75 17.06 -12.43 9.32
C GLY A 75 17.05 -12.65 10.82
N MET A 76 15.98 -13.29 11.30
CA MET A 76 15.85 -13.41 12.75
C MET A 76 15.09 -14.67 13.09
N LYS A 77 15.70 -15.57 13.91
CA LYS A 77 15.03 -16.76 14.41
C LYS A 77 15.39 -16.96 15.88
N THR A 78 14.43 -17.51 16.62
CA THR A 78 14.61 -18.03 17.98
C THR A 78 14.34 -19.52 17.94
N SER A 79 15.09 -20.29 18.71
CA SER A 79 14.95 -21.74 18.74
C SER A 79 14.11 -22.17 19.94
N ILE A 80 13.27 -23.19 19.74
CA ILE A 80 12.49 -23.77 20.83
C ILE A 80 12.68 -25.28 20.81
N VAL A 81 13.06 -25.85 21.96
CA VAL A 81 13.43 -27.27 22.05
C VAL A 81 12.84 -27.85 23.33
N SER A 82 12.32 -29.08 23.27
CA SER A 82 11.73 -29.73 24.43
C SER A 82 11.53 -31.21 24.11
N LYS A 83 11.02 -31.98 25.08
CA LYS A 83 10.53 -33.31 24.72
C LYS A 83 9.18 -33.16 24.03
N SER A 84 9.03 -33.82 22.88
CA SER A 84 7.89 -33.58 22.01
C SER A 84 6.69 -34.43 22.41
N PRO A 85 5.53 -33.83 22.68
CA PRO A 85 4.29 -34.61 22.86
C PRO A 85 3.88 -35.38 21.62
N GLU A 86 4.52 -35.17 20.47
CA GLU A 86 4.12 -35.88 19.28
C GLU A 86 4.98 -37.14 19.11
N SER A 87 6.29 -36.96 19.01
CA SER A 87 7.18 -38.07 18.70
C SER A 87 7.78 -38.73 19.94
N ASN A 88 7.67 -38.07 21.10
CA ASN A 88 8.39 -38.40 22.32
C ASN A 88 9.90 -38.32 22.14
N GLY A 89 10.37 -37.78 21.01
CA GLY A 89 11.76 -37.38 20.80
C GLY A 89 11.96 -35.89 21.04
N VAL A 90 12.89 -35.31 20.27
CA VAL A 90 13.21 -33.88 20.36
C VAL A 90 13.01 -33.27 18.97
N VAL A 91 12.49 -32.04 18.93
CA VAL A 91 12.33 -31.30 17.67
C VAL A 91 13.05 -29.97 17.81
N GLY A 92 14.02 -29.72 16.94
CA GLY A 92 14.59 -28.39 16.97
C GLY A 92 13.75 -27.43 16.13
N SER A 93 12.78 -26.75 16.74
CA SER A 93 11.96 -25.86 15.92
CA SER A 93 11.88 -25.85 16.02
C SER A 93 12.41 -24.42 16.11
N VAL A 94 11.89 -23.53 15.25
CA VAL A 94 12.30 -22.14 15.21
C VAL A 94 11.11 -21.29 14.81
N LEU A 95 11.12 -20.04 15.26
CA LEU A 95 10.13 -19.06 14.81
C LEU A 95 10.79 -17.69 14.74
N SER A 96 10.29 -16.83 13.83
CA SER A 96 10.90 -15.53 13.58
C SER A 96 10.44 -14.51 14.62
N SER A 97 10.70 -14.84 15.87
CA SER A 97 10.54 -13.90 16.98
C SER A 97 11.85 -13.17 17.19
N GLU A 98 11.76 -11.86 17.45
CA GLU A 98 12.90 -11.11 17.95
C GLU A 98 13.24 -11.43 19.41
N LEU A 99 12.50 -12.36 20.04
CA LEU A 99 12.80 -12.69 21.44
C LEU A 99 14.27 -13.02 21.63
N GLY A 100 14.83 -13.79 20.71
CA GLY A 100 16.23 -14.13 20.80
C GLY A 100 17.14 -12.93 20.74
N LEU A 101 16.80 -11.96 19.88
CA LEU A 101 17.57 -10.72 19.78
C LEU A 101 17.44 -9.92 21.06
N GLU A 102 16.23 -9.83 21.59
CA GLU A 102 16.01 -9.04 22.80
C GLU A 102 16.73 -9.68 23.99
N LEU A 103 16.71 -11.01 24.07
CA LEU A 103 17.44 -11.70 25.13
C LEU A 103 18.92 -11.38 25.07
N LYS A 104 19.51 -11.45 23.88
CA LYS A 104 20.94 -11.22 23.79
C LYS A 104 21.29 -9.78 24.13
N ALA A 105 20.42 -8.83 23.76
CA ALA A 105 20.67 -7.43 24.07
C ALA A 105 20.43 -7.15 25.55
N ALA A 106 19.83 -8.08 26.29
CA ALA A 106 19.60 -7.93 27.72
C ALA A 106 20.60 -8.71 28.54
N GLY A 107 21.46 -9.51 27.91
CA GLY A 107 22.52 -10.20 28.61
C GLY A 107 22.38 -11.71 28.70
N TYR A 108 21.45 -12.33 27.95
CA TYR A 108 21.22 -13.75 28.05
C TYR A 108 21.21 -14.41 26.68
N ASP A 109 21.55 -15.70 26.65
CA ASP A 109 21.51 -16.48 25.42
C ASP A 109 20.27 -17.34 25.28
N GLY A 110 19.39 -17.34 26.27
CA GLY A 110 18.32 -18.31 26.28
C GLY A 110 17.70 -18.47 27.66
N ILE A 111 16.67 -19.31 27.70
CA ILE A 111 15.87 -19.56 28.89
C ILE A 111 15.64 -21.06 29.02
N ILE A 112 15.89 -21.59 30.22
CA ILE A 112 15.48 -22.92 30.64
C ILE A 112 14.23 -22.77 31.50
N ILE A 113 13.11 -23.37 31.09
CA ILE A 113 11.87 -23.27 31.85
C ILE A 113 11.49 -24.65 32.38
N ARG A 114 11.38 -24.75 33.72
CA ARG A 114 11.08 -26.02 34.38
C ARG A 114 9.81 -25.91 35.21
N GLY A 115 9.25 -27.07 35.57
CA GLY A 115 8.16 -27.04 36.51
C GLY A 115 6.86 -26.56 35.89
N LYS A 116 5.98 -26.04 36.75
CA LYS A 116 4.63 -25.72 36.34
C LYS A 116 4.04 -24.73 37.34
N ALA A 117 3.57 -23.57 36.85
CA ALA A 117 3.00 -22.58 37.76
C ALA A 117 1.64 -23.04 38.27
N LYS A 118 1.36 -22.70 39.52
CA LYS A 118 0.09 -23.02 40.14
C LYS A 118 -1.09 -22.48 39.33
N SER A 119 -0.95 -21.27 38.79
CA SER A 119 -1.95 -20.59 37.98
C SER A 119 -1.30 -19.98 36.74
N PRO A 120 -2.09 -19.54 35.75
CA PRO A 120 -1.48 -18.96 34.54
C PRO A 120 -0.57 -17.79 34.87
N VAL A 121 0.64 -17.83 34.32
CA VAL A 121 1.61 -16.76 34.48
C VAL A 121 2.13 -16.35 33.10
N TYR A 122 2.86 -15.23 33.07
CA TYR A 122 3.74 -14.94 31.97
C TYR A 122 5.10 -14.56 32.52
N LEU A 123 6.12 -14.68 31.67
CA LEU A 123 7.49 -14.40 32.06
C LEU A 123 7.91 -13.08 31.44
N PHE A 124 8.43 -12.19 32.27
CA PHE A 124 8.75 -10.82 31.87
C PHE A 124 10.25 -10.59 32.04
N ILE A 125 10.92 -10.18 30.98
CA ILE A 125 12.38 -10.00 30.96
C ILE A 125 12.64 -8.60 30.43
N HIS A 126 13.26 -7.75 31.25
CA HIS A 126 13.58 -6.38 30.83
C HIS A 126 14.98 -6.05 31.33
N ASN A 127 15.97 -6.20 30.45
CA ASN A 127 17.37 -6.07 30.85
C ASN A 127 17.65 -6.95 32.07
N ASP A 128 18.00 -6.37 33.22
CA ASP A 128 18.30 -7.20 34.40
C ASP A 128 17.07 -7.63 35.18
N THR A 129 15.88 -7.15 34.84
CA THR A 129 14.68 -7.51 35.57
C THR A 129 14.03 -8.75 34.95
N VAL A 130 13.83 -9.78 35.77
CA VAL A 130 13.15 -11.01 35.35
C VAL A 130 12.06 -11.30 36.39
N GLU A 131 10.83 -11.46 35.92
CA GLU A 131 9.69 -11.63 36.82
C GLU A 131 8.69 -12.61 36.27
N ILE A 132 8.22 -13.51 37.13
CA ILE A 132 7.06 -14.34 36.87
C ILE A 132 5.83 -13.57 37.33
N ARG A 133 4.89 -13.32 36.41
CA ARG A 133 3.75 -12.47 36.68
C ARG A 133 2.43 -13.21 36.43
N ASP A 134 1.40 -12.77 37.14
CA ASP A 134 0.05 -13.30 36.96
C ASP A 134 -0.43 -13.10 35.53
N ALA A 135 -1.01 -14.15 34.93
CA ALA A 135 -1.59 -14.05 33.60
C ALA A 135 -3.03 -14.51 33.53
N THR A 136 -3.76 -14.57 34.65
CA THR A 136 -5.09 -15.17 34.53
C THR A 136 -6.04 -14.28 33.72
N LYS A 137 -5.81 -12.96 33.66
CA LYS A 137 -6.66 -12.11 32.82
C LYS A 137 -6.50 -12.41 31.34
N TYR A 138 -5.34 -12.91 30.93
CA TYR A 138 -5.08 -13.14 29.52
C TYR A 138 -5.33 -14.58 29.08
N TRP A 139 -5.49 -15.52 30.01
CA TRP A 139 -5.73 -16.90 29.64
C TRP A 139 -7.01 -17.02 28.82
N GLY A 140 -6.90 -17.61 27.63
CA GLY A 140 -8.02 -17.71 26.72
C GLY A 140 -7.98 -16.73 25.57
N MET A 141 -7.05 -15.78 25.59
CA MET A 141 -6.94 -14.81 24.50
C MET A 141 -6.17 -15.39 23.33
N GLY A 142 -6.61 -15.08 22.11
CA GLY A 142 -5.80 -15.31 20.93
C GLY A 142 -4.80 -14.18 20.68
N GLY A 143 -4.06 -14.33 19.59
CA GLY A 143 -2.93 -13.44 19.34
C GLY A 143 -3.33 -11.97 19.21
N ILE A 144 -4.36 -11.68 18.41
CA ILE A 144 -4.76 -10.29 18.17
C ILE A 144 -5.07 -9.60 19.49
N GLU A 145 -5.91 -10.23 20.32
CA GLU A 145 -6.27 -9.59 21.58
C GLU A 145 -5.09 -9.51 22.53
N LEU A 146 -4.18 -10.46 22.43
CA LEU A 146 -3.04 -10.49 23.33
C LEU A 146 -2.08 -9.34 23.01
N TYR A 147 -1.87 -9.06 21.71
CA TYR A 147 -1.06 -7.90 21.33
C TYR A 147 -1.71 -6.61 21.78
N LYS A 148 -3.05 -6.52 21.69
CA LYS A 148 -3.73 -5.26 22.02
C LYS A 148 -3.88 -5.03 23.51
N THR A 149 -3.78 -6.08 24.34
CA THR A 149 -3.90 -5.90 25.78
C THR A 149 -2.54 -6.12 26.42
N LEU A 150 -2.14 -7.36 26.72
CA LEU A 150 -0.91 -7.64 27.46
C LEU A 150 0.32 -6.94 26.86
N LEU A 151 0.58 -7.13 25.55
CA LEU A 151 1.82 -6.59 24.98
C LEU A 151 1.82 -5.07 25.01
N LYS A 152 0.71 -4.44 24.64
CA LYS A 152 0.61 -2.99 24.71
C LYS A 152 0.80 -2.49 26.14
N GLU A 153 0.13 -3.14 27.12
CA GLU A 153 0.27 -2.74 28.51
C GLU A 153 1.71 -2.86 29.00
N VAL A 154 2.41 -3.94 28.66
CA VAL A 154 3.80 -4.08 29.09
C VAL A 154 4.66 -2.99 28.44
N HIS A 155 4.38 -2.67 27.17
CA HIS A 155 5.10 -1.59 26.51
C HIS A 155 4.87 -0.26 27.23
N GLU A 156 3.62 0.02 27.58
CA GLU A 156 3.30 1.26 28.27
C GLU A 156 4.02 1.31 29.61
N GLU A 157 4.00 0.18 30.33
CA GLU A 157 4.68 0.10 31.62
C GLU A 157 6.15 0.48 31.49
N ILE A 158 6.82 -0.13 30.52
CA ILE A 158 8.24 0.12 30.27
C ILE A 158 8.45 1.56 29.81
N ARG A 159 7.57 2.07 28.94
CA ARG A 159 7.73 3.45 28.47
C ARG A 159 7.71 4.42 29.63
N LYS A 160 6.76 4.24 30.56
CA LYS A 160 6.64 5.16 31.69
C LYS A 160 7.87 5.08 32.61
N LYS A 161 8.37 3.89 32.84
CA LYS A 161 9.53 3.73 33.70
C LYS A 161 10.79 4.29 33.06
N GLU A 162 10.97 4.10 31.76
CA GLU A 162 12.16 4.61 31.07
C GLU A 162 11.99 6.04 30.55
N LYS A 163 11.00 6.80 31.06
CA LYS A 163 10.64 8.08 30.48
C LYS A 163 11.85 8.97 30.19
N LEU A 164 12.77 9.09 31.14
CA LEU A 164 13.93 9.96 30.96
C LEU A 164 15.02 9.35 30.07
N LYS A 165 14.81 8.16 29.54
CA LYS A 165 15.75 7.54 28.61
C LYS A 165 15.21 7.50 27.18
N GLY A 166 14.03 8.05 26.92
CA GLY A 166 13.39 8.00 25.63
C GLY A 166 12.41 6.83 25.54
N VAL A 167 11.84 6.65 24.35
CA VAL A 167 10.77 5.67 24.14
C VAL A 167 11.40 4.38 23.63
N PRO A 168 11.36 3.28 24.40
CA PRO A 168 11.88 2.01 23.87
C PRO A 168 11.00 1.43 22.79
N LYS A 169 11.62 0.71 21.86
CA LYS A 169 10.90 -0.07 20.87
C LYS A 169 10.01 -1.10 21.59
N GLU A 170 9.19 -1.80 20.82
CA GLU A 170 8.28 -2.75 21.43
C GLU A 170 9.04 -3.98 21.95
N PRO A 171 8.58 -4.58 23.04
CA PRO A 171 9.17 -5.86 23.47
C PRO A 171 8.76 -6.97 22.50
N ALA A 172 9.52 -8.04 22.51
CA ALA A 172 9.16 -9.21 21.71
C ALA A 172 8.35 -10.16 22.57
N MET A 173 7.45 -10.93 21.95
CA MET A 173 6.56 -11.81 22.68
C MET A 173 6.36 -13.14 21.94
N ILE A 174 6.52 -14.28 22.65
CA ILE A 174 6.02 -15.57 22.17
C ILE A 174 4.89 -15.99 23.10
N TYR A 175 3.94 -16.77 22.57
CA TYR A 175 2.72 -17.04 23.33
C TYR A 175 2.01 -18.28 22.78
N ILE A 176 1.01 -18.75 23.54
CA ILE A 176 0.12 -19.82 23.12
C ILE A 176 -1.30 -19.29 23.01
N GLY A 177 -2.10 -20.02 22.24
CA GLY A 177 -3.51 -19.80 22.13
C GLY A 177 -4.29 -20.84 22.90
N LYS A 178 -5.60 -20.88 22.65
CA LYS A 178 -6.42 -21.80 23.41
C LYS A 178 -6.03 -23.26 23.14
N GLY A 179 -5.54 -23.58 21.94
CA GLY A 179 -5.08 -24.94 21.67
C GLY A 179 -3.97 -25.39 22.63
N GLY A 180 -2.98 -24.52 22.83
CA GLY A 180 -1.93 -24.81 23.78
C GLY A 180 -2.43 -24.86 25.22
N GLU A 181 -3.32 -23.93 25.58
CA GLU A 181 -3.86 -23.88 26.93
C GLU A 181 -4.59 -25.17 27.30
N ASN A 182 -5.25 -25.81 26.34
CA ASN A 182 -5.98 -27.05 26.57
C ASN A 182 -5.16 -28.27 26.17
N LYS A 183 -3.85 -28.08 25.99
CA LYS A 183 -2.90 -29.17 25.74
C LYS A 183 -3.31 -30.07 24.57
N VAL A 184 -3.83 -29.46 23.48
CA VAL A 184 -3.93 -30.18 22.21
C VAL A 184 -2.53 -30.56 21.77
N ARG A 185 -2.31 -31.83 21.42
CA ARG A 185 -0.94 -32.31 21.33
C ARG A 185 -0.16 -31.72 20.17
N PHE A 186 -0.83 -31.11 19.19
CA PHE A 186 -0.17 -30.44 18.08
C PHE A 186 -0.32 -28.92 18.16
N ALA A 187 -0.49 -28.39 19.37
CA ALA A 187 -0.51 -26.95 19.54
C ALA A 187 0.89 -26.39 19.31
N ALA A 188 0.94 -25.16 18.81
CA ALA A 188 2.19 -24.51 18.49
C ALA A 188 2.44 -23.34 19.43
N ILE A 189 3.67 -22.84 19.41
CA ILE A 189 4.03 -21.59 20.04
C ILE A 189 4.09 -20.51 18.96
N MET A 190 3.47 -19.37 19.22
CA MET A 190 3.22 -18.36 18.20
C MET A 190 4.02 -17.09 18.49
N THR A 191 4.18 -16.28 17.45
CA THR A 191 4.58 -14.89 17.61
C THR A 191 4.05 -14.07 16.44
N LYS A 192 3.73 -12.79 16.72
CA LYS A 192 3.30 -11.83 15.69
C LYS A 192 2.17 -12.38 14.82
N LEU A 193 1.22 -13.07 15.48
CA LEU A 193 -0.02 -13.58 14.90
C LEU A 193 0.18 -14.80 14.02
N MET A 194 1.20 -14.77 13.18
CA MET A 194 1.29 -15.58 11.97
C MET A 194 2.54 -16.43 11.88
N HIS A 195 3.44 -16.34 12.86
CA HIS A 195 4.70 -17.07 12.88
C HIS A 195 4.60 -18.14 13.95
N ALA A 196 5.19 -19.31 13.72
CA ALA A 196 4.98 -20.42 14.63
C ALA A 196 6.26 -21.24 14.83
N ALA A 197 6.49 -21.71 16.05
CA ALA A 197 7.35 -22.88 16.23
C ALA A 197 6.42 -24.08 15.95
N GLY A 198 6.45 -24.57 14.72
CA GLY A 198 5.31 -25.31 14.23
C GLY A 198 5.30 -26.78 14.61
N TYR A 199 6.40 -27.48 14.34
CA TYR A 199 6.43 -28.92 14.60
C TYR A 199 6.77 -29.20 16.06
N GLY A 200 6.18 -30.28 16.60
CA GLY A 200 6.60 -30.84 17.87
C GLY A 200 5.57 -30.76 18.97
N GLY A 201 4.57 -29.90 18.86
CA GLY A 201 3.56 -29.84 19.90
C GLY A 201 3.96 -28.99 21.08
N TYR A 202 4.90 -28.07 20.89
CA TYR A 202 5.45 -27.33 22.03
C TYR A 202 4.46 -26.34 22.63
N GLY A 203 3.39 -25.98 21.91
CA GLY A 203 2.36 -25.18 22.54
C GLY A 203 1.69 -25.92 23.70
N ALA A 204 1.54 -27.25 23.58
CA ALA A 204 0.99 -28.06 24.67
C ALA A 204 1.95 -28.16 25.84
N VAL A 205 3.26 -28.25 25.55
CA VAL A 205 4.24 -28.22 26.62
C VAL A 205 4.12 -26.92 27.39
N MET A 206 4.09 -25.80 26.65
CA MET A 206 4.04 -24.49 27.30
C MET A 206 2.73 -24.31 28.06
N GLY A 207 1.61 -24.75 27.49
CA GLY A 207 0.35 -24.68 28.22
C GLY A 207 0.29 -25.64 29.42
N SER A 208 0.96 -26.80 29.33
CA SER A 208 1.01 -27.72 30.47
C SER A 208 1.75 -27.11 31.65
N LYS A 209 2.59 -26.11 31.41
CA LYS A 209 3.27 -25.40 32.48
C LYS A 209 2.51 -24.18 32.96
N ASN A 210 1.28 -23.98 32.50
CA ASN A 210 0.50 -22.79 32.82
C ASN A 210 1.19 -21.49 32.39
N LEU A 211 1.95 -21.52 31.28
CA LEU A 211 2.74 -20.35 30.87
C LEU A 211 2.08 -19.75 29.64
N LYS A 212 1.53 -18.53 29.77
CA LYS A 212 0.76 -17.96 28.66
C LYS A 212 1.65 -17.34 27.60
N ALA A 213 2.77 -16.74 28.02
CA ALA A 213 3.58 -15.95 27.11
C ALA A 213 4.91 -15.70 27.77
N VAL A 214 5.92 -15.41 26.95
CA VAL A 214 7.20 -14.88 27.41
C VAL A 214 7.44 -13.56 26.69
N ILE A 215 7.79 -12.52 27.45
CA ILE A 215 7.98 -11.19 26.89
C ILE A 215 9.35 -10.68 27.28
N ALA A 216 10.14 -10.23 26.30
CA ALA A 216 11.53 -9.86 26.55
C ALA A 216 11.86 -8.53 25.88
N LYS A 217 12.62 -7.70 26.59
CA LYS A 217 13.07 -6.41 26.06
C LYS A 217 14.50 -6.17 26.52
N GLY A 218 15.39 -5.91 25.59
CA GLY A 218 16.75 -5.55 25.92
C GLY A 218 17.16 -4.28 25.21
N SER A 219 18.01 -3.48 25.87
CA SER A 219 18.44 -2.25 25.21
C SER A 219 19.95 -2.08 25.17
N GLY A 220 20.71 -3.13 25.49
CA GLY A 220 22.15 -3.09 25.43
C GLY A 220 22.64 -3.52 24.08
N PRO A 221 23.95 -3.56 23.87
CA PRO A 221 24.47 -4.03 22.59
C PRO A 221 24.54 -5.56 22.57
N LEU A 222 24.63 -6.11 21.37
CA LEU A 222 24.91 -7.55 21.26
C LEU A 222 26.33 -7.81 21.76
N PRO A 223 26.66 -9.06 22.08
CA PRO A 223 28.03 -9.37 22.49
C PRO A 223 29.06 -8.91 21.45
N GLU A 224 30.28 -8.66 21.92
CA GLU A 224 31.38 -8.33 21.03
C GLU A 224 31.60 -9.45 20.00
N VAL A 225 32.07 -9.07 18.81
CA VAL A 225 32.37 -10.07 17.80
C VAL A 225 33.88 -10.15 17.63
N TYR A 226 34.33 -11.35 17.26
CA TYR A 226 35.76 -11.61 17.14
C TYR A 226 36.38 -10.80 16.00
N ASP A 227 35.78 -10.81 14.82
CA ASP A 227 36.38 -10.11 13.69
C ASP A 227 35.36 -9.16 13.03
N LYS A 228 35.27 -7.94 13.56
CA LYS A 228 34.28 -6.97 13.11
C LYS A 228 34.41 -6.69 11.62
N GLU A 229 35.62 -6.52 11.14
CA GLU A 229 35.80 -6.06 9.76
C GLU A 229 35.39 -7.14 8.77
N LYS A 230 35.76 -8.39 9.06
CA LYS A 230 35.28 -9.51 8.26
C LYS A 230 33.76 -9.61 8.30
N MET A 231 33.19 -9.49 9.51
CA MET A 231 31.74 -9.56 9.63
C MET A 231 31.05 -8.54 8.71
N LYS A 232 31.53 -7.28 8.72
CA LYS A 232 30.89 -6.26 7.88
C LYS A 232 31.02 -6.58 6.39
N VAL A 233 32.21 -7.00 5.95
CA VAL A 233 32.39 -7.34 4.54
C VAL A 233 31.42 -8.45 4.12
N LEU A 234 31.31 -9.49 4.95
CA LEU A 234 30.43 -10.60 4.63
C LEU A 234 28.97 -10.18 4.61
N LEU A 235 28.52 -9.39 5.61
CA LEU A 235 27.15 -8.88 5.65
C LEU A 235 26.77 -8.14 4.38
N ARG A 236 27.63 -7.21 3.94
CA ARG A 236 27.37 -6.49 2.70
C ARG A 236 27.24 -7.46 1.53
N GLU A 237 28.09 -8.48 1.49
CA GLU A 237 28.05 -9.48 0.44
C GLU A 237 26.72 -10.25 0.47
N PHE A 238 26.29 -10.66 1.67
CA PHE A 238 25.07 -11.46 1.82
C PHE A 238 23.82 -10.66 1.44
N TRP A 239 23.71 -9.42 1.94
CA TRP A 239 22.59 -8.55 1.58
C TRP A 239 22.45 -8.48 0.06
N LYS A 240 23.55 -8.20 -0.63
CA LYS A 240 23.48 -8.03 -2.07
C LYS A 240 22.98 -9.30 -2.78
N GLU A 241 23.47 -10.49 -2.36
CA GLU A 241 22.94 -11.73 -2.92
C GLU A 241 21.46 -11.91 -2.62
N LEU A 242 21.07 -11.61 -1.37
CA LEU A 242 19.70 -11.91 -0.96
C LEU A 242 18.70 -10.96 -1.62
N PHE A 243 19.12 -9.72 -1.92
CA PHE A 243 18.24 -8.78 -2.58
C PHE A 243 17.81 -9.28 -3.96
N SER A 244 18.64 -10.08 -4.62
CA SER A 244 18.39 -10.49 -5.99
C SER A 244 17.39 -11.63 -6.13
N MET A 245 16.91 -12.24 -5.04
CA MET A 245 15.89 -13.31 -5.16
C MET A 245 14.49 -12.75 -5.46
N THR A 246 14.32 -12.25 -6.69
CA THR A 246 13.15 -11.42 -7.00
C THR A 246 11.83 -12.09 -6.67
N THR A 247 11.55 -13.30 -7.21
CA THR A 247 10.21 -13.85 -7.02
C THR A 247 9.98 -14.27 -5.58
N PHE A 248 11.01 -14.73 -4.86
CA PHE A 248 10.78 -15.09 -3.46
C PHE A 248 10.46 -13.85 -2.61
N ARG A 249 11.11 -12.71 -2.88
CA ARG A 249 10.79 -11.50 -2.12
C ARG A 249 9.38 -11.00 -2.43
N GLU A 250 8.93 -11.18 -3.69
CA GLU A 250 7.61 -10.69 -4.09
C GLU A 250 6.50 -11.61 -3.62
N TRP A 251 6.74 -12.93 -3.62
CA TRP A 251 5.66 -13.90 -3.38
C TRP A 251 5.87 -14.79 -2.15
N GLY A 252 7.08 -14.86 -1.59
CA GLY A 252 7.35 -15.79 -0.49
C GLY A 252 7.04 -17.20 -0.91
N THR A 253 6.44 -17.97 0.00
CA THR A 253 5.98 -19.31 -0.32
C THR A 253 4.57 -19.32 -0.92
N GLY A 254 4.03 -18.14 -1.25
CA GLY A 254 2.63 -18.04 -1.65
C GLY A 254 2.31 -18.67 -2.99
N ALA A 255 3.30 -18.89 -3.83
CA ALA A 255 3.06 -19.57 -5.10
C ALA A 255 3.00 -21.08 -4.90
N GLY A 256 3.27 -21.59 -3.69
CA GLY A 256 3.34 -23.02 -3.51
C GLY A 256 2.00 -23.70 -3.68
N GLY A 257 0.92 -23.03 -3.29
CA GLY A 257 -0.37 -23.70 -3.24
C GLY A 257 -0.76 -24.25 -4.60
N TYR A 258 -0.48 -23.48 -5.66
CA TYR A 258 -0.62 -23.93 -7.05
C TYR A 258 0.59 -24.77 -7.49
N SER A 259 1.81 -24.26 -7.28
CA SER A 259 2.99 -24.82 -7.92
C SER A 259 3.29 -26.25 -7.47
N VAL A 260 3.19 -26.53 -6.17
CA VAL A 260 3.67 -27.83 -5.70
C VAL A 260 2.78 -28.92 -6.24
N GLY A 261 1.46 -28.71 -6.22
CA GLY A 261 0.56 -29.70 -6.78
C GLY A 261 0.67 -29.78 -8.29
N HIS A 262 0.60 -28.63 -8.96
CA HIS A 262 0.50 -28.67 -10.42
C HIS A 262 1.84 -29.06 -11.06
N ASP A 263 2.94 -28.50 -10.57
CA ASP A 263 4.25 -28.69 -11.20
C ASP A 263 4.99 -29.89 -10.66
N ARG A 264 4.84 -30.21 -9.38
CA ARG A 264 5.63 -31.28 -8.80
C ARG A 264 4.80 -32.49 -8.41
N SER A 265 3.48 -32.39 -8.46
CA SER A 265 2.60 -33.49 -8.12
C SER A 265 2.93 -34.07 -6.74
N SER A 266 3.18 -33.18 -5.78
CA SER A 266 3.61 -33.63 -4.46
C SER A 266 2.89 -32.88 -3.35
N GLU A 267 1.67 -32.41 -3.63
CA GLU A 267 0.88 -31.64 -2.68
C GLU A 267 -0.25 -32.49 -2.11
N PRO A 268 -0.46 -32.55 -0.80
CA PRO A 268 -1.58 -33.34 -0.26
C PRO A 268 -2.92 -32.82 -0.73
N ILE A 269 -3.71 -33.71 -1.35
CA ILE A 269 -5.06 -33.37 -1.78
C ILE A 269 -6.01 -34.43 -1.20
N ARG A 270 -6.94 -33.98 -0.35
CA ARG A 270 -7.90 -34.84 0.36
C ARG A 270 -7.18 -35.97 1.13
N ASN A 271 -6.41 -35.57 2.13
CA ASN A 271 -5.60 -36.50 2.94
C ASN A 271 -4.69 -37.34 2.07
N TRP A 272 -4.04 -36.71 1.10
CA TRP A 272 -3.02 -37.34 0.27
C TRP A 272 -3.60 -38.37 -0.71
N GLN A 273 -4.93 -38.44 -0.84
CA GLN A 273 -5.50 -39.37 -1.82
C GLN A 273 -5.10 -38.99 -3.25
N GLU A 274 -4.83 -37.71 -3.51
CA GLU A 274 -4.12 -37.28 -4.71
C GLU A 274 -2.99 -36.32 -4.34
N GLU A 275 -2.09 -36.08 -5.30
CA GLU A 275 -1.00 -35.14 -5.08
C GLU A 275 -0.86 -34.14 -6.22
N TYR A 276 -1.74 -34.21 -7.23
CA TYR A 276 -1.71 -33.30 -8.37
C TYR A 276 -3.04 -32.56 -8.47
N HIS A 277 -2.97 -31.30 -8.88
CA HIS A 277 -4.20 -30.61 -9.25
C HIS A 277 -3.87 -29.59 -10.31
N ASP A 278 -4.93 -29.07 -10.88
CA ASP A 278 -4.83 -28.15 -12.00
C ASP A 278 -5.62 -26.86 -11.72
N ASN A 279 -5.89 -26.55 -10.46
CA ASN A 279 -6.90 -25.57 -10.11
C ASN A 279 -6.26 -24.19 -9.90
N GLU A 280 -6.55 -23.23 -10.77
CA GLU A 280 -5.86 -21.94 -10.72
C GLU A 280 -6.44 -20.99 -9.69
N GLU A 281 -7.59 -21.27 -9.07
CA GLU A 281 -8.09 -20.36 -8.04
C GLU A 281 -7.05 -20.13 -6.95
N ILE A 282 -6.24 -21.14 -6.64
CA ILE A 282 -5.33 -21.03 -5.51
C ILE A 282 -4.02 -20.35 -5.90
N SER A 283 -3.89 -19.89 -7.14
CA SER A 283 -2.66 -19.22 -7.56
C SER A 283 -2.43 -17.95 -6.74
N VAL A 284 -1.13 -17.65 -6.52
CA VAL A 284 -0.73 -16.46 -5.77
C VAL A 284 -1.37 -15.18 -6.36
N VAL A 285 -1.69 -15.18 -7.66
CA VAL A 285 -2.25 -13.95 -8.26
C VAL A 285 -3.57 -13.61 -7.60
N ASN A 286 -4.33 -14.64 -7.22
CA ASN A 286 -5.61 -14.41 -6.56
C ASN A 286 -5.46 -14.12 -5.06
N PHE A 287 -4.50 -14.77 -4.37
CA PHE A 287 -4.21 -14.35 -3.00
C PHE A 287 -3.80 -12.87 -2.96
N GLU A 288 -2.97 -12.44 -3.92
CA GLU A 288 -2.53 -11.07 -3.92
C GLU A 288 -3.69 -10.11 -4.16
N ASN A 289 -4.43 -10.30 -5.26
CA ASN A 289 -5.46 -9.31 -5.58
C ASN A 289 -6.65 -9.39 -4.63
N ARG A 290 -6.99 -10.56 -4.12
CA ARG A 290 -8.17 -10.66 -3.27
C ARG A 290 -7.90 -10.42 -1.78
N THR A 291 -6.68 -10.66 -1.29
CA THR A 291 -6.50 -10.65 0.16
C THR A 291 -5.28 -9.89 0.69
N TRP A 292 -4.24 -9.63 -0.09
CA TRP A 292 -3.01 -9.13 0.53
C TRP A 292 -3.11 -7.64 0.83
N ILE A 293 -2.95 -7.27 2.09
CA ILE A 293 -2.92 -5.85 2.46
C ILE A 293 -1.52 -5.35 2.78
N LYS A 294 -0.53 -6.24 2.87
CA LYS A 294 0.88 -5.87 3.02
C LYS A 294 1.71 -6.84 2.21
N LYS A 295 2.37 -6.37 1.15
CA LYS A 295 3.09 -7.30 0.29
C LYS A 295 4.52 -7.57 0.74
N TYR A 296 5.15 -6.65 1.48
CA TYR A 296 6.55 -6.82 1.89
C TYR A 296 6.57 -6.67 3.40
N TRP A 297 6.74 -7.76 4.11
CA TRP A 297 6.85 -7.73 5.57
C TRP A 297 8.07 -8.56 5.95
N ALA A 298 8.80 -8.11 6.99
CA ALA A 298 10.09 -8.71 7.27
C ALA A 298 10.33 -8.80 8.78
N ASP A 299 11.22 -9.70 9.16
CA ASP A 299 11.71 -9.83 10.52
C ASP A 299 13.03 -9.10 10.65
N TYR A 300 13.61 -9.08 11.87
CA TYR A 300 14.70 -8.15 12.17
C TYR A 300 15.89 -8.38 11.22
N GLY A 301 16.36 -7.30 10.60
CA GLY A 301 17.56 -7.39 9.78
C GLY A 301 17.43 -8.27 8.55
N CYS A 302 16.21 -8.43 8.01
CA CYS A 302 16.03 -9.36 6.89
C CYS A 302 15.93 -8.65 5.56
N PRO A 303 16.87 -8.89 4.64
CA PRO A 303 16.77 -8.31 3.30
C PRO A 303 15.84 -9.07 2.35
N VAL A 304 15.25 -10.20 2.78
CA VAL A 304 14.40 -11.01 1.88
C VAL A 304 12.94 -10.56 1.95
N ASN A 305 12.44 -10.26 3.15
CA ASN A 305 11.04 -9.83 3.35
C ASN A 305 10.06 -10.79 2.64
N CYS A 306 10.20 -12.08 2.95
CA CYS A 306 9.34 -13.10 2.35
C CYS A 306 7.91 -13.06 2.88
N MET A 307 7.64 -12.36 3.99
CA MET A 307 6.31 -12.42 4.59
C MET A 307 5.33 -11.44 3.91
N LYS A 308 4.04 -11.75 4.04
CA LYS A 308 2.91 -10.98 3.52
C LYS A 308 1.82 -11.03 4.58
N ILE A 309 0.86 -10.11 4.51
CA ILE A 309 -0.30 -10.14 5.39
C ILE A 309 -1.55 -10.15 4.54
N SER A 310 -2.40 -11.18 4.75
CA SER A 310 -3.67 -11.31 4.06
C SER A 310 -4.76 -10.90 5.05
N TYR A 311 -5.81 -10.25 4.55
CA TYR A 311 -6.85 -9.77 5.45
C TYR A 311 -8.17 -9.68 4.69
N LEU A 312 -9.24 -10.18 5.30
CA LEU A 312 -10.55 -10.19 4.64
C LEU A 312 -11.40 -9.04 5.16
N ARG A 313 -11.82 -8.15 4.26
CA ARG A 313 -12.77 -7.09 4.59
C ARG A 313 -14.19 -7.40 4.13
N TYR A 314 -14.42 -8.57 3.54
CA TYR A 314 -15.70 -8.89 2.93
C TYR A 314 -16.03 -10.34 3.23
N GLY A 315 -17.30 -10.69 2.99
CA GLY A 315 -17.73 -12.06 3.08
C GLY A 315 -17.98 -12.51 4.52
N PRO A 316 -18.40 -13.76 4.68
CA PRO A 316 -18.73 -14.25 6.02
C PRO A 316 -17.55 -14.32 6.94
N TYR A 317 -16.33 -14.35 6.41
CA TYR A 317 -15.14 -14.48 7.26
C TYR A 317 -14.37 -13.17 7.38
N LYS A 318 -15.02 -12.03 7.11
CA LYS A 318 -14.32 -10.76 7.24
C LYS A 318 -13.78 -10.56 8.65
N GLY A 319 -12.63 -9.91 8.75
CA GLY A 319 -11.85 -9.92 9.96
C GLY A 319 -10.75 -10.97 10.05
N SER A 320 -10.77 -12.01 9.19
CA SER A 320 -9.70 -13.02 9.27
C SER A 320 -8.39 -12.44 8.78
N ILE A 321 -7.30 -12.76 9.47
CA ILE A 321 -5.98 -12.24 9.13
C ILE A 321 -4.95 -13.37 9.18
N SER A 322 -4.10 -13.44 8.16
CA SER A 322 -3.06 -14.45 8.10
C SER A 322 -1.90 -13.94 7.25
N ASP A 323 -1.00 -14.84 6.81
CA ASP A 323 0.13 -14.38 6.04
C ASP A 323 -0.15 -14.67 4.57
N ALA A 324 0.78 -15.24 3.81
CA ALA A 324 0.57 -15.30 2.35
C ALA A 324 -0.73 -16.01 1.94
N PRO A 325 -1.24 -17.02 2.66
CA PRO A 325 -0.74 -17.77 3.82
C PRO A 325 0.48 -18.61 3.42
N ASP A 326 1.33 -19.04 4.38
CA ASP A 326 2.45 -19.91 4.05
C ASP A 326 1.97 -21.08 3.20
N TYR A 327 2.87 -21.60 2.34
CA TYR A 327 2.46 -22.70 1.48
C TYR A 327 1.91 -23.88 2.30
N GLU A 328 2.53 -24.21 3.44
CA GLU A 328 2.08 -25.39 4.20
C GLU A 328 0.64 -25.22 4.67
N LEU A 329 0.21 -23.99 4.96
CA LEU A 329 -1.19 -23.73 5.30
C LEU A 329 -2.10 -23.75 4.06
N GLN A 330 -1.61 -23.24 2.93
CA GLN A 330 -2.38 -23.34 1.68
C GLN A 330 -2.67 -24.81 1.34
N ALA A 331 -1.71 -25.69 1.64
CA ALA A 331 -1.90 -27.12 1.39
C ALA A 331 -2.71 -27.76 2.52
N TYR A 332 -2.21 -27.69 3.76
CA TYR A 332 -2.84 -28.51 4.78
C TYR A 332 -4.15 -27.95 5.32
N MET A 333 -4.35 -26.62 5.33
CA MET A 333 -5.66 -26.07 5.62
C MET A 333 -6.44 -25.74 4.35
N GLY A 334 -5.95 -26.19 3.19
CA GLY A 334 -6.58 -25.89 1.92
C GLY A 334 -6.75 -27.12 1.05
N THR A 335 -5.81 -27.37 0.14
CA THR A 335 -6.00 -28.47 -0.78
C THR A 335 -6.15 -29.82 -0.05
N ASN A 336 -5.47 -29.99 1.07
CA ASN A 336 -5.63 -31.24 1.82
C ASN A 336 -7.08 -31.47 2.25
N LEU A 337 -7.86 -30.40 2.37
CA LEU A 337 -9.25 -30.46 2.79
C LEU A 337 -10.19 -30.30 1.61
N GLY A 338 -9.67 -30.35 0.39
CA GLY A 338 -10.49 -30.14 -0.78
C GLY A 338 -10.87 -28.68 -0.99
N ILE A 339 -10.13 -27.73 -0.41
CA ILE A 339 -10.47 -26.30 -0.47
C ILE A 339 -9.42 -25.57 -1.29
N PHE A 340 -9.87 -24.82 -2.31
CA PHE A 340 -8.95 -24.12 -3.18
C PHE A 340 -9.17 -22.60 -3.23
N GLU A 341 -10.13 -22.10 -2.55
CA GLU A 341 -10.32 -20.67 -2.83
C GLU A 341 -9.64 -19.81 -1.77
N PRO A 342 -8.88 -18.77 -2.16
CA PRO A 342 -8.15 -17.95 -1.16
C PRO A 342 -8.97 -17.49 0.04
N GLU A 343 -10.20 -16.99 -0.16
CA GLU A 343 -10.99 -16.51 0.96
C GLU A 343 -11.13 -17.57 2.06
N LYS A 344 -11.45 -18.81 1.66
CA LYS A 344 -11.64 -19.88 2.63
C LYS A 344 -10.33 -20.28 3.29
N ILE A 345 -9.24 -20.30 2.51
CA ILE A 345 -7.93 -20.67 3.05
C ILE A 345 -7.44 -19.62 4.03
N VAL A 346 -7.67 -18.33 3.74
CA VAL A 346 -7.26 -17.30 4.68
C VAL A 346 -8.08 -17.41 5.97
N TYR A 347 -9.37 -17.73 5.84
CA TYR A 347 -10.19 -17.98 7.01
C TYR A 347 -9.62 -19.12 7.88
N LEU A 348 -9.36 -20.29 7.27
CA LEU A 348 -8.93 -21.44 8.08
C LEU A 348 -7.52 -21.24 8.66
N SER A 349 -6.65 -20.57 7.90
CA SER A 349 -5.31 -20.22 8.40
C SER A 349 -5.41 -19.29 9.60
N TYR A 350 -6.26 -18.28 9.50
CA TYR A 350 -6.52 -17.37 10.61
C TYR A 350 -6.93 -18.15 11.85
N LEU A 351 -7.83 -19.13 11.70
CA LEU A 351 -8.34 -19.86 12.85
C LEU A 351 -7.22 -20.64 13.55
N VAL A 352 -6.39 -21.36 12.79
CA VAL A 352 -5.35 -22.12 13.46
C VAL A 352 -4.30 -21.19 14.07
N ASP A 353 -4.01 -20.05 13.40
CA ASP A 353 -3.13 -19.06 14.00
C ASP A 353 -3.71 -18.51 15.31
N GLU A 354 -5.00 -18.11 15.30
CA GLU A 354 -5.59 -17.54 16.50
C GLU A 354 -5.66 -18.56 17.63
N LEU A 355 -5.95 -19.83 17.31
CA LEU A 355 -6.04 -20.89 18.31
C LEU A 355 -4.67 -21.41 18.74
N GLY A 356 -3.59 -20.97 18.10
CA GLY A 356 -2.27 -21.48 18.45
C GLY A 356 -2.06 -22.96 18.10
N LEU A 357 -2.56 -23.39 16.95
CA LEU A 357 -2.42 -24.78 16.52
C LEU A 357 -1.49 -24.86 15.31
N ASP A 358 -0.56 -25.82 15.33
CA ASP A 358 0.25 -26.06 14.13
C ASP A 358 -0.65 -26.37 12.94
N GLY A 359 -0.55 -25.54 11.88
CA GLY A 359 -1.39 -25.74 10.70
C GLY A 359 -1.15 -27.08 10.00
N ILE A 360 0.07 -27.61 10.10
CA ILE A 360 0.42 -28.87 9.44
C ILE A 360 -0.24 -30.06 10.15
N ASN A 361 0.01 -30.23 11.44
CA ASN A 361 -0.59 -31.36 12.12
C ASN A 361 -2.09 -31.16 12.36
N THR A 362 -2.58 -29.91 12.35
CA THR A 362 -4.02 -29.70 12.40
C THR A 362 -4.66 -30.09 11.09
N GLY A 363 -4.13 -29.60 9.97
CA GLY A 363 -4.73 -29.94 8.70
C GLY A 363 -4.71 -31.45 8.47
N ASN A 364 -3.66 -32.10 8.97
CA ASN A 364 -3.52 -33.55 8.82
C ASN A 364 -4.65 -34.30 9.52
N ILE A 365 -4.91 -33.95 10.78
CA ILE A 365 -5.99 -34.59 11.52
C ILE A 365 -7.36 -34.24 10.93
N LEU A 366 -7.56 -33.01 10.40
CA LEU A 366 -8.84 -32.69 9.77
C LEU A 366 -9.05 -33.50 8.51
N GLY A 367 -8.01 -33.65 7.68
CA GLY A 367 -8.18 -34.44 6.47
C GLY A 367 -8.37 -35.91 6.76
N PHE A 368 -7.66 -36.42 7.78
CA PHE A 368 -7.86 -37.78 8.29
C PHE A 368 -9.33 -38.01 8.65
N ALA A 369 -9.89 -37.13 9.49
CA ALA A 369 -11.30 -37.25 9.88
C ALA A 369 -12.22 -37.18 8.67
N ALA A 370 -11.92 -36.29 7.70
CA ALA A 370 -12.76 -36.20 6.52
C ALA A 370 -12.65 -37.46 5.66
N GLU A 371 -11.49 -38.11 5.61
CA GLU A 371 -11.47 -39.36 4.86
C GLU A 371 -12.23 -40.45 5.61
N LEU A 372 -12.10 -40.49 6.93
CA LEU A 372 -12.91 -41.43 7.70
C LEU A 372 -14.38 -41.19 7.47
N TYR A 373 -14.81 -39.93 7.39
CA TYR A 373 -16.20 -39.64 7.05
C TYR A 373 -16.55 -40.09 5.64
N GLN A 374 -15.67 -39.82 4.68
CA GLN A 374 -15.91 -40.26 3.33
C GLN A 374 -16.15 -41.77 3.29
N ARG A 375 -15.38 -42.52 4.06
CA ARG A 375 -15.40 -43.98 3.97
C ARG A 375 -16.47 -44.62 4.85
N GLY A 376 -17.26 -43.82 5.56
CA GLY A 376 -18.30 -44.33 6.43
C GLY A 376 -17.83 -44.74 7.79
N ILE A 377 -16.54 -44.58 8.07
CA ILE A 377 -15.98 -45.02 9.35
C ILE A 377 -16.37 -44.05 10.47
N LEU A 378 -16.28 -42.73 10.21
CA LEU A 378 -16.86 -41.74 11.11
C LEU A 378 -18.23 -41.37 10.55
N THR A 379 -19.26 -41.52 11.37
CA THR A 379 -20.60 -41.24 10.89
C THR A 379 -20.96 -39.81 11.26
N LYS A 380 -22.05 -39.34 10.64
CA LYS A 380 -22.63 -38.05 11.00
C LYS A 380 -22.95 -38.00 12.49
N GLU A 381 -23.46 -39.09 13.06
CA GLU A 381 -23.77 -39.07 14.48
C GLU A 381 -22.51 -39.07 15.33
N ASP A 382 -21.42 -39.73 14.88
CA ASP A 382 -20.15 -39.64 15.62
C ASP A 382 -19.67 -38.20 15.72
N LEU A 383 -19.82 -37.43 14.63
CA LEU A 383 -19.34 -36.06 14.55
C LEU A 383 -20.34 -35.05 15.08
N GLY A 384 -21.63 -35.24 14.80
CA GLY A 384 -22.64 -34.24 15.12
C GLY A 384 -23.08 -33.44 13.94
N PHE A 385 -22.55 -33.71 12.76
CA PHE A 385 -22.68 -32.92 11.54
C PHE A 385 -21.89 -33.64 10.47
N GLU A 386 -22.14 -33.28 9.21
CA GLU A 386 -21.46 -33.86 8.07
C GLU A 386 -20.11 -33.18 7.81
N LEU A 387 -19.11 -33.95 7.39
CA LEU A 387 -17.76 -33.43 7.14
C LEU A 387 -17.39 -33.68 5.68
N ASN A 388 -17.95 -32.89 4.78
CA ASN A 388 -17.65 -33.06 3.36
C ASN A 388 -16.40 -32.29 2.97
N TRP A 389 -15.65 -32.86 2.01
CA TRP A 389 -14.54 -32.13 1.41
C TRP A 389 -15.04 -30.77 0.91
N GLY A 390 -14.22 -29.74 1.12
CA GLY A 390 -14.51 -28.41 0.59
C GLY A 390 -15.37 -27.53 1.49
N ASP A 391 -15.94 -28.10 2.56
CA ASP A 391 -16.86 -27.36 3.42
C ASP A 391 -16.06 -26.74 4.56
N GLU A 392 -15.65 -25.47 4.38
CA GLU A 392 -14.85 -24.83 5.41
C GLU A 392 -15.64 -24.62 6.70
N LYS A 393 -16.97 -24.48 6.61
CA LYS A 393 -17.75 -24.34 7.83
C LYS A 393 -17.68 -25.62 8.68
N ALA A 394 -17.72 -26.79 8.04
CA ALA A 394 -17.67 -28.03 8.83
C ALA A 394 -16.29 -28.22 9.45
N PHE A 395 -15.24 -27.92 8.70
CA PHE A 395 -13.90 -27.99 9.28
C PHE A 395 -13.73 -27.01 10.44
N ALA A 396 -14.35 -25.83 10.37
CA ALA A 396 -14.23 -24.91 11.49
C ALA A 396 -14.95 -25.44 12.73
N LYS A 397 -16.11 -26.09 12.55
CA LYS A 397 -16.79 -26.74 13.67
C LYS A 397 -15.91 -27.81 14.30
N LEU A 398 -15.26 -28.62 13.46
CA LEU A 398 -14.37 -29.65 13.97
C LEU A 398 -13.22 -29.05 14.77
N LEU A 399 -12.64 -27.94 14.28
CA LEU A 399 -11.61 -27.24 15.06
C LEU A 399 -12.11 -26.86 16.44
N HIS A 400 -13.35 -26.36 16.51
CA HIS A 400 -13.90 -26.01 17.81
C HIS A 400 -13.93 -27.23 18.72
N LEU A 401 -14.51 -28.34 18.24
CA LEU A 401 -14.56 -29.57 19.04
C LEU A 401 -13.17 -29.99 19.53
N ILE A 402 -12.16 -29.93 18.66
CA ILE A 402 -10.82 -30.34 19.05
C ILE A 402 -10.31 -29.46 20.19
N VAL A 403 -10.42 -28.14 20.04
CA VAL A 403 -9.86 -27.26 21.07
C VAL A 403 -10.60 -27.44 22.38
N GLU A 404 -11.91 -27.65 22.32
CA GLU A 404 -12.65 -27.82 23.56
C GLU A 404 -12.58 -29.26 24.07
N LYS A 405 -11.91 -30.14 23.34
CA LYS A 405 -11.84 -31.56 23.69
C LYS A 405 -13.24 -32.11 23.94
N GLU A 406 -14.16 -31.77 23.04
CA GLU A 406 -15.57 -32.09 23.18
C GLU A 406 -15.96 -33.15 22.15
N GLY A 407 -16.73 -34.15 22.60
CA GLY A 407 -17.12 -35.23 21.71
C GLY A 407 -15.90 -35.91 21.11
N ILE A 408 -15.97 -36.17 19.80
CA ILE A 408 -14.86 -36.71 19.02
C ILE A 408 -13.62 -35.85 19.11
N GLY A 409 -13.78 -34.57 19.46
CA GLY A 409 -12.61 -33.71 19.60
C GLY A 409 -11.65 -34.16 20.69
N LYS A 410 -12.17 -34.83 21.70
CA LYS A 410 -11.28 -35.32 22.75
C LYS A 410 -10.30 -36.36 22.20
N ILE A 411 -10.74 -37.16 21.22
CA ILE A 411 -9.87 -38.17 20.62
C ILE A 411 -8.93 -37.53 19.61
N LEU A 412 -9.48 -36.68 18.74
CA LEU A 412 -8.71 -35.98 17.71
C LEU A 412 -7.67 -35.03 18.30
N ALA A 413 -7.92 -34.47 19.50
CA ALA A 413 -6.94 -33.59 20.10
C ALA A 413 -5.62 -34.29 20.41
N GLU A 414 -5.54 -35.63 20.31
CA GLU A 414 -4.31 -36.32 20.63
C GLU A 414 -3.36 -36.41 19.44
N GLY A 415 -3.80 -35.98 18.26
CA GLY A 415 -2.96 -36.04 17.08
C GLY A 415 -3.25 -37.27 16.24
N THR A 416 -2.81 -37.23 14.99
CA THR A 416 -3.24 -38.22 14.02
C THR A 416 -2.83 -39.62 14.46
N TYR A 417 -1.58 -39.78 14.90
CA TYR A 417 -1.09 -41.11 15.25
C TYR A 417 -1.91 -41.72 16.38
N ARG A 418 -1.95 -41.04 17.53
CA ARG A 418 -2.67 -41.58 18.68
C ARG A 418 -4.16 -41.69 18.39
N ALA A 419 -4.72 -40.77 17.60
CA ALA A 419 -6.16 -40.84 17.32
C ALA A 419 -6.47 -42.02 16.42
N ALA A 420 -5.61 -42.30 15.45
CA ALA A 420 -5.79 -43.49 14.61
C ALA A 420 -5.76 -44.78 15.44
N LEU A 421 -4.84 -44.88 16.42
CA LEU A 421 -4.84 -46.06 17.29
C LEU A 421 -6.17 -46.18 18.01
N LYS A 422 -6.66 -45.07 18.58
CA LYS A 422 -7.88 -45.12 19.39
C LYS A 422 -9.09 -45.48 18.55
N ILE A 423 -9.23 -44.86 17.37
CA ILE A 423 -10.39 -45.14 16.54
C ILE A 423 -10.30 -46.57 15.98
N SER A 424 -9.10 -47.08 15.76
CA SER A 424 -8.96 -48.47 15.33
C SER A 424 -9.51 -49.41 16.41
N GLU A 425 -9.11 -49.18 17.66
CA GLU A 425 -9.59 -50.00 18.76
CA GLU A 425 -9.58 -50.00 18.77
C GLU A 425 -11.10 -49.89 18.93
N ILE A 426 -11.64 -48.67 18.77
CA ILE A 426 -13.06 -48.45 18.99
C ILE A 426 -13.89 -49.08 17.88
N LYS A 427 -13.46 -48.91 16.62
CA LYS A 427 -14.28 -49.35 15.49
C LYS A 427 -13.98 -50.77 15.03
N GLY A 428 -12.93 -51.40 15.55
CA GLY A 428 -12.47 -52.68 15.01
C GLY A 428 -12.08 -52.62 13.55
N ILE A 429 -11.55 -51.48 13.10
CA ILE A 429 -11.11 -51.27 11.73
C ILE A 429 -9.73 -50.66 11.80
N ASP A 430 -8.82 -51.12 10.95
CA ASP A 430 -7.49 -50.50 10.92
C ASP A 430 -7.60 -49.20 10.12
N VAL A 431 -7.63 -48.07 10.81
CA VAL A 431 -7.56 -46.78 10.14
C VAL A 431 -6.15 -46.18 10.16
N THR A 432 -5.19 -46.83 10.82
CA THR A 432 -3.82 -46.33 10.68
C THR A 432 -3.37 -46.33 9.22
N LYS A 433 -4.02 -47.11 8.35
CA LYS A 433 -3.63 -47.07 6.94
C LYS A 433 -3.95 -45.73 6.29
N TYR A 434 -4.78 -44.90 6.94
CA TYR A 434 -5.12 -43.57 6.41
C TYR A 434 -4.36 -42.46 7.11
N ALA A 435 -3.54 -42.79 8.11
CA ALA A 435 -2.86 -41.79 8.93
C ALA A 435 -1.51 -41.48 8.29
N VAL A 436 -1.30 -40.23 7.88
CA VAL A 436 -0.09 -39.92 7.13
C VAL A 436 0.90 -39.18 8.02
N HIS A 437 1.73 -39.96 8.72
CA HIS A 437 2.69 -39.49 9.73
C HIS A 437 3.95 -40.34 9.62
N VAL A 438 5.06 -39.82 10.17
CA VAL A 438 6.22 -40.64 10.51
C VAL A 438 6.62 -40.28 11.93
N LYS A 439 6.79 -41.31 12.77
CA LYS A 439 7.17 -41.17 14.18
C LYS A 439 6.20 -40.25 14.92
N GLY A 440 4.92 -40.30 14.54
CA GLY A 440 3.91 -39.58 15.28
C GLY A 440 3.78 -38.13 14.88
N ILE A 441 4.59 -37.67 13.93
CA ILE A 441 4.56 -36.28 13.46
C ILE A 441 4.05 -36.31 12.02
N ALA A 442 2.99 -35.54 11.77
CA ALA A 442 2.38 -35.51 10.43
C ALA A 442 3.42 -35.19 9.37
N VAL A 443 3.31 -35.83 8.20
CA VAL A 443 4.23 -35.54 7.11
C VAL A 443 3.94 -34.15 6.55
N GLY A 444 4.97 -33.31 6.45
CA GLY A 444 4.81 -32.00 5.82
C GLY A 444 4.33 -32.13 4.38
N ALA A 445 3.88 -31.00 3.79
CA ALA A 445 3.19 -31.03 2.51
C ALA A 445 4.12 -31.17 1.30
N HIS A 446 5.01 -32.14 1.33
CA HIS A 446 5.89 -32.45 0.21
C HIS A 446 5.97 -33.97 0.11
N GLY A 447 5.30 -34.54 -0.89
CA GLY A 447 5.26 -35.98 -1.05
C GLY A 447 6.53 -36.52 -1.66
N ILE A 448 6.66 -37.86 -1.62
CA ILE A 448 7.80 -38.55 -2.21
C ILE A 448 7.46 -39.32 -3.49
N ARG A 449 6.18 -39.50 -3.82
CA ARG A 449 5.86 -40.43 -4.89
C ARG A 449 6.33 -39.93 -6.24
N SER A 450 6.12 -38.64 -6.53
CA SER A 450 6.43 -38.18 -7.88
C SER A 450 7.93 -38.12 -8.12
N GLU A 451 8.71 -37.91 -7.06
CA GLU A 451 10.14 -37.60 -7.16
C GLU A 451 10.42 -36.37 -8.01
N LEU A 452 9.46 -35.45 -8.10
CA LEU A 452 9.72 -34.13 -8.66
C LEU A 452 9.93 -33.06 -7.60
N ASP A 453 9.74 -33.37 -6.33
CA ASP A 453 10.01 -32.44 -5.25
C ASP A 453 11.36 -32.76 -4.60
N TYR A 454 11.77 -31.96 -3.61
CA TYR A 454 13.05 -32.25 -2.95
C TYR A 454 12.96 -33.47 -2.03
N THR A 455 11.78 -33.89 -1.61
CA THR A 455 11.63 -35.06 -0.76
C THR A 455 11.54 -36.32 -1.63
N LYS A 456 12.27 -37.36 -1.22
CA LYS A 456 12.17 -38.67 -1.87
C LYS A 456 12.50 -39.75 -0.85
N ASP A 457 12.34 -40.99 -1.31
CA ASP A 457 12.56 -42.23 -0.58
C ASP A 457 12.69 -42.12 0.94
N ILE A 458 13.89 -41.84 1.47
CA ILE A 458 14.09 -41.93 2.91
C ILE A 458 14.01 -40.57 3.61
N SER A 459 13.53 -39.52 2.94
CA SER A 459 13.57 -38.16 3.51
C SER A 459 12.96 -38.12 4.90
N TYR A 460 11.75 -38.67 5.05
CA TYR A 460 11.13 -38.71 6.36
C TYR A 460 11.47 -39.99 7.14
N ALA A 461 11.69 -41.09 6.42
CA ALA A 461 11.73 -42.43 7.03
C ALA A 461 12.74 -42.52 8.17
N VAL A 462 13.93 -41.95 8.00
CA VAL A 462 15.00 -42.08 9.01
C VAL A 462 15.24 -40.80 9.81
N SER A 463 14.50 -39.72 9.54
CA SER A 463 14.78 -38.45 10.20
C SER A 463 14.48 -38.52 11.69
N VAL A 464 15.36 -37.92 12.50
CA VAL A 464 15.11 -37.84 13.93
C VAL A 464 13.94 -36.91 14.27
N GLN A 465 13.38 -36.20 13.27
CA GLN A 465 12.20 -35.35 13.49
C GLN A 465 11.00 -35.83 12.67
N GLY A 466 11.01 -37.11 12.27
CA GLY A 466 9.83 -37.74 11.71
C GLY A 466 9.30 -37.07 10.44
N GLY A 467 8.00 -36.81 10.42
CA GLY A 467 7.41 -36.15 9.24
C GLY A 467 7.80 -34.69 9.02
N ASP A 468 8.64 -34.11 9.89
CA ASP A 468 9.07 -32.72 9.73
C ASP A 468 9.76 -32.46 8.39
N HIS A 469 9.03 -31.92 7.40
CA HIS A 469 9.65 -31.64 6.11
C HIS A 469 10.75 -30.58 6.20
N THR A 470 10.88 -29.82 7.29
CA THR A 470 11.95 -28.83 7.38
C THR A 470 13.26 -29.41 7.94
N SER A 471 13.35 -30.72 8.11
CA SER A 471 14.58 -31.32 8.61
C SER A 471 14.64 -32.76 8.09
N THR A 472 14.63 -32.92 6.77
CA THR A 472 14.61 -34.25 6.20
C THR A 472 16.02 -34.82 6.05
N ALA A 473 16.10 -36.15 5.96
CA ALA A 473 17.36 -36.81 5.74
C ALA A 473 17.65 -36.92 4.24
N ALA A 474 18.93 -37.08 3.91
CA ALA A 474 19.36 -37.20 2.52
C ALA A 474 20.32 -38.39 2.37
N LEU A 475 20.51 -38.83 1.14
CA LEU A 475 21.60 -39.73 0.78
C LEU A 475 22.46 -39.00 -0.24
N PRO A 476 23.75 -38.77 0.02
CA PRO A 476 24.54 -39.19 1.18
C PRO A 476 24.15 -38.50 2.49
N ALA A 477 24.38 -39.16 3.62
CA ALA A 477 23.87 -38.65 4.88
C ALA A 477 24.53 -37.34 5.27
N LYS A 478 25.85 -37.23 5.09
CA LYS A 478 26.54 -35.95 5.21
C LYS A 478 26.30 -35.17 3.92
N GLY A 479 27.01 -34.09 3.70
CA GLY A 479 26.50 -33.56 2.43
C GLY A 479 25.36 -32.59 2.63
N TYR A 480 25.33 -31.59 1.76
CA TYR A 480 24.89 -30.27 2.19
C TYR A 480 23.38 -30.14 2.26
N THR A 481 22.67 -31.10 1.71
CA THR A 481 21.24 -31.25 1.95
C THR A 481 21.12 -32.36 2.99
N GLY A 482 20.14 -32.29 3.86
CA GLY A 482 20.02 -33.34 4.84
C GLY A 482 20.16 -32.86 6.27
N GLU A 483 20.01 -33.83 7.16
CA GLU A 483 19.81 -33.59 8.58
C GLU A 483 20.95 -32.79 9.19
N LEU A 484 22.19 -33.09 8.81
CA LEU A 484 23.31 -32.47 9.49
C LEU A 484 23.35 -30.98 9.22
N VAL A 485 23.11 -30.58 7.97
CA VAL A 485 23.16 -29.17 7.64
C VAL A 485 21.96 -28.46 8.24
N GLU A 486 20.78 -29.10 8.24
CA GLU A 486 19.66 -28.41 8.87
C GLU A 486 19.89 -28.25 10.37
N ALA A 487 20.53 -29.24 11.00
CA ALA A 487 20.86 -29.12 12.41
C ALA A 487 21.70 -27.87 12.67
N PHE A 488 22.58 -27.53 11.73
CA PHE A 488 23.36 -26.31 11.85
C PHE A 488 22.47 -25.06 11.82
N TYR A 489 21.58 -24.93 10.82
CA TYR A 489 20.75 -23.73 10.77
C TYR A 489 19.85 -23.62 11.99
N ASP A 490 19.30 -24.74 12.45
CA ASP A 490 18.46 -24.75 13.64
C ASP A 490 19.27 -24.53 14.91
N SER A 491 20.60 -24.62 14.83
CA SER A 491 21.46 -24.31 15.98
C SER A 491 22.14 -22.96 15.88
N ALA A 492 22.10 -22.29 14.72
CA ALA A 492 23.04 -21.20 14.46
C ALA A 492 22.70 -19.89 15.20
N VAL A 493 21.43 -19.52 15.40
CA VAL A 493 20.18 -20.01 14.86
C VAL A 493 19.73 -19.02 13.76
N ILE A 494 19.58 -19.47 12.52
CA ILE A 494 19.24 -18.55 11.43
C ILE A 494 18.09 -19.11 10.60
N CYS A 495 17.52 -18.25 9.76
CA CYS A 495 16.37 -18.61 8.94
C CYS A 495 16.83 -19.33 7.69
N ASN A 496 16.24 -20.50 7.43
CA ASN A 496 16.51 -21.23 6.18
C ASN A 496 16.44 -20.34 4.96
N PHE A 497 15.46 -19.44 4.90
CA PHE A 497 15.22 -18.70 3.66
C PHE A 497 16.32 -17.68 3.39
N VAL A 498 17.27 -17.54 4.30
CA VAL A 498 18.33 -16.56 4.14
CA VAL A 498 18.33 -16.55 4.17
C VAL A 498 19.70 -17.23 3.95
N THR A 499 19.70 -18.52 3.56
CA THR A 499 20.94 -19.28 3.46
C THR A 499 21.53 -19.35 2.06
N LYS A 500 21.06 -18.52 1.12
CA LYS A 500 21.66 -18.48 -0.21
C LYS A 500 23.18 -18.41 -0.25
N PRO A 501 23.91 -17.73 0.66
CA PRO A 501 25.39 -17.75 0.56
C PRO A 501 25.98 -19.14 0.68
N GLY A 502 25.29 -20.08 1.33
CA GLY A 502 25.70 -21.46 1.34
C GLY A 502 26.33 -21.86 2.66
N PHE A 503 26.34 -23.17 2.89
CA PHE A 503 26.77 -23.73 4.17
C PHE A 503 28.17 -23.27 4.55
N GLU A 504 29.11 -23.32 3.62
CA GLU A 504 30.50 -23.02 3.97
C GLU A 504 30.68 -21.56 4.34
N LYS A 505 30.07 -20.67 3.55
CA LYS A 505 30.14 -19.25 3.84
C LYS A 505 29.51 -18.93 5.19
N ILE A 506 28.38 -19.55 5.49
CA ILE A 506 27.72 -19.21 6.74
C ILE A 506 28.56 -19.71 7.92
N ILE A 507 29.20 -20.87 7.78
CA ILE A 507 30.11 -21.34 8.83
C ILE A 507 31.26 -20.37 9.02
N GLU A 508 31.82 -19.86 7.92
CA GLU A 508 32.86 -18.85 7.97
C GLU A 508 32.38 -17.60 8.72
N PHE A 509 31.18 -17.11 8.39
CA PHE A 509 30.61 -15.98 9.11
C PHE A 509 30.55 -16.26 10.61
N GLY A 510 30.13 -17.46 11.00
CA GLY A 510 30.03 -17.79 12.41
C GLY A 510 31.38 -17.78 13.11
N ASN A 511 32.43 -18.25 12.43
CA ASN A 511 33.78 -18.15 13.00
C ASN A 511 34.19 -16.69 13.17
N ALA A 512 33.83 -15.83 12.21
CA ALA A 512 34.15 -14.41 12.31
C ALA A 512 33.49 -13.78 13.53
N LEU A 513 32.35 -14.34 13.96
CA LEU A 513 31.65 -13.79 15.12
C LEU A 513 32.24 -14.29 16.43
N SER A 514 32.46 -15.60 16.52
CA SER A 514 32.68 -16.31 17.78
C SER A 514 34.14 -16.50 18.14
N GLY A 515 35.04 -16.39 17.15
CA GLY A 515 36.42 -16.76 17.33
C GLY A 515 36.70 -18.24 17.21
N PHE A 516 35.69 -19.07 16.96
CA PHE A 516 35.92 -20.48 16.72
C PHE A 516 36.60 -20.69 15.38
N ASN A 517 36.90 -21.94 15.09
CA ASN A 517 37.48 -22.27 13.80
C ASN A 517 36.86 -23.55 13.27
N ILE A 518 35.53 -23.63 13.35
CA ILE A 518 34.83 -24.82 12.90
C ILE A 518 34.88 -24.90 11.37
N THR A 519 35.09 -26.09 10.86
CA THR A 519 35.12 -26.37 9.43
C THR A 519 33.84 -27.10 9.04
N PRO A 520 33.46 -27.06 7.77
CA PRO A 520 32.29 -27.86 7.37
C PRO A 520 32.46 -29.35 7.64
N GLU A 521 33.68 -29.90 7.45
CA GLU A 521 33.93 -31.30 7.76
C GLU A 521 33.75 -31.58 9.24
N GLN A 522 34.19 -30.66 10.07
CA GLN A 522 34.00 -30.84 11.51
C GLN A 522 32.53 -30.78 11.91
N TRP A 523 31.73 -29.90 11.25
CA TRP A 523 30.29 -29.87 11.52
C TRP A 523 29.66 -31.20 11.14
N LEU A 524 29.99 -31.71 9.96
CA LEU A 524 29.32 -32.92 9.48
C LEU A 524 29.80 -34.19 10.16
N ASN A 525 31.06 -34.25 10.61
CA ASN A 525 31.59 -35.49 11.17
C ASN A 525 31.60 -35.52 12.69
N GLU A 526 31.30 -34.40 13.34
CA GLU A 526 31.39 -34.34 14.80
C GLU A 526 30.23 -33.59 15.45
N ILE A 527 30.14 -32.28 15.19
CA ILE A 527 29.20 -31.44 15.94
C ILE A 527 27.75 -31.76 15.54
N GLY A 528 27.45 -31.65 14.25
CA GLY A 528 26.12 -32.04 13.79
C GLY A 528 25.84 -33.52 14.02
N LEU A 529 26.87 -34.36 13.83
CA LEU A 529 26.65 -35.79 14.00
C LEU A 529 26.25 -36.12 15.43
N ARG A 530 26.89 -35.48 16.41
CA ARG A 530 26.53 -35.78 17.79
C ARG A 530 25.14 -35.25 18.14
N ILE A 531 24.76 -34.09 17.59
CA ILE A 531 23.39 -33.61 17.76
C ILE A 531 22.40 -34.64 17.21
N ILE A 532 22.60 -35.09 15.97
CA ILE A 532 21.68 -36.09 15.40
C ILE A 532 21.66 -37.38 16.26
N HIS A 533 22.83 -37.82 16.74
CA HIS A 533 22.86 -39.08 17.49
C HIS A 533 22.10 -38.97 18.81
N LEU A 534 22.26 -37.86 19.52
CA LEU A 534 21.49 -37.68 20.74
C LEU A 534 19.99 -37.63 20.44
N GLN A 535 19.60 -36.94 19.35
CA GLN A 535 18.18 -36.89 19.02
C GLN A 535 17.69 -38.28 18.67
N ARG A 536 18.49 -39.03 17.92
CA ARG A 536 18.10 -40.42 17.60
C ARG A 536 17.89 -41.21 18.88
N ILE A 537 18.82 -41.08 19.83
CA ILE A 537 18.74 -41.82 21.09
C ILE A 537 17.49 -41.44 21.88
N LEU A 538 17.23 -40.15 22.04
CA LEU A 538 16.05 -39.73 22.79
C LEU A 538 14.76 -40.19 22.10
N LEU A 539 14.73 -40.13 20.77
CA LEU A 539 13.54 -40.57 20.04
C LEU A 539 13.32 -42.07 20.25
N LEU A 540 14.38 -42.88 20.22
CA LEU A 540 14.22 -44.33 20.36
C LEU A 540 13.89 -44.72 21.80
N LEU A 541 14.36 -43.95 22.78
CA LEU A 541 13.89 -44.16 24.15
C LEU A 541 12.39 -43.86 24.28
N GLY A 542 11.90 -42.81 23.62
CA GLY A 542 10.47 -42.54 23.54
C GLY A 542 9.76 -42.50 24.88
N GLY A 543 8.51 -42.99 24.87
CA GLY A 543 7.73 -43.11 26.08
C GLY A 543 7.21 -41.79 26.60
N PRO A 544 6.27 -41.84 27.56
CA PRO A 544 5.82 -43.04 28.27
C PRO A 544 4.66 -43.77 27.60
N ASP A 545 3.98 -43.11 26.66
CA ASP A 545 2.78 -43.68 26.06
C ASP A 545 3.04 -44.31 24.71
N VAL A 546 4.08 -43.90 24.02
CA VAL A 546 4.33 -44.33 22.66
C VAL A 546 5.82 -44.59 22.51
N TYR A 547 6.17 -45.75 21.93
CA TYR A 547 7.55 -46.16 21.68
C TYR A 547 7.72 -46.50 20.21
N TRP A 548 8.91 -46.26 19.68
CA TRP A 548 9.15 -46.57 18.28
C TRP A 548 10.09 -47.78 18.17
N ASP A 549 9.95 -48.54 17.09
CA ASP A 549 10.83 -49.68 16.84
C ASP A 549 11.36 -49.50 15.43
N PRO A 550 12.67 -49.27 15.27
CA PRO A 550 13.19 -48.88 13.95
C PRO A 550 12.99 -49.91 12.87
N ARG A 551 12.78 -51.18 13.22
CA ARG A 551 12.58 -52.23 12.23
C ARG A 551 11.24 -52.12 11.53
N LYS A 552 10.27 -51.40 12.10
CA LYS A 552 9.01 -51.08 11.42
C LYS A 552 8.75 -49.58 11.27
N ASP A 553 9.36 -48.74 12.10
CA ASP A 553 9.00 -47.32 12.12
C ASP A 553 9.96 -46.42 11.36
N ASP A 554 11.07 -46.95 10.86
CA ASP A 554 11.91 -46.23 9.91
C ASP A 554 11.40 -46.52 8.51
N ASP A 555 10.26 -45.88 8.17
CA ASP A 555 9.52 -46.21 6.97
C ASP A 555 8.49 -45.13 6.69
N ASN A 556 7.95 -45.17 5.50
CA ASN A 556 6.90 -44.25 5.04
C ASN A 556 5.51 -44.80 5.36
N PRO A 557 4.55 -43.91 5.56
CA PRO A 557 3.15 -44.34 5.64
C PRO A 557 2.78 -45.17 4.41
N PRO A 558 1.90 -46.16 4.58
CA PRO A 558 1.63 -47.06 3.45
C PRO A 558 1.01 -46.36 2.25
N ARG A 559 0.34 -45.22 2.46
CA ARG A 559 -0.20 -44.49 1.31
C ARG A 559 0.91 -44.05 0.36
N PHE A 560 2.13 -43.87 0.86
CA PHE A 560 3.21 -43.43 -0.02
C PHE A 560 3.73 -44.55 -0.93
N TYR A 561 3.22 -45.78 -0.78
CA TYR A 561 3.52 -46.86 -1.71
C TYR A 561 2.38 -47.11 -2.69
N GLU A 562 1.26 -46.41 -2.56
CA GLU A 562 0.21 -46.55 -3.56
C GLU A 562 0.51 -45.69 -4.78
N PRO A 563 0.32 -46.23 -5.99
CA PRO A 563 0.61 -45.43 -7.20
C PRO A 563 -0.21 -44.14 -7.25
N LEU A 564 0.43 -43.06 -7.71
CA LEU A 564 -0.27 -41.79 -7.84
C LEU A 564 -1.48 -41.97 -8.76
N PRO A 565 -2.68 -41.55 -8.33
CA PRO A 565 -3.87 -41.78 -9.17
C PRO A 565 -4.03 -40.82 -10.33
N SER A 566 -3.32 -39.68 -10.36
CA SER A 566 -3.61 -38.69 -11.39
C SER A 566 -2.37 -37.84 -11.66
N GLY A 567 -2.45 -37.06 -12.74
CA GLY A 567 -1.41 -36.13 -13.10
C GLY A 567 -0.37 -36.67 -14.05
N PRO A 568 0.65 -35.87 -14.29
CA PRO A 568 1.66 -36.23 -15.31
C PRO A 568 2.54 -37.42 -14.94
N VAL A 569 2.65 -37.80 -13.67
CA VAL A 569 3.37 -39.02 -13.33
C VAL A 569 2.42 -39.99 -12.62
N LYS A 570 1.15 -39.97 -13.03
CA LYS A 570 0.18 -41.02 -12.71
C LYS A 570 0.82 -42.39 -12.79
N GLY A 571 0.65 -43.18 -11.72
CA GLY A 571 1.17 -44.53 -11.63
C GLY A 571 2.44 -44.66 -10.81
N LYS A 572 3.08 -43.55 -10.44
CA LYS A 572 4.38 -43.62 -9.78
C LYS A 572 4.21 -43.73 -8.27
N ALA A 573 5.10 -44.51 -7.65
CA ALA A 573 5.24 -44.64 -6.21
C ALA A 573 6.50 -45.46 -5.97
N PRO A 574 7.26 -45.21 -4.92
CA PRO A 574 8.49 -46.00 -4.72
C PRO A 574 8.16 -47.43 -4.33
N ASN A 575 9.21 -48.25 -4.23
CA ASN A 575 9.09 -49.67 -3.94
C ASN A 575 9.65 -49.92 -2.55
N ARG A 576 8.89 -50.62 -1.70
CA ARG A 576 9.28 -50.71 -0.30
C ARG A 576 10.63 -51.40 -0.12
N GLU A 577 11.01 -52.29 -1.04
CA GLU A 577 12.27 -53.01 -0.90
C GLU A 577 13.46 -52.10 -1.23
N ASP A 578 13.28 -51.18 -2.19
CA ASP A 578 14.29 -50.14 -2.38
C ASP A 578 14.41 -49.24 -1.15
N ILE A 579 13.27 -48.86 -0.57
CA ILE A 579 13.33 -48.06 0.64
C ILE A 579 14.08 -48.81 1.73
N LYS A 580 13.76 -50.10 1.90
CA LYS A 580 14.46 -50.86 2.94
C LYS A 580 15.97 -50.84 2.70
N ALA A 581 16.40 -50.98 1.44
CA ALA A 581 17.82 -50.92 1.12
C ALA A 581 18.43 -49.56 1.46
N LYS A 582 17.75 -48.47 1.11
CA LYS A 582 18.34 -47.16 1.38
C LYS A 582 18.40 -46.89 2.86
N VAL A 583 17.45 -47.37 3.63
CA VAL A 583 17.52 -47.18 5.08
C VAL A 583 18.80 -47.84 5.64
N LYS A 584 19.08 -49.10 5.25
CA LYS A 584 20.28 -49.77 5.76
C LYS A 584 21.55 -49.00 5.35
N GLN A 585 21.58 -48.47 4.14
CA GLN A 585 22.69 -47.63 3.72
C GLN A 585 22.79 -46.37 4.59
N TYR A 586 21.66 -45.73 4.89
CA TYR A 586 21.69 -44.53 5.73
C TYR A 586 22.27 -44.84 7.10
N TYR A 587 21.81 -45.93 7.74
CA TYR A 587 22.42 -46.41 8.97
C TYR A 587 23.95 -46.46 8.85
N GLU A 588 24.46 -47.18 7.84
CA GLU A 588 25.89 -47.26 7.61
C GLU A 588 26.53 -45.87 7.55
N GLU A 589 25.99 -45.00 6.71
CA GLU A 589 26.64 -43.71 6.46
C GLU A 589 26.59 -42.80 7.68
N ILE A 590 25.56 -42.94 8.53
CA ILE A 590 25.38 -42.01 9.63
C ILE A 590 26.01 -42.52 10.92
N GLY A 591 26.35 -43.80 11.02
CA GLY A 591 26.91 -44.35 12.23
C GLY A 591 25.93 -45.06 13.15
N TYR A 592 24.84 -45.60 12.61
CA TYR A 592 23.98 -46.48 13.38
C TYR A 592 24.36 -47.93 13.05
N ASP A 593 23.95 -48.86 13.91
CA ASP A 593 24.21 -50.26 13.64
C ASP A 593 23.15 -50.77 12.67
N GLU A 594 23.12 -52.08 12.47
CA GLU A 594 22.24 -52.65 11.45
C GLU A 594 20.77 -52.55 11.85
N HIS A 595 20.48 -52.39 13.13
CA HIS A 595 19.13 -52.18 13.63
C HIS A 595 18.76 -50.70 13.74
N GLY A 596 19.62 -49.79 13.28
CA GLY A 596 19.31 -48.38 13.37
C GLY A 596 19.62 -47.72 14.70
N ILE A 597 20.33 -48.40 15.58
CA ILE A 597 20.69 -47.87 16.90
C ILE A 597 22.12 -47.35 16.85
N PRO A 598 22.37 -46.11 17.29
CA PRO A 598 23.73 -45.55 17.24
C PRO A 598 24.77 -46.54 17.78
N LYS A 599 25.87 -46.70 17.04
CA LYS A 599 26.96 -47.58 17.47
C LYS A 599 27.69 -47.02 18.68
N GLU A 600 27.91 -47.88 19.70
CA GLU A 600 28.57 -47.40 20.92
C GLU A 600 29.97 -46.88 20.62
N GLU A 601 30.64 -47.46 19.62
CA GLU A 601 31.96 -46.96 19.23
C GLU A 601 31.86 -45.53 18.72
N VAL A 602 30.82 -45.25 17.92
CA VAL A 602 30.68 -43.92 17.32
C VAL A 602 30.40 -42.88 18.39
N LEU A 603 29.48 -43.19 19.32
CA LEU A 603 29.23 -42.33 20.48
C LEU A 603 30.51 -41.97 21.19
N GLU A 604 31.37 -42.96 21.46
CA GLU A 604 32.59 -42.68 22.21
C GLU A 604 33.53 -41.78 21.44
N GLU A 605 33.67 -42.00 20.13
CA GLU A 605 34.45 -41.10 19.29
C GLU A 605 33.83 -39.69 19.20
N LEU A 606 32.50 -39.57 19.29
CA LEU A 606 31.85 -38.26 19.25
C LEU A 606 31.93 -37.53 20.59
N GLY A 607 32.64 -38.08 21.55
CA GLY A 607 32.69 -37.48 22.86
C GLY A 607 31.42 -37.59 23.65
N ILE A 608 30.51 -38.49 23.29
CA ILE A 608 29.29 -38.65 24.09
C ILE A 608 29.17 -40.10 24.54
N GLY A 609 30.24 -40.65 25.11
CA GLY A 609 30.23 -42.05 25.51
C GLY A 609 29.18 -42.42 26.55
N GLU A 610 28.82 -41.49 27.44
CA GLU A 610 27.83 -41.79 28.47
C GLU A 610 26.53 -42.30 27.86
N ALA A 611 26.24 -41.90 26.61
CA ALA A 611 24.97 -42.30 26.00
C ALA A 611 24.86 -43.80 25.76
N LYS A 612 25.95 -44.56 25.96
CA LYS A 612 25.87 -46.03 25.90
C LYS A 612 24.87 -46.56 26.91
N ARG A 613 24.74 -45.87 28.05
CA ARG A 613 23.76 -46.27 29.06
C ARG A 613 22.34 -46.20 28.49
N GLU A 614 22.05 -45.16 27.69
CA GLU A 614 20.75 -45.09 27.02
C GLU A 614 20.64 -46.12 25.89
N VAL A 615 21.68 -46.25 25.06
CA VAL A 615 21.67 -47.28 24.01
C VAL A 615 21.47 -48.65 24.62
N LYS A 616 22.02 -48.87 25.82
CA LYS A 616 21.81 -50.15 26.49
C LYS A 616 20.36 -50.33 26.87
N ARG A 617 19.64 -49.28 27.33
CA ARG A 617 18.22 -49.48 27.68
C ARG A 617 17.30 -49.58 26.46
N ILE A 618 17.68 -49.00 25.32
CA ILE A 618 16.89 -49.15 24.09
C ILE A 618 16.84 -50.63 23.70
N LYS A 619 17.99 -51.29 23.75
CA LYS A 619 18.06 -52.71 23.33
C LYS A 619 17.25 -53.70 24.19
N LYS A 620 17.16 -53.60 25.53
CA LYS A 620 16.28 -54.52 26.24
C LYS A 620 14.84 -54.36 25.82
N ARG A 621 14.34 -53.12 25.75
CA ARG A 621 12.98 -52.95 25.26
C ARG A 621 12.80 -53.65 23.92
N LEU A 622 13.79 -53.51 23.02
CA LEU A 622 13.59 -53.94 21.64
C LEU A 622 13.71 -55.46 21.52
N ASN A 623 14.66 -56.05 22.23
CA ASN A 623 14.65 -57.51 22.40
C ASN A 623 13.84 -57.82 23.67
N GLU B 7 23.57 22.62 0.04
CA GLU B 7 22.11 22.40 0.05
C GLU B 7 21.73 21.40 1.16
N ARG B 8 20.66 21.69 1.90
CA ARG B 8 20.32 20.88 3.07
C ARG B 8 19.42 19.71 2.67
N ILE B 9 19.43 18.67 3.50
CA ILE B 9 18.60 17.49 3.25
C ILE B 9 17.70 17.25 4.46
N TRP B 10 16.63 16.51 4.21
CA TRP B 10 15.64 16.17 5.23
C TRP B 10 15.10 14.80 4.84
N ILE B 11 14.87 13.92 5.82
CA ILE B 11 14.43 12.56 5.51
C ILE B 11 12.91 12.53 5.57
N LEU B 12 12.27 12.30 4.43
CA LEU B 12 10.82 12.20 4.34
C LEU B 12 10.42 10.73 4.47
N ILE B 13 9.49 10.44 5.36
CA ILE B 13 9.18 9.08 5.76
C ILE B 13 7.77 8.77 5.31
N THR B 14 7.57 7.56 4.79
CA THR B 14 6.27 7.04 4.37
C THR B 14 6.07 5.75 5.14
N PRO B 15 5.39 5.77 6.29
CA PRO B 15 5.32 4.54 7.09
C PRO B 15 4.66 3.39 6.37
N ASP B 16 3.68 3.63 5.49
CA ASP B 16 3.01 2.48 4.87
C ASP B 16 3.89 1.71 3.87
N LYS B 17 5.04 2.25 3.49
CA LYS B 17 5.99 1.50 2.67
C LYS B 17 7.06 0.82 3.52
N CYS B 18 7.00 0.95 4.84
CA CYS B 18 8.00 0.32 5.67
C CYS B 18 7.64 -1.17 5.88
N SER B 19 8.56 -2.04 5.47
CA SER B 19 8.43 -3.47 5.63
C SER B 19 8.84 -3.99 7.00
N GLY B 20 9.54 -3.18 7.82
CA GLY B 20 10.06 -3.71 9.06
C GLY B 20 11.34 -4.50 8.93
N CYS B 21 12.04 -4.37 7.79
CA CYS B 21 13.29 -5.11 7.62
C CYS B 21 14.35 -4.66 8.62
N ARG B 22 14.22 -3.43 9.14
CA ARG B 22 15.15 -2.81 10.10
C ARG B 22 16.61 -2.88 9.64
N LEU B 23 16.81 -2.92 8.31
CA LEU B 23 18.19 -2.78 7.81
C LEU B 23 18.73 -1.37 8.07
N CYS B 24 17.84 -0.38 8.18
CA CYS B 24 18.26 0.97 8.55
C CYS B 24 18.88 0.98 9.95
N GLU B 25 18.29 0.23 10.91
CA GLU B 25 18.86 0.14 12.27
C GLU B 25 20.22 -0.54 12.25
N VAL B 26 20.37 -1.64 11.50
CA VAL B 26 21.64 -2.34 11.42
C VAL B 26 22.72 -1.42 10.85
N THR B 27 22.42 -0.79 9.72
CA THR B 27 23.35 0.14 9.06
C THR B 27 23.73 1.31 9.98
N CYS B 28 22.75 1.93 10.62
CA CYS B 28 23.04 3.13 11.40
C CYS B 28 23.89 2.80 12.63
N SER B 29 23.50 1.76 13.37
CA SER B 29 24.24 1.40 14.58
C SER B 29 25.63 0.87 14.26
N LEU B 30 25.78 0.08 13.19
CA LEU B 30 27.12 -0.31 12.75
C LEU B 30 27.96 0.92 12.39
N GLU B 31 27.34 1.91 11.76
CA GLU B 31 28.09 3.09 11.34
C GLU B 31 28.56 3.95 12.52
N HIS B 32 27.75 4.04 13.58
CA HIS B 32 28.06 4.95 14.69
C HIS B 32 28.57 4.27 15.94
N GLU B 33 28.28 2.99 16.14
CA GLU B 33 28.78 2.29 17.31
C GLU B 33 29.77 1.19 16.96
N GLY B 34 29.93 0.90 15.68
CA GLY B 34 30.75 -0.23 15.28
C GLY B 34 30.23 -1.59 15.70
N ILE B 35 29.02 -1.67 16.26
CA ILE B 35 28.43 -2.94 16.66
C ILE B 35 26.93 -2.87 16.35
N ILE B 36 26.31 -4.04 16.23
CA ILE B 36 24.87 -4.11 16.06
C ILE B 36 24.21 -3.83 17.40
N TRP B 37 23.37 -2.82 17.45
CA TRP B 37 22.86 -2.35 18.72
C TRP B 37 21.53 -1.67 18.44
N PRO B 38 20.42 -2.41 18.40
CA PRO B 38 19.17 -1.82 17.90
C PRO B 38 18.74 -0.56 18.65
N GLU B 39 18.93 -0.49 19.97
CA GLU B 39 18.44 0.69 20.68
C GLU B 39 19.41 1.88 20.62
N ALA B 40 20.59 1.74 20.02
CA ALA B 40 21.49 2.86 19.76
C ALA B 40 21.41 3.37 18.34
N SER B 41 20.60 2.74 17.51
CA SER B 41 20.37 3.29 16.19
C SER B 41 19.65 4.63 16.31
N ARG B 42 20.02 5.59 15.45
CA ARG B 42 19.41 6.91 15.48
C ARG B 42 18.14 6.95 14.64
N ILE B 43 17.80 5.84 14.00
CA ILE B 43 16.47 5.66 13.40
C ILE B 43 15.94 4.36 13.99
N ARG B 44 14.76 4.41 14.55
CA ARG B 44 14.25 3.20 15.17
C ARG B 44 12.84 2.95 14.67
N VAL B 45 12.55 1.69 14.36
CA VAL B 45 11.27 1.29 13.76
C VAL B 45 10.39 0.71 14.85
N PHE B 46 9.18 1.23 14.99
CA PHE B 46 8.24 0.77 16.01
C PHE B 46 7.17 -0.11 15.37
N GLU B 47 6.98 -1.32 15.91
CA GLU B 47 5.96 -2.24 15.43
C GLU B 47 5.12 -2.70 16.63
N LEU B 48 4.25 -1.82 17.13
CA LEU B 48 3.46 -2.15 18.31
C LEU B 48 2.34 -3.14 18.01
N PHE B 49 1.87 -3.21 16.77
CA PHE B 49 0.95 -4.23 16.32
C PHE B 49 1.54 -4.84 15.05
N PRO B 50 1.58 -6.18 14.92
CA PRO B 50 2.25 -6.81 13.76
C PRO B 50 1.81 -6.20 12.44
N GLY B 51 2.79 -5.82 11.61
CA GLY B 51 2.52 -5.33 10.28
C GLY B 51 2.35 -3.82 10.18
N ILE B 52 2.27 -3.10 11.30
CA ILE B 52 2.16 -1.64 11.30
C ILE B 52 3.52 -1.09 11.72
N ASN B 53 4.34 -0.69 10.75
CA ASN B 53 5.74 -0.35 10.99
C ASN B 53 5.97 1.15 10.85
N VAL B 54 6.52 1.76 11.88
CA VAL B 54 6.64 3.21 11.95
C VAL B 54 8.10 3.59 12.16
N PRO B 55 8.81 4.01 11.12
CA PRO B 55 10.18 4.49 11.32
C PRO B 55 10.15 5.87 11.99
N HIS B 56 11.15 6.12 12.84
CA HIS B 56 11.13 7.30 13.71
C HIS B 56 12.53 7.88 13.85
N THR B 57 12.69 9.18 13.57
CA THR B 57 14.00 9.81 13.74
C THR B 57 13.83 11.33 13.86
N CYS B 58 14.96 12.01 14.00
CA CYS B 58 15.00 13.45 14.19
C CYS B 58 14.53 14.19 12.92
N VAL B 59 13.84 15.32 13.13
CA VAL B 59 13.38 16.19 12.04
C VAL B 59 14.11 17.52 11.99
N GLN B 60 15.13 17.73 12.83
CA GLN B 60 15.92 18.96 12.80
C GLN B 60 15.07 20.21 13.01
N CYS B 61 14.26 20.18 14.08
CA CYS B 61 13.44 21.34 14.43
C CYS B 61 14.26 22.63 14.35
N PRO B 62 13.79 23.67 13.65
CA PRO B 62 14.62 24.90 13.53
C PRO B 62 14.93 25.59 14.87
N ASP B 63 14.11 25.39 15.89
CA ASP B 63 14.31 25.94 17.23
C ASP B 63 15.01 24.95 18.18
N TYR B 64 15.40 23.75 17.68
CA TYR B 64 16.17 22.72 18.38
C TYR B 64 15.86 22.66 19.88
N PRO B 65 14.65 22.25 20.27
CA PRO B 65 14.35 22.11 21.71
C PRO B 65 15.41 21.36 22.50
N CYS B 66 15.99 20.32 21.89
CA CYS B 66 16.94 19.48 22.58
C CYS B 66 18.22 20.26 22.90
N VAL B 67 18.81 20.88 21.88
CA VAL B 67 20.02 21.67 22.06
C VAL B 67 19.83 22.69 23.17
N ASN B 68 18.71 23.36 23.19
CA ASN B 68 18.48 24.46 24.10
C ASN B 68 18.10 24.01 25.51
N ALA B 69 17.76 22.74 25.69
CA ALA B 69 17.46 22.22 27.01
C ALA B 69 18.67 21.64 27.72
N CYS B 70 19.75 21.37 27.00
CA CYS B 70 20.86 20.61 27.59
C CYS B 70 21.58 21.46 28.64
N PRO B 71 21.73 20.98 29.87
CA PRO B 71 22.41 21.78 30.90
C PRO B 71 23.92 21.82 30.76
N THR B 72 24.54 20.84 30.11
CA THR B 72 26.00 20.80 30.00
C THR B 72 26.51 21.24 28.63
N ASN B 73 25.63 21.75 27.78
CA ASN B 73 25.93 22.03 26.37
C ASN B 73 26.65 20.88 25.65
N ALA B 74 26.20 19.64 25.89
CA ALA B 74 26.70 18.50 25.11
C ALA B 74 26.19 18.50 23.67
N LEU B 75 25.11 19.22 23.37
CA LEU B 75 24.50 19.22 22.05
C LEU B 75 24.82 20.52 21.33
N SER B 76 25.11 20.43 20.03
CA SER B 76 25.21 21.61 19.18
C SER B 76 24.57 21.27 17.84
N VAL B 77 24.57 22.26 16.94
CA VAL B 77 24.00 22.14 15.60
C VAL B 77 25.14 22.23 14.59
N ASP B 78 25.28 21.21 13.75
CA ASP B 78 26.24 21.26 12.66
C ASP B 78 25.89 22.38 11.69
N GLU B 79 26.89 23.17 11.30
CA GLU B 79 26.66 24.34 10.46
C GLU B 79 26.40 23.97 8.99
N LYS B 80 27.01 22.89 8.48
CA LYS B 80 26.83 22.48 7.08
C LYS B 80 25.49 21.78 6.90
N THR B 81 25.35 20.59 7.46
CA THR B 81 24.02 19.98 7.63
C THR B 81 23.29 20.86 8.64
N GLY B 82 22.09 20.52 9.04
CA GLY B 82 21.68 21.29 10.22
C GLY B 82 21.38 20.27 11.30
N ALA B 83 22.18 19.21 11.32
CA ALA B 83 21.90 18.11 12.24
C ALA B 83 22.36 18.47 13.65
N VAL B 84 21.73 17.81 14.62
CA VAL B 84 22.21 17.82 16.00
C VAL B 84 23.50 17.01 16.11
N VAL B 85 24.47 17.57 16.82
CA VAL B 85 25.73 16.88 17.11
C VAL B 85 25.88 16.70 18.62
N VAL B 86 26.17 15.46 19.04
CA VAL B 86 26.31 15.08 20.45
C VAL B 86 27.79 14.99 20.79
N ASN B 87 28.24 15.77 21.79
CA ASN B 87 29.52 15.54 22.45
C ASN B 87 29.27 14.53 23.58
N GLU B 88 29.59 13.26 23.32
CA GLU B 88 29.23 12.22 24.27
C GLU B 88 29.92 12.41 25.61
N GLU B 89 31.08 13.08 25.62
CA GLU B 89 31.82 13.25 26.86
C GLU B 89 31.13 14.21 27.81
N LYS B 90 30.39 15.19 27.30
CA LYS B 90 29.69 16.14 28.16
C LYS B 90 28.30 15.68 28.55
N CYS B 91 27.84 14.55 28.04
CA CYS B 91 26.49 14.09 28.33
C CYS B 91 26.41 13.45 29.71
N ILE B 92 25.47 13.90 30.54
CA ILE B 92 25.26 13.32 31.86
C ILE B 92 23.96 12.52 31.91
N THR B 93 23.42 12.13 30.74
CA THR B 93 22.24 11.27 30.61
C THR B 93 21.13 11.69 31.56
N CYS B 94 20.88 13.01 31.59
CA CYS B 94 19.85 13.59 32.44
C CYS B 94 18.43 13.48 31.88
N GLY B 95 18.25 13.37 30.57
CA GLY B 95 16.92 13.27 30.02
C GLY B 95 16.23 14.58 29.68
N ALA B 96 16.88 15.74 29.89
CA ALA B 96 16.20 16.98 29.56
C ALA B 96 15.90 17.09 28.06
N CYS B 97 16.81 16.64 27.21
CA CYS B 97 16.59 16.73 25.76
C CYS B 97 15.48 15.76 25.35
N VAL B 98 15.44 14.58 26.00
CA VAL B 98 14.37 13.61 25.77
C VAL B 98 13.02 14.26 26.04
N LEU B 99 12.93 15.02 27.12
CA LEU B 99 11.64 15.55 27.53
C LEU B 99 11.25 16.72 26.66
N ALA B 100 12.23 17.55 26.25
CA ALA B 100 11.95 18.73 25.45
C ALA B 100 11.49 18.38 24.04
N CYS B 101 11.92 17.25 23.51
CA CYS B 101 11.68 16.91 22.10
C CYS B 101 10.20 16.64 21.85
N PRO B 102 9.55 17.36 20.94
CA PRO B 102 8.12 17.07 20.67
C PRO B 102 7.87 15.67 20.16
N GLY B 103 8.83 15.02 19.50
CA GLY B 103 8.66 13.66 19.02
C GLY B 103 9.29 12.59 19.90
N LYS B 104 9.82 12.96 21.07
CA LYS B 104 10.50 12.04 21.97
C LYS B 104 11.54 11.21 21.20
N VAL B 105 12.40 11.89 20.46
CA VAL B 105 13.40 11.23 19.59
C VAL B 105 14.69 10.84 20.33
N PRO B 106 15.27 11.71 21.16
CA PRO B 106 16.53 11.36 21.82
C PRO B 106 16.36 10.08 22.62
N ARG B 107 17.41 9.25 22.62
CA ARG B 107 17.34 7.92 23.21
C ARG B 107 18.63 7.64 23.96
N ILE B 108 18.53 7.15 25.18
CA ILE B 108 19.70 6.77 25.98
C ILE B 108 19.71 5.26 26.13
N PRO B 109 20.48 4.54 25.32
CA PRO B 109 20.50 3.07 25.41
C PRO B 109 21.29 2.58 26.62
N ALA B 110 20.97 1.37 27.07
CA ALA B 110 21.56 0.78 28.27
C ALA B 110 23.08 0.75 28.19
N GLY B 111 23.74 1.50 29.07
CA GLY B 111 25.18 1.37 29.19
C GLY B 111 25.98 2.15 28.18
N LYS B 112 25.34 3.02 27.39
CA LYS B 112 26.08 3.90 26.48
C LYS B 112 26.72 5.06 27.25
N GLY B 113 26.01 5.61 28.23
CA GLY B 113 26.53 6.77 28.93
C GLY B 113 26.29 8.08 28.21
N SER B 114 25.50 8.07 27.14
CA SER B 114 25.16 9.30 26.43
C SER B 114 23.86 9.08 25.67
N VAL B 115 23.17 10.19 25.38
CA VAL B 115 22.08 10.15 24.42
C VAL B 115 22.63 9.85 23.02
N VAL B 116 21.75 9.36 22.13
CA VAL B 116 22.06 9.32 20.71
C VAL B 116 20.95 10.03 19.92
N ILE B 117 21.37 10.79 18.91
CA ILE B 117 20.48 11.58 18.05
C ILE B 117 21.06 11.54 16.64
N CYS B 118 20.19 11.41 15.64
CA CYS B 118 20.61 11.39 14.23
C CYS B 118 21.56 12.55 13.92
N ASP B 119 22.70 12.25 13.27
CA ASP B 119 23.57 13.33 12.80
C ASP B 119 23.55 13.47 11.28
N LEU B 120 22.52 12.91 10.63
CA LEU B 120 22.35 12.90 9.18
C LEU B 120 23.54 12.28 8.45
N CYS B 121 24.31 11.43 9.14
CA CYS B 121 25.51 10.80 8.57
C CYS B 121 26.41 11.85 7.90
N GLY B 122 26.47 13.03 8.50
CA GLY B 122 27.28 14.07 7.88
C GLY B 122 26.82 14.53 6.52
N GLY B 123 25.54 14.30 6.17
CA GLY B 123 24.99 14.77 4.92
C GLY B 123 24.68 13.69 3.90
N ASN B 124 25.02 12.44 4.17
CA ASN B 124 24.67 11.31 3.28
C ASN B 124 24.09 10.16 4.09
N PRO B 125 22.80 10.22 4.43
CA PRO B 125 22.17 9.19 5.29
C PRO B 125 22.34 7.78 4.77
N LYS B 126 22.93 6.92 5.59
CA LYS B 126 23.06 5.53 5.19
C LYS B 126 21.75 4.75 5.33
N CYS B 127 20.84 5.17 6.21
CA CYS B 127 19.53 4.52 6.31
C CYS B 127 18.72 4.68 5.01
N VAL B 128 18.73 5.88 4.43
CA VAL B 128 18.02 6.08 3.18
C VAL B 128 18.61 5.19 2.10
N GLU B 129 19.93 5.07 2.07
CA GLU B 129 20.57 4.32 1.00
C GLU B 129 20.16 2.85 1.04
N ILE B 130 20.16 2.25 2.23
CA ILE B 130 19.84 0.82 2.33
C ILE B 130 18.36 0.61 2.08
N CYS B 131 17.50 1.53 2.56
CA CYS B 131 16.06 1.39 2.30
C CYS B 131 15.77 1.48 0.81
N HIS B 132 16.50 2.33 0.09
CA HIS B 132 16.33 2.46 -1.34
C HIS B 132 16.88 1.24 -2.07
N GLU B 133 18.05 0.75 -1.63
CA GLU B 133 18.65 -0.44 -2.25
C GLU B 133 17.74 -1.65 -2.09
N ALA B 134 17.09 -1.80 -0.93
CA ALA B 134 16.18 -2.89 -0.66
C ALA B 134 14.87 -2.78 -1.44
N GLY B 135 14.60 -1.63 -2.04
CA GLY B 135 13.39 -1.46 -2.83
C GLY B 135 12.17 -0.98 -2.06
N HIS B 136 12.27 -0.75 -0.76
CA HIS B 136 11.12 -0.28 0.04
C HIS B 136 10.83 1.21 -0.16
N ASP B 137 11.85 2.06 -0.09
CA ASP B 137 11.70 3.51 -0.26
C ASP B 137 10.71 4.11 0.73
N ALA B 138 10.67 3.56 1.95
CA ALA B 138 9.96 4.20 3.04
C ALA B 138 10.65 5.48 3.49
N LEU B 139 11.94 5.64 3.15
CA LEU B 139 12.74 6.82 3.50
C LEU B 139 13.23 7.44 2.21
N LYS B 140 13.14 8.77 2.09
CA LYS B 140 13.62 9.48 0.92
C LYS B 140 14.15 10.84 1.32
N ILE B 141 15.16 11.34 0.58
CA ILE B 141 15.76 12.62 0.89
C ILE B 141 15.06 13.72 0.10
N VAL B 142 14.78 14.85 0.77
CA VAL B 142 14.32 16.11 0.15
C VAL B 142 15.45 17.13 0.29
N THR B 143 15.78 17.82 -0.80
CA THR B 143 17.00 18.64 -0.85
C THR B 143 16.79 20.17 -0.68
N GLY B 144 15.60 20.73 -0.79
CA GLY B 144 15.59 22.20 -0.58
C GLY B 144 15.87 22.88 0.78
N ASN B 145 15.38 24.11 0.91
CA ASN B 145 15.37 24.80 2.20
C ASN B 145 14.35 24.17 3.15
N TYR B 146 14.63 24.28 4.44
CA TYR B 146 13.73 23.72 5.45
C TYR B 146 12.35 24.34 5.30
N ARG B 147 11.31 23.51 5.48
CA ARG B 147 9.94 24.03 5.51
C ARG B 147 9.34 23.83 6.91
N PRO B 148 8.66 24.85 7.45
CA PRO B 148 8.10 24.70 8.81
C PRO B 148 7.27 23.44 9.03
N ILE B 149 6.53 22.97 8.01
CA ILE B 149 5.72 21.77 8.23
C ILE B 149 6.57 20.55 8.61
N TYR B 150 7.86 20.52 8.22
CA TYR B 150 8.73 19.42 8.61
C TYR B 150 8.69 19.20 10.12
N ARG B 151 8.63 20.29 10.88
CA ARG B 151 8.68 20.16 12.32
C ARG B 151 7.46 19.43 12.86
N THR B 152 6.32 19.48 12.15
CA THR B 152 5.12 18.81 12.64
C THR B 152 5.22 17.27 12.57
N PHE B 153 6.26 16.75 11.91
CA PHE B 153 6.46 15.31 11.84
C PHE B 153 7.09 14.76 13.11
N ALA B 154 7.68 15.63 13.93
CA ALA B 154 8.19 15.18 15.23
C ALA B 154 7.02 14.92 16.18
N LYS B 155 6.56 13.68 16.18
CA LYS B 155 5.36 13.23 16.88
C LYS B 155 5.69 11.92 17.60
N ASP B 156 4.98 11.66 18.69
CA ASP B 156 5.15 10.43 19.45
C ASP B 156 4.84 9.21 18.56
N PRO B 157 5.74 8.22 18.49
CA PRO B 157 5.48 7.08 17.60
C PRO B 157 4.25 6.28 17.96
N GLN B 158 3.84 6.27 19.23
CA GLN B 158 2.62 5.58 19.58
C GLN B 158 1.40 6.25 18.96
N GLU B 159 1.42 7.58 18.81
CA GLU B 159 0.31 8.28 18.17
CA GLU B 159 0.32 8.31 18.17
C GLU B 159 0.21 7.91 16.70
N LYS B 160 1.33 7.95 15.98
CA LYS B 160 1.30 7.55 14.58
C LYS B 160 0.86 6.09 14.44
N SER B 161 1.37 5.22 15.32
CA SER B 161 1.03 3.81 15.23
C SER B 161 -0.47 3.62 15.30
N LEU B 162 -1.12 4.22 16.29
CA LEU B 162 -2.55 4.01 16.46
C LEU B 162 -3.34 4.62 15.32
N ASP B 163 -2.93 5.80 14.82
CA ASP B 163 -3.62 6.38 13.67
C ASP B 163 -3.63 5.39 12.51
N ILE B 164 -2.46 4.80 12.21
CA ILE B 164 -2.38 3.91 11.06
C ILE B 164 -3.22 2.64 11.28
N ALA B 165 -3.16 2.07 12.51
CA ALA B 165 -3.94 0.86 12.75
C ALA B 165 -5.43 1.09 12.56
N ARG B 166 -5.90 2.27 12.94
CA ARG B 166 -7.31 2.59 12.81
C ARG B 166 -7.68 2.82 11.34
N LYS B 167 -6.76 3.42 10.57
CA LYS B 167 -6.97 3.60 9.13
C LYS B 167 -7.10 2.26 8.43
N VAL B 168 -6.21 1.31 8.76
CA VAL B 168 -6.15 0.01 8.08
C VAL B 168 -7.31 -0.88 8.49
N PHE B 169 -7.53 -1.01 9.80
CA PHE B 169 -8.45 -2.02 10.34
C PHE B 169 -9.79 -1.44 10.77
N GLY B 170 -9.91 -0.11 10.84
CA GLY B 170 -11.24 0.45 10.99
C GLY B 170 -11.76 0.25 12.39
N GLU B 171 -13.07 0.01 12.49
CA GLU B 171 -13.72 -0.17 13.78
C GLU B 171 -13.35 -1.49 14.43
N ASP B 172 -12.90 -2.48 13.66
CA ASP B 172 -12.49 -3.78 14.19
C ASP B 172 -11.14 -3.75 14.90
N PHE B 173 -10.45 -2.62 14.96
CA PHE B 173 -9.22 -2.58 15.72
C PHE B 173 -9.50 -2.23 17.20
N MET C 1 -4.39 17.73 -40.37
CA MET C 1 -3.96 18.81 -39.48
C MET C 1 -3.03 18.20 -38.43
N TYR C 2 -1.96 18.90 -38.08
CA TYR C 2 -1.08 18.45 -37.02
C TYR C 2 -1.67 18.79 -35.66
N ALA C 3 -1.56 17.85 -34.70
CA ALA C 3 -1.89 18.05 -33.28
C ALA C 3 -3.39 18.24 -32.99
N TYR C 4 -4.20 18.59 -33.97
CA TYR C 4 -5.63 18.63 -33.78
C TYR C 4 -6.31 17.75 -34.80
N ASN C 5 -7.56 17.37 -34.53
CA ASN C 5 -8.36 16.70 -35.55
C ASN C 5 -8.98 17.68 -36.54
N GLY C 6 -9.17 18.94 -36.14
CA GLY C 6 -9.88 19.91 -36.95
C GLY C 6 -11.39 19.78 -36.94
N LYS C 7 -11.97 19.17 -35.91
CA LYS C 7 -13.40 18.89 -35.89
C LYS C 7 -13.96 19.08 -34.49
N LEU C 8 -15.16 19.64 -34.40
CA LEU C 8 -15.92 19.68 -33.16
C LEU C 8 -17.24 18.93 -33.34
N LEU C 9 -17.69 18.25 -32.29
CA LEU C 9 -19.05 17.76 -32.29
C LEU C 9 -19.98 18.89 -31.88
N ASP C 10 -21.15 18.96 -32.54
CA ASP C 10 -22.17 19.95 -32.25
C ASP C 10 -23.42 19.18 -31.84
N VAL C 11 -23.87 19.36 -30.61
CA VAL C 11 -24.94 18.52 -30.05
C VAL C 11 -26.10 19.42 -29.65
N ASP C 12 -27.25 19.23 -30.32
CA ASP C 12 -28.47 20.00 -30.04
C ASP C 12 -29.40 19.11 -29.23
N LEU C 13 -29.46 19.35 -27.93
CA LEU C 13 -30.27 18.54 -27.03
C LEU C 13 -31.76 18.83 -27.18
N THR C 14 -32.14 20.04 -27.57
CA THR C 14 -33.55 20.34 -27.79
C THR C 14 -34.10 19.55 -28.98
N ARG C 15 -33.40 19.59 -30.11
CA ARG C 15 -33.83 18.88 -31.31
C ARG C 15 -33.33 17.44 -31.37
N GLU C 16 -32.45 17.05 -30.45
CA GLU C 16 -31.83 15.70 -30.42
C GLU C 16 -31.08 15.39 -31.70
N LYS C 17 -30.21 16.30 -32.11
CA LYS C 17 -29.43 16.17 -33.33
C LYS C 17 -27.94 16.30 -33.01
N VAL C 18 -27.11 15.59 -33.78
CA VAL C 18 -25.66 15.63 -33.63
C VAL C 18 -25.04 15.83 -34.99
N LYS C 19 -24.07 16.75 -35.09
CA LYS C 19 -23.30 16.87 -36.34
C LYS C 19 -21.84 17.15 -36.01
N GLU C 20 -20.98 17.07 -37.02
CA GLU C 20 -19.60 17.51 -36.91
C GLU C 20 -19.47 18.88 -37.56
N VAL C 21 -18.67 19.76 -36.97
CA VAL C 21 -18.40 21.07 -37.57
C VAL C 21 -16.89 21.23 -37.68
N GLU C 22 -16.45 21.90 -38.74
CA GLU C 22 -15.03 22.08 -39.01
C GLU C 22 -14.42 23.13 -38.06
N LEU C 23 -13.19 22.87 -37.65
CA LEU C 23 -12.37 23.79 -36.89
C LEU C 23 -11.23 24.20 -37.81
N SER C 24 -11.15 25.46 -38.16
CA SER C 24 -10.24 25.89 -39.22
C SER C 24 -8.88 26.25 -38.64
N GLU C 25 -7.84 26.13 -39.47
CA GLU C 25 -6.50 26.50 -39.04
C GLU C 25 -6.44 27.97 -38.64
N ASP C 26 -7.19 28.82 -39.33
CA ASP C 26 -7.21 30.25 -39.02
C ASP C 26 -7.75 30.50 -37.62
N VAL C 27 -8.89 29.91 -37.30
CA VAL C 27 -9.43 30.05 -35.95
C VAL C 27 -8.42 29.53 -34.92
N LEU C 28 -7.78 28.38 -35.22
CA LEU C 28 -6.90 27.75 -34.24
C LEU C 28 -5.63 28.56 -34.05
N LYS C 29 -5.10 29.18 -35.13
CA LYS C 29 -3.95 30.04 -34.94
C LYS C 29 -4.28 31.31 -34.17
N LYS C 30 -5.57 31.69 -34.14
CA LYS C 30 -5.97 32.94 -33.50
C LYS C 30 -6.36 32.78 -32.04
N PHE C 31 -6.92 31.62 -31.66
CA PHE C 31 -7.41 31.40 -30.30
C PHE C 31 -6.87 30.13 -29.63
N TYR C 32 -6.22 29.21 -30.37
CA TYR C 32 -5.39 28.10 -29.86
C TYR C 32 -6.17 26.89 -29.35
N GLY C 33 -7.06 27.07 -28.39
CA GLY C 33 -7.80 25.94 -27.86
C GLY C 33 -8.46 26.30 -26.54
N GLY C 34 -9.11 25.30 -25.94
CA GLY C 34 -9.71 25.43 -24.62
C GLY C 34 -10.33 26.79 -24.28
N ARG C 35 -9.83 27.41 -23.22
CA ARG C 35 -10.39 28.68 -22.75
C ARG C 35 -10.48 29.73 -23.86
N GLY C 36 -9.43 29.89 -24.66
CA GLY C 36 -9.47 30.91 -25.70
C GLY C 36 -10.43 30.56 -26.83
N LEU C 37 -10.46 29.28 -27.23
CA LEU C 37 -11.36 28.84 -28.28
C LEU C 37 -12.81 28.92 -27.82
N GLY C 38 -13.06 28.56 -26.57
CA GLY C 38 -14.43 28.66 -26.04
C GLY C 38 -14.91 30.09 -25.87
N THR C 39 -14.01 31.00 -25.45
CA THR C 39 -14.36 32.41 -25.36
C THR C 39 -14.77 32.94 -26.76
N TYR C 40 -14.04 32.54 -27.80
CA TYR C 40 -14.37 33.00 -29.16
C TYR C 40 -15.72 32.45 -29.61
N ILE C 41 -15.95 31.16 -29.42
CA ILE C 41 -17.24 30.56 -29.79
C ILE C 41 -18.38 31.28 -29.06
N LEU C 42 -18.21 31.56 -27.76
CA LEU C 42 -19.26 32.20 -26.99
C LEU C 42 -19.54 33.62 -27.50
N TRP C 43 -18.48 34.38 -27.80
CA TRP C 43 -18.67 35.73 -28.32
C TRP C 43 -19.28 35.68 -29.72
N LYS C 44 -18.78 34.79 -30.58
CA LYS C 44 -19.29 34.66 -31.95
C LYS C 44 -20.79 34.36 -31.95
N GLU C 45 -21.23 33.40 -31.14
CA GLU C 45 -22.62 32.97 -31.17
C GLU C 45 -23.54 33.82 -30.29
N LEU C 46 -23.04 34.36 -29.19
CA LEU C 46 -23.90 34.97 -28.19
C LEU C 46 -23.53 36.40 -27.87
N GLY C 47 -22.39 36.90 -28.35
CA GLY C 47 -21.91 38.20 -27.89
C GLY C 47 -22.87 39.34 -28.22
N GLU C 48 -23.61 39.21 -29.33
CA GLU C 48 -24.50 40.29 -29.74
C GLU C 48 -25.70 40.45 -28.82
N LYS C 49 -26.13 39.36 -28.16
CA LYS C 49 -27.24 39.37 -27.22
C LYS C 49 -26.82 38.91 -25.81
N TRP C 50 -25.55 39.16 -25.44
CA TRP C 50 -24.98 38.53 -24.25
C TRP C 50 -25.81 38.82 -23.02
N GLU C 51 -26.12 40.10 -22.77
CA GLU C 51 -26.81 40.47 -21.55
C GLU C 51 -28.23 39.92 -21.50
N LYS C 52 -28.74 39.39 -22.60
CA LYS C 52 -30.02 38.68 -22.58
C LYS C 52 -29.88 37.18 -22.36
N VAL C 53 -28.67 36.64 -22.36
CA VAL C 53 -28.48 35.19 -22.26
C VAL C 53 -28.51 34.77 -20.79
N ASP C 54 -29.55 34.04 -20.39
CA ASP C 54 -29.59 33.42 -19.06
C ASP C 54 -28.62 32.25 -19.03
N PRO C 55 -27.62 32.24 -18.16
CA PRO C 55 -26.69 31.08 -18.10
C PRO C 55 -27.39 29.78 -17.73
N LEU C 56 -28.52 29.83 -17.05
CA LEU C 56 -29.32 28.65 -16.74
C LEU C 56 -30.47 28.44 -17.71
N GLY C 57 -30.51 29.19 -18.82
CA GLY C 57 -31.54 29.00 -19.83
C GLY C 57 -31.04 28.24 -21.06
N GLU C 58 -32.01 27.83 -21.89
CA GLU C 58 -31.74 26.97 -23.05
C GLU C 58 -30.68 27.53 -23.98
N GLU C 59 -30.53 28.85 -23.99
CA GLU C 59 -29.70 29.51 -25.01
C GLU C 59 -28.20 29.49 -24.67
N ASN C 60 -27.82 29.18 -23.44
CA ASN C 60 -26.40 29.10 -23.10
C ASN C 60 -25.75 27.93 -23.84
N LEU C 61 -24.44 28.04 -24.08
CA LEU C 61 -23.66 26.95 -24.69
C LEU C 61 -22.72 26.34 -23.66
N LEU C 62 -22.66 25.01 -23.60
CA LEU C 62 -21.73 24.31 -22.71
C LEU C 62 -20.66 23.69 -23.62
N LEU C 63 -19.43 24.19 -23.51
CA LEU C 63 -18.36 23.78 -24.41
C LEU C 63 -17.34 22.91 -23.68
N ILE C 64 -17.04 21.74 -24.26
CA ILE C 64 -16.05 20.81 -23.71
C ILE C 64 -14.90 20.73 -24.71
N LEU C 65 -13.75 21.26 -24.33
CA LEU C 65 -12.72 21.55 -25.32
C LEU C 65 -11.36 21.00 -24.90
N THR C 66 -10.47 20.93 -25.89
CA THR C 66 -9.06 20.55 -25.74
C THR C 66 -8.21 21.63 -26.43
N GLY C 67 -6.90 21.47 -26.38
CA GLY C 67 -6.01 22.24 -27.20
C GLY C 67 -4.94 21.36 -27.82
N PRO C 68 -4.02 21.94 -28.57
CA PRO C 68 -3.06 21.10 -29.31
C PRO C 68 -2.16 20.26 -28.40
N LEU C 69 -1.80 20.77 -27.21
CA LEU C 69 -0.95 19.99 -26.32
C LEU C 69 -1.69 18.86 -25.63
N THR C 70 -3.02 18.91 -25.59
CA THR C 70 -3.80 17.87 -24.91
C THR C 70 -3.58 16.50 -25.56
N GLY C 71 -3.02 15.58 -24.78
CA GLY C 71 -2.71 14.22 -25.18
C GLY C 71 -1.23 13.98 -25.40
N TYR C 72 -0.43 15.05 -25.54
CA TYR C 72 0.99 14.92 -25.80
C TYR C 72 1.85 15.43 -24.66
N TYR C 73 1.55 16.62 -24.15
CA TYR C 73 2.26 17.18 -23.01
C TYR C 73 1.96 16.34 -21.76
N PRO C 74 2.90 16.25 -20.81
CA PRO C 74 2.64 15.46 -19.59
C PRO C 74 1.38 15.91 -18.86
N GLY C 75 0.71 14.95 -18.23
CA GLY C 75 -0.50 15.24 -17.48
C GLY C 75 -1.71 15.28 -18.38
N MET C 76 -2.87 15.55 -17.79
CA MET C 76 -4.08 15.46 -18.59
C MET C 76 -5.10 16.45 -18.05
N LYS C 77 -5.62 17.33 -18.93
CA LYS C 77 -6.69 18.27 -18.59
C LYS C 77 -7.66 18.39 -19.77
N THR C 78 -8.97 18.46 -19.48
CA THR C 78 -10.01 18.89 -20.41
C THR C 78 -10.50 20.27 -19.97
N SER C 79 -10.75 21.15 -20.94
CA SER C 79 -11.30 22.48 -20.72
C SER C 79 -12.82 22.48 -20.72
N ILE C 80 -13.42 23.27 -19.82
CA ILE C 80 -14.86 23.52 -19.85
C ILE C 80 -15.12 25.02 -19.82
N VAL C 81 -15.97 25.50 -20.74
CA VAL C 81 -16.21 26.94 -20.93
C VAL C 81 -17.69 27.19 -21.18
N SER C 82 -18.25 28.26 -20.60
CA SER C 82 -19.66 28.58 -20.79
C SER C 82 -19.88 30.01 -20.29
N LYS C 83 -21.11 30.50 -20.44
CA LYS C 83 -21.47 31.70 -19.68
C LYS C 83 -21.71 31.32 -18.23
N SER C 84 -21.07 32.06 -17.32
CA SER C 84 -21.03 31.61 -15.94
C SER C 84 -22.24 32.08 -15.15
N PRO C 85 -22.96 31.18 -14.48
CA PRO C 85 -24.03 31.60 -13.55
C PRO C 85 -23.55 32.38 -12.34
N GLU C 86 -22.25 32.47 -12.12
CA GLU C 86 -21.77 33.23 -10.97
C GLU C 86 -21.47 34.67 -11.37
N SER C 87 -20.56 34.86 -12.33
CA SER C 87 -20.11 36.19 -12.73
C SER C 87 -20.89 36.76 -13.90
N ASN C 88 -21.64 35.93 -14.63
CA ASN C 88 -22.22 36.29 -15.93
C ASN C 88 -21.15 36.64 -16.95
N GLY C 89 -19.88 36.37 -16.67
CA GLY C 89 -18.84 36.34 -17.67
C GLY C 89 -18.52 34.93 -18.14
N VAL C 90 -17.24 34.70 -18.45
CA VAL C 90 -16.73 33.41 -18.90
C VAL C 90 -15.63 32.97 -17.93
N VAL C 91 -15.58 31.67 -17.62
CA VAL C 91 -14.49 31.09 -16.84
C VAL C 91 -13.84 29.98 -17.66
N GLY C 92 -12.53 30.08 -17.88
CA GLY C 92 -11.82 28.97 -18.48
C GLY C 92 -11.49 27.92 -17.43
N SER C 93 -12.38 26.97 -17.21
CA SER C 93 -12.18 25.95 -16.19
C SER C 93 -11.51 24.71 -16.79
N VAL C 94 -10.92 23.86 -15.92
CA VAL C 94 -10.30 22.62 -16.38
C VAL C 94 -10.47 21.56 -15.31
N LEU C 95 -10.41 20.30 -15.72
CA LEU C 95 -10.40 19.19 -14.78
C LEU C 95 -9.62 18.05 -15.41
N SER C 96 -9.00 17.20 -14.57
CA SER C 96 -8.09 16.15 -15.07
C SER C 96 -8.88 14.92 -15.52
N SER C 97 -9.78 15.15 -16.47
CA SER C 97 -10.51 14.06 -17.10
C SER C 97 -9.75 13.65 -18.34
N GLU C 98 -9.68 12.33 -18.61
CA GLU C 98 -9.22 11.84 -19.89
C GLU C 98 -10.26 12.01 -21.01
N LEU C 99 -11.40 12.65 -20.73
CA LEU C 99 -12.38 12.90 -21.78
C LEU C 99 -11.75 13.58 -22.99
N GLY C 100 -10.90 14.56 -22.74
CA GLY C 100 -10.21 15.22 -23.84
C GLY C 100 -9.35 14.26 -24.64
N LEU C 101 -8.61 13.38 -23.97
CA LEU C 101 -7.78 12.39 -24.66
C LEU C 101 -8.64 11.43 -25.48
N GLU C 102 -9.71 10.91 -24.86
CA GLU C 102 -10.55 9.97 -25.59
C GLU C 102 -11.21 10.67 -26.80
N LEU C 103 -11.63 11.94 -26.65
CA LEU C 103 -12.21 12.65 -27.80
C LEU C 103 -11.23 12.70 -28.95
N LYS C 104 -10.00 13.13 -28.68
CA LYS C 104 -9.01 13.27 -29.73
C LYS C 104 -8.68 11.93 -30.36
N ALA C 105 -8.66 10.85 -29.56
CA ALA C 105 -8.39 9.55 -30.16
C ALA C 105 -9.60 8.99 -30.91
N ALA C 106 -10.77 9.60 -30.74
CA ALA C 106 -11.96 9.21 -31.49
C ALA C 106 -12.17 10.11 -32.71
N GLY C 107 -11.39 11.17 -32.85
CA GLY C 107 -11.44 12.02 -34.02
C GLY C 107 -11.99 13.42 -33.82
N TYR C 108 -12.19 13.88 -32.57
CA TYR C 108 -12.78 15.20 -32.31
C TYR C 108 -11.90 16.00 -31.35
N ASP C 109 -12.01 17.33 -31.44
CA ASP C 109 -11.28 18.19 -30.49
C ASP C 109 -12.16 18.74 -29.38
N GLY C 110 -13.45 18.43 -29.37
CA GLY C 110 -14.33 19.01 -28.39
C GLY C 110 -15.78 18.92 -28.81
N ILE C 111 -16.63 19.49 -27.97
CA ILE C 111 -18.08 19.36 -28.07
C ILE C 111 -18.72 20.71 -27.78
N ILE C 112 -19.60 21.14 -28.67
CA ILE C 112 -20.50 22.25 -28.43
C ILE C 112 -21.84 21.64 -28.01
N ILE C 113 -22.31 21.96 -26.82
CA ILE C 113 -23.58 21.44 -26.33
C ILE C 113 -24.58 22.59 -26.22
N ARG C 114 -25.67 22.51 -26.99
CA ARG C 114 -26.69 23.55 -27.01
C ARG C 114 -28.05 22.97 -26.63
N GLY C 115 -28.95 23.88 -26.25
CA GLY C 115 -30.30 23.46 -25.99
C GLY C 115 -30.51 22.84 -24.63
N LYS C 116 -31.58 22.06 -24.55
CA LYS C 116 -31.94 21.43 -23.29
C LYS C 116 -32.73 20.19 -23.64
N ALA C 117 -32.37 19.05 -23.05
CA ALA C 117 -33.12 17.82 -23.27
C ALA C 117 -34.43 17.87 -22.51
N LYS C 118 -35.46 17.28 -23.10
CA LYS C 118 -36.78 17.26 -22.47
C LYS C 118 -36.76 16.52 -21.14
N SER C 119 -36.03 15.40 -21.07
CA SER C 119 -35.82 14.74 -19.78
C SER C 119 -34.34 14.33 -19.64
N PRO C 120 -33.88 13.85 -18.49
CA PRO C 120 -32.43 13.60 -18.31
C PRO C 120 -31.83 12.68 -19.36
N VAL C 121 -30.70 13.09 -19.91
CA VAL C 121 -29.97 12.31 -20.92
C VAL C 121 -28.50 12.24 -20.54
N TYR C 122 -27.77 11.32 -21.16
CA TYR C 122 -26.32 11.39 -21.18
C TYR C 122 -25.86 11.28 -22.62
N LEU C 123 -24.65 11.78 -22.87
CA LEU C 123 -24.06 11.80 -24.20
C LEU C 123 -22.99 10.72 -24.28
N PHE C 124 -23.05 9.91 -25.34
CA PHE C 124 -22.21 8.72 -25.48
C PHE C 124 -21.40 8.85 -26.77
N ILE C 125 -20.08 8.82 -26.65
CA ILE C 125 -19.19 8.95 -27.80
C ILE C 125 -18.27 7.73 -27.82
N HIS C 126 -18.31 6.96 -28.90
CA HIS C 126 -17.40 5.82 -29.04
C HIS C 126 -16.94 5.83 -30.48
N ASN C 127 -15.71 6.30 -30.70
CA ASN C 127 -15.18 6.45 -32.06
C ASN C 127 -16.18 7.22 -32.92
N ASP C 128 -16.70 6.61 -34.00
CA ASP C 128 -17.66 7.31 -34.88
C ASP C 128 -19.08 7.38 -34.34
N THR C 129 -19.42 6.58 -33.35
CA THR C 129 -20.77 6.55 -32.79
C THR C 129 -20.96 7.67 -31.78
N VAL C 130 -21.95 8.53 -32.01
CA VAL C 130 -22.35 9.58 -31.06
C VAL C 130 -23.86 9.49 -30.83
N GLU C 131 -24.28 9.26 -29.57
CA GLU C 131 -25.68 9.08 -29.24
C GLU C 131 -26.10 9.90 -28.02
N ILE C 132 -27.29 10.48 -28.09
CA ILE C 132 -27.95 11.03 -26.92
C ILE C 132 -28.83 9.94 -26.32
N ARG C 133 -28.58 9.58 -25.06
CA ARG C 133 -29.26 8.44 -24.47
C ARG C 133 -30.01 8.84 -23.22
N ASP C 134 -31.09 8.11 -22.93
CA ASP C 134 -31.87 8.32 -21.72
C ASP C 134 -31.00 8.14 -20.47
N ALA C 135 -31.09 9.08 -19.52
CA ALA C 135 -30.37 8.98 -18.25
C ALA C 135 -31.29 9.04 -17.04
N THR C 136 -32.58 8.77 -17.24
CA THR C 136 -33.55 8.88 -16.16
C THR C 136 -33.19 8.01 -14.97
N LYS C 137 -32.62 6.82 -15.21
CA LYS C 137 -32.31 5.92 -14.11
C LYS C 137 -31.15 6.42 -13.26
N TYR C 138 -30.31 7.28 -13.81
CA TYR C 138 -29.12 7.74 -13.12
C TYR C 138 -29.29 9.12 -12.50
N TRP C 139 -30.37 9.83 -12.81
CA TRP C 139 -30.59 11.15 -12.25
C TRP C 139 -30.72 11.04 -10.74
N GLY C 140 -29.90 11.78 -10.01
CA GLY C 140 -29.88 11.71 -8.57
C GLY C 140 -28.70 10.97 -8.00
N MET C 141 -27.96 10.22 -8.82
CA MET C 141 -26.81 9.45 -8.31
C MET C 141 -25.61 10.37 -8.07
N GLY C 142 -24.89 10.12 -6.96
CA GLY C 142 -23.57 10.67 -6.78
C GLY C 142 -22.52 9.91 -7.60
N GLY C 143 -21.28 10.41 -7.54
CA GLY C 143 -20.24 9.86 -8.41
C GLY C 143 -19.92 8.39 -8.16
N ILE C 144 -19.84 7.98 -6.89
CA ILE C 144 -19.52 6.56 -6.59
C ILE C 144 -20.54 5.64 -7.25
N GLU C 145 -21.83 5.92 -7.06
CA GLU C 145 -22.83 5.05 -7.65
C GLU C 145 -22.83 5.12 -9.18
N LEU C 146 -22.51 6.30 -9.71
CA LEU C 146 -22.51 6.50 -11.14
C LEU C 146 -21.39 5.69 -11.81
N TYR C 147 -20.20 5.64 -11.20
CA TYR C 147 -19.13 4.77 -11.73
C TYR C 147 -19.51 3.30 -11.65
N LYS C 148 -20.15 2.89 -10.54
CA LYS C 148 -20.48 1.48 -10.37
C LYS C 148 -21.66 1.03 -11.25
N THR C 149 -22.47 1.96 -11.76
CA THR C 149 -23.64 1.60 -12.57
C THR C 149 -23.44 2.07 -14.00
N LEU C 150 -23.78 3.32 -14.36
CA LEU C 150 -23.70 3.79 -15.73
C LEU C 150 -22.34 3.48 -16.39
N LEU C 151 -21.23 3.87 -15.76
CA LEU C 151 -19.94 3.75 -16.43
C LEU C 151 -19.53 2.29 -16.58
N LYS C 152 -19.78 1.47 -15.56
CA LYS C 152 -19.49 0.05 -15.68
C LYS C 152 -20.34 -0.56 -16.79
N GLU C 153 -21.63 -0.20 -16.85
CA GLU C 153 -22.53 -0.73 -17.86
C GLU C 153 -22.11 -0.29 -19.26
N VAL C 154 -21.70 0.98 -19.43
CA VAL C 154 -21.25 1.38 -20.75
C VAL C 154 -19.97 0.65 -21.13
N HIS C 155 -19.07 0.41 -20.16
CA HIS C 155 -17.86 -0.35 -20.48
C HIS C 155 -18.19 -1.78 -20.90
N GLU C 156 -19.12 -2.42 -20.19
CA GLU C 156 -19.52 -3.78 -20.57
C GLU C 156 -20.15 -3.80 -21.94
N GLU C 157 -20.99 -2.80 -22.26
CA GLU C 157 -21.58 -2.70 -23.59
C GLU C 157 -20.49 -2.63 -24.67
N ILE C 158 -19.52 -1.73 -24.49
CA ILE C 158 -18.39 -1.61 -25.40
C ILE C 158 -17.64 -2.93 -25.49
N ARG C 159 -17.36 -3.56 -24.34
CA ARG C 159 -16.57 -4.79 -24.35
C ARG C 159 -17.24 -5.86 -25.21
N LYS C 160 -18.56 -6.02 -25.07
CA LYS C 160 -19.25 -7.06 -25.83
C LYS C 160 -19.27 -6.76 -27.33
N LYS C 161 -19.51 -5.52 -27.71
CA LYS C 161 -19.41 -5.14 -29.12
C LYS C 161 -18.03 -5.38 -29.68
N GLU C 162 -16.98 -5.06 -28.93
CA GLU C 162 -15.64 -5.09 -29.47
C GLU C 162 -14.95 -6.41 -29.22
N LYS C 163 -15.73 -7.46 -28.94
CA LYS C 163 -15.17 -8.71 -28.42
C LYS C 163 -14.02 -9.25 -29.27
N LEU C 164 -14.13 -9.13 -30.58
CA LEU C 164 -13.10 -9.72 -31.46
C LEU C 164 -11.90 -8.78 -31.64
N LYS C 165 -11.91 -7.63 -30.99
CA LYS C 165 -10.78 -6.69 -31.04
C LYS C 165 -10.01 -6.59 -29.73
N GLY C 166 -10.38 -7.38 -28.71
CA GLY C 166 -9.79 -7.31 -27.38
C GLY C 166 -10.64 -6.46 -26.45
N VAL C 167 -10.15 -6.29 -25.22
CA VAL C 167 -10.89 -5.60 -24.18
C VAL C 167 -10.48 -4.13 -24.18
N PRO C 168 -11.38 -3.18 -24.48
CA PRO C 168 -11.01 -1.76 -24.44
C PRO C 168 -10.77 -1.30 -23.00
N LYS C 169 -9.88 -0.33 -22.85
CA LYS C 169 -9.76 0.37 -21.56
C LYS C 169 -11.09 1.04 -21.23
N GLU C 170 -11.18 1.60 -20.04
CA GLU C 170 -12.44 2.18 -19.61
C GLU C 170 -12.70 3.51 -20.34
N PRO C 171 -13.96 3.84 -20.62
CA PRO C 171 -14.28 5.18 -21.14
C PRO C 171 -14.06 6.24 -20.07
N ALA C 172 -13.91 7.48 -20.51
CA ALA C 172 -13.81 8.61 -19.60
C ALA C 172 -15.20 9.19 -19.37
N MET C 173 -15.41 9.81 -18.20
CA MET C 173 -16.74 10.32 -17.87
C MET C 173 -16.63 11.63 -17.10
N ILE C 174 -17.37 12.68 -17.53
CA ILE C 174 -17.63 13.85 -16.70
C ILE C 174 -19.12 13.84 -16.35
N TYR C 175 -19.46 14.35 -15.18
CA TYR C 175 -20.81 14.20 -14.67
C TYR C 175 -21.10 15.30 -13.64
N ILE C 176 -22.40 15.42 -13.31
CA ILE C 176 -22.87 16.29 -12.23
C ILE C 176 -23.49 15.44 -11.13
N GLY C 177 -23.49 16.01 -9.92
CA GLY C 177 -24.20 15.46 -8.80
C GLY C 177 -25.53 16.17 -8.58
N LYS C 178 -26.16 15.87 -7.45
CA LYS C 178 -27.47 16.47 -7.20
C LYS C 178 -27.41 17.99 -7.17
N GLY C 179 -26.27 18.57 -6.81
CA GLY C 179 -26.16 20.03 -6.80
C GLY C 179 -26.32 20.65 -8.18
N GLY C 180 -25.71 20.05 -9.20
CA GLY C 180 -25.92 20.52 -10.56
C GLY C 180 -27.33 20.24 -11.05
N GLU C 181 -27.82 19.02 -10.81
CA GLU C 181 -29.18 18.66 -11.18
C GLU C 181 -30.19 19.68 -10.66
N ASN C 182 -29.97 20.25 -9.46
CA ASN C 182 -30.90 21.20 -8.87
C ASN C 182 -30.46 22.64 -9.12
N LYS C 183 -29.52 22.86 -10.04
CA LYS C 183 -29.13 24.20 -10.48
C LYS C 183 -28.65 25.10 -9.35
N VAL C 184 -27.92 24.53 -8.38
CA VAL C 184 -27.18 25.35 -7.44
C VAL C 184 -26.12 26.12 -8.19
N ARG C 185 -26.05 27.43 -7.95
CA ARG C 185 -25.30 28.28 -8.87
C ARG C 185 -23.79 28.05 -8.80
N PHE C 186 -23.29 27.38 -7.75
CA PHE C 186 -21.88 27.05 -7.65
C PHE C 186 -21.66 25.55 -7.76
N ALA C 187 -22.59 24.82 -8.38
CA ALA C 187 -22.36 23.41 -8.65
C ALA C 187 -21.24 23.25 -9.67
N ALA C 188 -20.51 22.14 -9.55
CA ALA C 188 -19.35 21.86 -10.38
C ALA C 188 -19.65 20.70 -11.32
N ILE C 189 -18.77 20.50 -12.30
CA ILE C 189 -18.74 19.32 -13.15
C ILE C 189 -17.60 18.45 -12.64
N MET C 190 -17.86 17.17 -12.43
CA MET C 190 -16.94 16.28 -11.74
C MET C 190 -16.36 15.23 -12.67
N THR C 191 -15.22 14.66 -12.26
CA THR C 191 -14.74 13.42 -12.86
C THR C 191 -13.95 12.63 -11.81
N LYS C 192 -14.05 11.30 -11.88
CA LYS C 192 -13.30 10.38 -11.00
C LYS C 192 -13.41 10.75 -9.52
N LEU C 193 -14.65 11.07 -9.08
CA LEU C 193 -15.07 11.29 -7.71
C LEU C 193 -14.63 12.65 -7.17
N MET C 194 -13.37 13.01 -7.38
CA MET C 194 -12.77 14.10 -6.61
C MET C 194 -12.03 15.14 -7.46
N HIS C 195 -12.18 15.11 -8.78
CA HIS C 195 -11.64 16.12 -9.68
C HIS C 195 -12.80 16.99 -10.15
N ALA C 196 -12.55 18.28 -10.36
CA ALA C 196 -13.69 19.15 -10.65
C ALA C 196 -13.33 20.24 -11.65
N ALA C 197 -14.29 20.63 -12.48
CA ALA C 197 -14.27 21.95 -13.11
C ALA C 197 -14.90 22.89 -12.09
N GLY C 198 -14.04 23.47 -11.25
CA GLY C 198 -14.48 24.01 -9.97
C GLY C 198 -15.15 25.37 -10.06
N TYR C 199 -14.46 26.34 -10.62
CA TYR C 199 -14.99 27.71 -10.65
C TYR C 199 -15.97 27.90 -11.82
N GLY C 200 -16.98 28.75 -11.60
CA GLY C 200 -17.85 29.22 -12.66
C GLY C 200 -19.29 28.74 -12.59
N GLY C 201 -19.58 27.67 -11.85
CA GLY C 201 -20.94 27.19 -11.76
C GLY C 201 -21.39 26.34 -12.92
N TYR C 202 -20.45 25.70 -13.63
CA TYR C 202 -20.79 24.96 -14.82
C TYR C 202 -21.59 23.69 -14.52
N GLY C 203 -21.61 23.24 -13.26
CA GLY C 203 -22.49 22.13 -12.91
C GLY C 203 -23.96 22.50 -13.08
N ALA C 204 -24.33 23.75 -12.75
CA ALA C 204 -25.71 24.20 -12.92
C ALA C 204 -26.06 24.42 -14.39
N VAL C 205 -25.10 24.88 -15.19
CA VAL C 205 -25.34 24.96 -16.63
C VAL C 205 -25.66 23.57 -17.18
N MET C 206 -24.82 22.56 -16.83
CA MET C 206 -25.04 21.18 -17.27
C MET C 206 -26.38 20.63 -16.77
N GLY C 207 -26.67 20.82 -15.50
CA GLY C 207 -27.96 20.35 -15.00
C GLY C 207 -29.15 21.04 -15.67
N SER C 208 -29.01 22.36 -15.95
CA SER C 208 -30.07 23.13 -16.61
C SER C 208 -30.39 22.59 -18.00
N LYS C 209 -29.46 21.84 -18.61
CA LYS C 209 -29.69 21.20 -19.88
C LYS C 209 -30.18 19.76 -19.76
N ASN C 210 -30.45 19.30 -18.54
CA ASN C 210 -30.87 17.93 -18.30
C ASN C 210 -29.79 16.92 -18.71
N LEU C 211 -28.52 17.32 -18.67
CA LEU C 211 -27.41 16.47 -19.10
C LEU C 211 -26.70 15.89 -17.86
N LYS C 212 -26.79 14.58 -17.66
CA LYS C 212 -26.28 13.97 -16.44
C LYS C 212 -24.78 13.71 -16.56
N ALA C 213 -24.31 13.37 -17.76
CA ALA C 213 -22.95 12.87 -17.94
C ALA C 213 -22.61 12.91 -19.42
N VAL C 214 -21.32 13.01 -19.70
CA VAL C 214 -20.74 12.80 -21.03
C VAL C 214 -19.72 11.68 -20.90
N ILE C 215 -19.84 10.63 -21.72
CA ILE C 215 -18.96 9.47 -21.65
C ILE C 215 -18.29 9.28 -23.00
N ALA C 216 -16.96 9.20 -23.02
CA ALA C 216 -16.29 9.14 -24.32
C ALA C 216 -15.22 8.07 -24.34
N LYS C 217 -15.13 7.34 -25.47
CA LYS C 217 -14.09 6.33 -25.66
C LYS C 217 -13.57 6.40 -27.09
N GLY C 218 -12.26 6.53 -27.25
CA GLY C 218 -11.66 6.47 -28.58
C GLY C 218 -10.55 5.44 -28.60
N SER C 219 -10.37 4.78 -29.77
CA SER C 219 -9.28 3.80 -29.83
C SER C 219 -8.33 4.03 -30.99
N GLY C 220 -8.38 5.18 -31.65
CA GLY C 220 -7.43 5.50 -32.69
C GLY C 220 -6.22 6.24 -32.13
N PRO C 221 -5.29 6.60 -32.99
CA PRO C 221 -4.13 7.38 -32.55
C PRO C 221 -4.48 8.87 -32.40
N LEU C 222 -3.67 9.59 -31.62
CA LEU C 222 -3.80 11.03 -31.61
C LEU C 222 -3.43 11.57 -32.99
N PRO C 223 -3.79 12.81 -33.28
CA PRO C 223 -3.37 13.42 -34.56
C PRO C 223 -1.87 13.35 -34.76
N GLU C 224 -1.47 13.37 -36.03
CA GLU C 224 -0.05 13.46 -36.37
C GLU C 224 0.58 14.69 -35.74
N VAL C 225 1.88 14.61 -35.47
CA VAL C 225 2.58 15.79 -34.99
C VAL C 225 3.63 16.24 -35.99
N TYR C 226 3.86 17.55 -36.01
CA TYR C 226 4.76 18.18 -36.96
C TYR C 226 6.20 17.72 -36.80
N ASP C 227 6.75 17.74 -35.58
CA ASP C 227 8.15 17.35 -35.36
C ASP C 227 8.22 16.28 -34.25
N LYS C 228 8.06 15.01 -34.64
CA LYS C 228 7.98 13.96 -33.62
C LYS C 228 9.30 13.75 -32.89
N GLU C 229 10.45 13.88 -33.56
CA GLU C 229 11.70 13.65 -32.83
C GLU C 229 11.95 14.73 -31.80
N LYS C 230 11.64 16.00 -32.12
CA LYS C 230 11.79 17.06 -31.13
C LYS C 230 10.84 16.82 -29.97
N MET C 231 9.60 16.42 -30.29
CA MET C 231 8.62 16.14 -29.23
C MET C 231 9.16 15.10 -28.25
N LYS C 232 9.74 14.00 -28.75
CA LYS C 232 10.22 12.96 -27.85
C LYS C 232 11.39 13.45 -27.00
N VAL C 233 12.30 14.22 -27.59
CA VAL C 233 13.42 14.76 -26.82
C VAL C 233 12.91 15.66 -25.70
N LEU C 234 12.00 16.59 -26.02
CA LEU C 234 11.47 17.47 -25.00
C LEU C 234 10.71 16.69 -23.93
N LEU C 235 9.95 15.67 -24.35
CA LEU C 235 9.21 14.86 -23.40
C LEU C 235 10.13 14.24 -22.35
N ARG C 236 11.24 13.59 -22.78
CA ARG C 236 12.19 13.02 -21.82
C ARG C 236 12.72 14.10 -20.88
N GLU C 237 13.03 15.28 -21.43
CA GLU C 237 13.54 16.38 -20.64
C GLU C 237 12.51 16.83 -19.61
N PHE C 238 11.24 16.91 -20.01
CA PHE C 238 10.19 17.33 -19.09
C PHE C 238 9.97 16.29 -17.99
N TRP C 239 9.94 15.00 -18.34
CA TRP C 239 9.80 13.97 -17.33
C TRP C 239 10.89 14.08 -16.28
N LYS C 240 12.15 14.18 -16.71
CA LYS C 240 13.24 14.16 -15.76
C LYS C 240 13.16 15.33 -14.78
N GLU C 241 12.81 16.53 -15.28
CA GLU C 241 12.62 17.68 -14.38
C GLU C 241 11.46 17.46 -13.43
N LEU C 242 10.35 16.92 -13.96
CA LEU C 242 9.15 16.82 -13.12
C LEU C 242 9.31 15.74 -12.06
N PHE C 243 10.07 14.67 -12.34
CA PHE C 243 10.28 13.61 -11.36
C PHE C 243 10.96 14.17 -10.11
N SER C 244 11.70 15.26 -10.24
CA SER C 244 12.55 15.74 -9.15
C SER C 244 11.81 16.62 -8.14
N MET C 245 10.52 16.90 -8.33
CA MET C 245 9.75 17.72 -7.37
C MET C 245 9.30 16.85 -6.19
N THR C 246 10.27 16.53 -5.34
CA THR C 246 10.07 15.44 -4.38
C THR C 246 8.86 15.68 -3.48
N THR C 247 8.78 16.84 -2.80
CA THR C 247 7.71 16.96 -1.81
C THR C 247 6.35 17.14 -2.47
N PHE C 248 6.27 17.79 -3.65
CA PHE C 248 4.97 17.91 -4.30
C PHE C 248 4.44 16.54 -4.77
N ARG C 249 5.33 15.62 -5.16
CA ARG C 249 4.85 14.30 -5.57
C ARG C 249 4.40 13.48 -4.34
N GLU C 250 5.11 13.64 -3.21
CA GLU C 250 4.78 12.89 -1.98
C GLU C 250 3.54 13.45 -1.30
N TRP C 251 3.33 14.78 -1.32
CA TRP C 251 2.26 15.39 -0.55
C TRP C 251 1.21 16.12 -1.38
N GLY C 252 1.49 16.43 -2.65
CA GLY C 252 0.51 17.21 -3.43
C GLY C 252 0.29 18.56 -2.77
N THR C 253 -0.96 19.00 -2.77
CA THR C 253 -1.30 20.23 -2.07
C THR C 253 -1.70 19.95 -0.62
N GLY C 254 -1.47 18.74 -0.12
CA GLY C 254 -1.96 18.37 1.20
C GLY C 254 -1.24 19.04 2.35
N ALA C 255 -0.04 19.59 2.12
CA ALA C 255 0.61 20.34 3.18
C ALA C 255 0.06 21.76 3.29
N GLY C 256 -0.85 22.15 2.38
CA GLY C 256 -1.35 23.50 2.40
C GLY C 256 -2.20 23.80 3.62
N GLY C 257 -2.99 22.84 4.10
CA GLY C 257 -3.94 23.16 5.15
C GLY C 257 -3.26 23.77 6.37
N TYR C 258 -2.07 23.28 6.69
CA TYR C 258 -1.23 23.86 7.74
C TYR C 258 -0.38 25.02 7.23
N SER C 259 0.34 24.81 6.12
CA SER C 259 1.38 25.75 5.71
C SER C 259 0.83 27.11 5.34
N VAL C 260 -0.31 27.18 4.61
CA VAL C 260 -0.73 28.50 4.10
C VAL C 260 -1.11 29.42 5.26
N GLY C 261 -1.82 28.89 6.25
CA GLY C 261 -2.18 29.71 7.39
C GLY C 261 -0.99 30.00 8.28
N HIS C 262 -0.21 28.96 8.60
CA HIS C 262 0.87 29.15 9.57
C HIS C 262 2.06 29.90 8.96
N ASP C 263 2.46 29.57 7.74
CA ASP C 263 3.67 30.17 7.19
C ASP C 263 3.41 31.45 6.43
N ARG C 264 2.24 31.59 5.83
CA ARG C 264 1.98 32.75 4.97
C ARG C 264 0.83 33.62 5.46
N SER C 265 0.14 33.22 6.52
CA SER C 265 -0.94 34.04 7.08
C SER C 265 -1.93 34.49 6.01
N SER C 266 -2.34 33.56 5.14
CA SER C 266 -3.20 33.93 4.02
C SER C 266 -4.27 32.86 3.75
N GLU C 267 -4.68 32.12 4.80
CA GLU C 267 -5.66 31.05 4.74
C GLU C 267 -6.99 31.49 5.36
N PRO C 268 -8.14 31.35 4.71
CA PRO C 268 -9.40 31.80 5.36
C PRO C 268 -9.69 31.02 6.62
N ILE C 269 -9.92 31.74 7.72
CA ILE C 269 -10.31 31.11 8.98
C ILE C 269 -11.58 31.80 9.47
N ARG C 270 -12.65 31.03 9.63
CA ARG C 270 -13.97 31.54 10.01
C ARG C 270 -14.41 32.71 9.13
N ASN C 271 -14.62 32.40 7.84
CA ASN C 271 -15.00 33.40 6.82
C ASN C 271 -14.00 34.54 6.77
N TRP C 272 -12.71 34.21 6.78
CA TRP C 272 -11.64 35.19 6.63
C TRP C 272 -11.53 36.14 7.83
N GLN C 273 -12.19 35.84 8.95
CA GLN C 273 -12.02 36.72 10.12
C GLN C 273 -10.59 36.68 10.63
N GLU C 274 -9.92 35.53 10.52
CA GLU C 274 -8.48 35.44 10.69
C GLU C 274 -7.86 34.78 9.45
N GLU C 275 -6.55 34.92 9.30
CA GLU C 275 -5.88 34.25 8.20
C GLU C 275 -4.67 33.45 8.65
N TYR C 276 -4.39 33.42 9.96
CA TYR C 276 -3.25 32.74 10.57
C TYR C 276 -3.75 31.70 11.57
N HIS C 277 -3.08 30.56 11.64
CA HIS C 277 -3.32 29.61 12.73
C HIS C 277 -2.04 28.84 13.03
N ASP C 278 -2.05 28.16 14.17
CA ASP C 278 -0.92 27.39 14.67
C ASP C 278 -1.29 25.92 14.90
N ASN C 279 -2.37 25.44 14.31
CA ASN C 279 -2.97 24.19 14.76
C ASN C 279 -2.40 23.03 13.95
N GLU C 280 -1.64 22.14 14.61
CA GLU C 280 -0.94 21.06 13.92
C GLU C 280 -1.80 19.87 13.57
N GLU C 281 -3.03 19.78 14.10
CA GLU C 281 -3.89 18.67 13.72
C GLU C 281 -4.06 18.57 12.21
N ILE C 282 -4.03 19.71 11.50
CA ILE C 282 -4.31 19.70 10.06
C ILE C 282 -3.06 19.44 9.22
N SER C 283 -1.90 19.25 9.83
CA SER C 283 -0.70 18.87 9.09
C SER C 283 -0.94 17.62 8.22
N VAL C 284 -0.28 17.62 7.04
CA VAL C 284 -0.33 16.45 6.16
C VAL C 284 0.08 15.14 6.87
N VAL C 285 0.94 15.21 7.91
CA VAL C 285 1.37 13.97 8.58
C VAL C 285 0.15 13.22 9.12
N ASN C 286 -0.85 13.97 9.60
CA ASN C 286 -2.07 13.36 10.13
C ASN C 286 -3.03 12.93 9.03
N PHE C 287 -3.17 13.71 7.95
CA PHE C 287 -3.99 13.22 6.85
C PHE C 287 -3.43 11.90 6.33
N GLU C 288 -2.11 11.80 6.21
CA GLU C 288 -1.51 10.59 5.66
C GLU C 288 -1.72 9.41 6.60
N ASN C 289 -1.33 9.56 7.87
CA ASN C 289 -1.41 8.42 8.78
C ASN C 289 -2.85 8.06 9.12
N ARG C 290 -3.76 9.03 9.19
CA ARG C 290 -5.13 8.70 9.57
C ARG C 290 -6.02 8.36 8.40
N THR C 291 -5.72 8.81 7.16
CA THR C 291 -6.74 8.68 6.11
C THR C 291 -6.25 8.24 4.74
N TRP C 292 -4.97 8.34 4.38
CA TRP C 292 -4.57 8.11 2.99
C TRP C 292 -4.47 6.61 2.74
N ILE C 293 -5.29 6.11 1.82
CA ILE C 293 -5.19 4.71 1.38
C ILE C 293 -4.47 4.57 0.06
N LYS C 294 -4.19 5.67 -0.64
CA LYS C 294 -3.41 5.64 -1.88
C LYS C 294 -2.56 6.89 -1.90
N LYS C 295 -1.24 6.75 -1.78
CA LYS C 295 -0.37 7.93 -1.66
C LYS C 295 0.05 8.51 -3.02
N TYR C 296 0.04 7.72 -4.10
CA TYR C 296 0.54 8.17 -5.41
C TYR C 296 -0.54 7.85 -6.45
N TRP C 297 -1.28 8.85 -6.89
CA TRP C 297 -2.31 8.65 -7.92
C TRP C 297 -2.11 9.72 -8.98
N ALA C 298 -2.41 9.37 -10.23
CA ALA C 298 -1.99 10.19 -11.36
C ALA C 298 -3.01 10.13 -12.47
N ASP C 299 -3.05 11.19 -13.27
CA ASP C 299 -3.86 11.28 -14.48
C ASP C 299 -2.99 10.90 -15.67
N TYR C 300 -3.61 10.82 -16.87
CA TYR C 300 -2.95 10.18 -18.02
C TYR C 300 -1.61 10.85 -18.32
N GLY C 301 -0.55 10.02 -18.39
CA GLY C 301 0.77 10.49 -18.77
C GLY C 301 1.44 11.43 -17.78
N CYS C 302 1.13 11.32 -16.47
CA CYS C 302 1.61 12.35 -15.54
C CYS C 302 2.77 11.84 -14.70
N PRO C 303 3.96 12.43 -14.84
CA PRO C 303 5.08 12.06 -13.95
C PRO C 303 5.02 12.67 -12.55
N VAL C 304 4.04 13.53 -12.27
CA VAL C 304 4.00 14.20 -10.98
C VAL C 304 3.21 13.39 -9.95
N ASN C 305 2.09 12.79 -10.36
CA ASN C 305 1.25 12.00 -9.44
C ASN C 305 0.96 12.77 -8.14
N CYS C 306 0.45 14.01 -8.29
CA CYS C 306 0.18 14.84 -7.11
C CYS C 306 -1.03 14.36 -6.33
N MET C 307 -1.84 13.46 -6.88
CA MET C 307 -3.10 13.11 -6.26
C MET C 307 -2.89 12.03 -5.20
N LYS C 308 -3.85 11.98 -4.26
CA LYS C 308 -3.90 11.01 -3.16
C LYS C 308 -5.37 10.67 -2.99
N ILE C 309 -5.63 9.58 -2.29
CA ILE C 309 -7.01 9.19 -1.99
C ILE C 309 -7.12 8.97 -0.49
N SER C 310 -8.04 9.70 0.16
CA SER C 310 -8.29 9.56 1.59
C SER C 310 -9.57 8.76 1.78
N TYR C 311 -9.61 7.92 2.81
CA TYR C 311 -10.78 7.08 3.00
C TYR C 311 -10.93 6.76 4.48
N LEU C 312 -12.14 6.88 5.00
CA LEU C 312 -12.39 6.67 6.42
C LEU C 312 -13.01 5.28 6.63
N ARG C 313 -12.32 4.44 7.40
CA ARG C 313 -12.87 3.13 7.77
C ARG C 313 -13.49 3.13 9.18
N TYR C 314 -13.49 4.25 9.87
CA TYR C 314 -13.84 4.32 11.28
C TYR C 314 -14.66 5.58 11.53
N GLY C 315 -15.30 5.63 12.70
CA GLY C 315 -15.97 6.82 13.17
C GLY C 315 -17.31 7.03 12.48
N PRO C 316 -18.00 8.11 12.85
CA PRO C 316 -19.35 8.35 12.30
C PRO C 316 -19.33 8.60 10.80
N TYR C 317 -18.21 9.05 10.24
CA TYR C 317 -18.17 9.34 8.82
C TYR C 317 -17.48 8.24 8.02
N LYS C 318 -17.43 7.01 8.57
CA LYS C 318 -16.96 5.82 7.84
C LYS C 318 -17.63 5.69 6.47
N GLY C 319 -16.80 5.42 5.45
CA GLY C 319 -17.22 5.41 4.07
C GLY C 319 -16.91 6.69 3.27
N SER C 320 -16.54 7.77 3.92
CA SER C 320 -16.22 9.01 3.21
C SER C 320 -14.93 8.84 2.41
N ILE C 321 -14.93 9.28 1.16
CA ILE C 321 -13.76 9.18 0.28
C ILE C 321 -13.50 10.55 -0.36
N SER C 322 -12.24 10.98 -0.36
CA SER C 322 -11.86 12.23 -1.06
C SER C 322 -10.40 12.13 -1.49
N ASP C 323 -9.74 13.26 -1.76
CA ASP C 323 -8.36 13.24 -2.22
C ASP C 323 -7.47 13.65 -1.04
N ALA C 324 -6.47 14.51 -1.20
CA ALA C 324 -5.52 14.68 -0.09
C ALA C 324 -6.16 15.12 1.23
N PRO C 325 -7.29 15.85 1.29
CA PRO C 325 -8.08 16.51 0.24
C PRO C 325 -7.29 17.70 -0.32
N ASP C 326 -7.67 18.24 -1.49
CA ASP C 326 -6.99 19.41 -2.05
C ASP C 326 -6.90 20.49 -1.00
N TYR C 327 -5.82 21.28 -1.06
CA TYR C 327 -5.66 22.36 -0.10
C TYR C 327 -6.90 23.26 -0.05
N GLU C 328 -7.52 23.55 -1.21
CA GLU C 328 -8.64 24.50 -1.19
C GLU C 328 -9.82 23.93 -0.41
N LEU C 329 -9.98 22.60 -0.40
CA LEU C 329 -10.97 21.94 0.45
C LEU C 329 -10.54 21.91 1.92
N GLN C 330 -9.27 21.61 2.22
CA GLN C 330 -8.81 21.73 3.60
C GLN C 330 -9.09 23.11 4.18
N ALA C 331 -8.97 24.14 3.34
CA ALA C 331 -9.21 25.52 3.77
C ALA C 331 -10.71 25.82 3.77
N TYR C 332 -11.37 25.71 2.61
CA TYR C 332 -12.72 26.21 2.54
C TYR C 332 -13.75 25.28 3.17
N MET C 333 -13.53 23.95 3.19
CA MET C 333 -14.41 23.05 3.92
C MET C 333 -13.83 22.67 5.30
N GLY C 334 -12.79 23.37 5.74
CA GLY C 334 -12.13 23.11 7.01
C GLY C 334 -11.86 24.37 7.79
N THR C 335 -10.68 24.95 7.64
CA THR C 335 -10.35 26.06 8.51
C THR C 335 -11.34 27.21 8.36
N ASN C 336 -11.87 27.43 7.15
CA ASN C 336 -12.87 28.49 6.93
C ASN C 336 -14.11 28.28 7.77
N LEU C 337 -14.40 27.03 8.16
CA LEU C 337 -15.56 26.67 8.97
C LEU C 337 -15.18 26.43 10.41
N GLY C 338 -13.93 26.74 10.78
CA GLY C 338 -13.45 26.50 12.10
C GLY C 338 -13.13 25.04 12.38
N ILE C 339 -12.89 24.24 11.35
CA ILE C 339 -12.63 22.79 11.48
C ILE C 339 -11.19 22.49 11.11
N PHE C 340 -10.47 21.77 11.99
CA PHE C 340 -9.06 21.43 11.76
C PHE C 340 -8.77 19.93 11.75
N GLU C 341 -9.75 19.10 12.03
CA GLU C 341 -9.49 17.66 12.24
C GLU C 341 -9.58 16.93 10.90
N PRO C 342 -8.50 16.25 10.44
CA PRO C 342 -8.56 15.50 9.17
C PRO C 342 -9.83 14.68 8.97
N GLU C 343 -10.29 13.95 9.98
CA GLU C 343 -11.46 13.10 9.78
C GLU C 343 -12.67 13.93 9.38
N LYS C 344 -12.88 15.08 10.05
CA LYS C 344 -14.00 15.94 9.73
C LYS C 344 -13.85 16.56 8.34
N ILE C 345 -12.62 16.92 7.97
CA ILE C 345 -12.40 17.55 6.67
C ILE C 345 -12.62 16.56 5.53
N VAL C 346 -12.15 15.32 5.70
CA VAL C 346 -12.40 14.30 4.69
C VAL C 346 -13.89 14.06 4.54
N TYR C 347 -14.62 14.09 5.66
CA TYR C 347 -16.07 13.93 5.58
C TYR C 347 -16.72 15.04 4.73
N LEU C 348 -16.39 16.31 5.01
CA LEU C 348 -17.09 17.40 4.31
C LEU C 348 -16.62 17.52 2.86
N SER C 349 -15.34 17.25 2.60
CA SER C 349 -14.85 17.18 1.23
C SER C 349 -15.59 16.11 0.44
N TYR C 350 -15.77 14.94 1.05
CA TYR C 350 -16.53 13.88 0.40
C TYR C 350 -17.94 14.35 0.06
N LEU C 351 -18.59 15.07 0.98
CA LEU C 351 -19.97 15.50 0.71
C LEU C 351 -20.03 16.42 -0.51
N VAL C 352 -19.18 17.44 -0.57
CA VAL C 352 -19.27 18.32 -1.73
C VAL C 352 -18.89 17.59 -3.00
N ASP C 353 -17.93 16.64 -2.93
CA ASP C 353 -17.58 15.86 -4.10
C ASP C 353 -18.77 15.02 -4.58
N GLU C 354 -19.43 14.32 -3.64
CA GLU C 354 -20.56 13.46 -4.00
C GLU C 354 -21.73 14.27 -4.54
N LEU C 355 -21.98 15.47 -3.97
CA LEU C 355 -23.06 16.33 -4.40
C LEU C 355 -22.72 17.13 -5.65
N GLY C 356 -21.46 17.13 -6.09
CA GLY C 356 -21.10 17.87 -7.28
C GLY C 356 -21.11 19.38 -7.06
N LEU C 357 -20.66 19.82 -5.88
CA LEU C 357 -20.61 21.24 -5.53
C LEU C 357 -19.16 21.69 -5.47
N ASP C 358 -18.86 22.85 -6.08
CA ASP C 358 -17.52 23.43 -5.96
C ASP C 358 -17.20 23.66 -4.48
N GLY C 359 -16.12 23.06 -4.00
CA GLY C 359 -15.80 23.19 -2.57
C GLY C 359 -15.44 24.60 -2.16
N ILE C 360 -14.92 25.41 -3.10
CA ILE C 360 -14.53 26.79 -2.77
C ILE C 360 -15.77 27.66 -2.56
N ASN C 361 -16.65 27.73 -3.57
CA ASN C 361 -17.82 28.59 -3.41
C ASN C 361 -18.83 27.99 -2.42
N THR C 362 -18.79 26.67 -2.18
CA THR C 362 -19.61 26.08 -1.12
C THR C 362 -19.07 26.43 0.25
N GLY C 363 -17.77 26.23 0.47
CA GLY C 363 -17.21 26.62 1.74
C GLY C 363 -17.41 28.10 2.01
N ASN C 364 -17.38 28.91 0.96
CA ASN C 364 -17.55 30.35 1.12
C ASN C 364 -18.96 30.68 1.65
N ILE C 365 -19.99 30.10 1.01
CA ILE C 365 -21.35 30.36 1.45
C ILE C 365 -21.64 29.77 2.85
N LEU C 366 -21.06 28.60 3.17
CA LEU C 366 -21.26 28.04 4.52
C LEU C 366 -20.62 28.93 5.58
N GLY C 367 -19.40 29.42 5.33
CA GLY C 367 -18.78 30.28 6.33
C GLY C 367 -19.46 31.64 6.42
N PHE C 368 -19.96 32.15 5.30
CA PHE C 368 -20.80 33.34 5.30
C PHE C 368 -21.97 33.16 6.25
N ALA C 369 -22.74 32.08 6.04
CA ALA C 369 -23.91 31.81 6.89
C ALA C 369 -23.50 31.66 8.36
N ALA C 370 -22.38 30.99 8.62
CA ALA C 370 -21.96 30.83 10.02
C ALA C 370 -21.55 32.16 10.63
N GLU C 371 -21.00 33.08 9.83
CA GLU C 371 -20.69 34.39 10.43
C GLU C 371 -21.96 35.16 10.70
N LEU C 372 -22.93 35.09 9.78
CA LEU C 372 -24.21 35.72 10.05
C LEU C 372 -24.88 35.13 11.28
N TYR C 373 -24.73 33.82 11.53
CA TYR C 373 -25.26 33.23 12.76
C TYR C 373 -24.50 33.75 14.00
N GLN C 374 -23.18 33.84 13.91
CA GLN C 374 -22.37 34.41 14.99
C GLN C 374 -22.83 35.80 15.35
N ARG C 375 -23.18 36.61 14.36
CA ARG C 375 -23.52 38.02 14.59
C ARG C 375 -24.99 38.24 14.88
N GLY C 376 -25.77 37.18 15.04
CA GLY C 376 -27.18 37.29 15.33
C GLY C 376 -28.03 37.63 14.14
N ILE C 377 -27.45 37.72 12.93
CA ILE C 377 -28.23 38.13 11.77
C ILE C 377 -29.04 36.97 11.23
N LEU C 378 -28.49 35.75 11.19
CA LEU C 378 -29.29 34.57 10.93
C LEU C 378 -29.58 33.90 12.26
N THR C 379 -30.85 33.81 12.62
CA THR C 379 -31.18 33.20 13.90
C THR C 379 -31.25 31.68 13.77
N LYS C 380 -31.29 31.02 14.94
CA LYS C 380 -31.62 29.60 14.97
C LYS C 380 -32.93 29.30 14.24
N GLU C 381 -33.93 30.18 14.40
CA GLU C 381 -35.20 29.95 13.73
C GLU C 381 -35.07 30.10 12.22
N ASP C 382 -34.24 31.05 11.76
CA ASP C 382 -34.02 31.19 10.32
C ASP C 382 -33.41 29.92 9.74
N LEU C 383 -32.45 29.32 10.45
CA LEU C 383 -31.77 28.14 9.92
C LEU C 383 -32.54 26.86 10.21
N GLY C 384 -33.09 26.73 11.41
CA GLY C 384 -33.68 25.49 11.84
C GLY C 384 -32.81 24.71 12.79
N PHE C 385 -31.65 25.26 13.19
CA PHE C 385 -30.67 24.61 14.05
C PHE C 385 -29.58 25.64 14.28
N GLU C 386 -28.71 25.38 15.25
CA GLU C 386 -27.57 26.25 15.51
C GLU C 386 -26.42 25.94 14.53
N LEU C 387 -25.70 26.99 14.14
CA LEU C 387 -24.61 26.85 13.15
C LEU C 387 -23.31 27.41 13.75
N ASN C 388 -22.73 26.65 14.70
CA ASN C 388 -21.49 27.06 15.37
C ASN C 388 -20.25 26.68 14.55
N TRP C 389 -19.24 27.55 14.63
CA TRP C 389 -17.93 27.19 14.11
C TRP C 389 -17.50 25.81 14.65
N GLY C 390 -16.90 25.00 13.78
CA GLY C 390 -16.38 23.69 14.19
C GLY C 390 -17.37 22.54 14.14
N ASP C 391 -18.66 22.82 13.93
CA ASP C 391 -19.69 21.77 14.04
C ASP C 391 -19.94 21.20 12.65
N GLU C 392 -19.21 20.13 12.32
CA GLU C 392 -19.35 19.56 10.99
C GLU C 392 -20.74 18.97 10.77
N LYS C 393 -21.42 18.51 11.82
CA LYS C 393 -22.78 18.02 11.61
C LYS C 393 -23.73 19.15 11.20
N ALA C 394 -23.55 20.35 11.76
CA ALA C 394 -24.41 21.47 11.38
C ALA C 394 -24.14 21.92 9.95
N PHE C 395 -22.86 21.95 9.54
CA PHE C 395 -22.57 22.32 8.15
C PHE C 395 -23.12 21.29 7.19
N ALA C 396 -23.08 20.00 7.55
CA ALA C 396 -23.69 18.99 6.69
C ALA C 396 -25.18 19.20 6.57
N LYS C 397 -25.85 19.55 7.66
CA LYS C 397 -27.28 19.87 7.58
C LYS C 397 -27.53 21.04 6.64
N LEU C 398 -26.69 22.07 6.73
CA LEU C 398 -26.88 23.23 5.84
C LEU C 398 -26.67 22.84 4.38
N LEU C 399 -25.71 21.95 4.09
CA LEU C 399 -25.51 21.46 2.72
C LEU C 399 -26.77 20.79 2.19
N HIS C 400 -27.41 19.97 3.03
CA HIS C 400 -28.65 19.34 2.62
C HIS C 400 -29.68 20.39 2.20
N LEU C 401 -29.92 21.40 3.04
CA LEU C 401 -30.88 22.45 2.70
C LEU C 401 -30.53 23.12 1.37
N ILE C 402 -29.25 23.42 1.16
CA ILE C 402 -28.83 24.10 -0.07
C ILE C 402 -29.15 23.26 -1.28
N VAL C 403 -28.77 21.98 -1.26
CA VAL C 403 -29.01 21.15 -2.44
C VAL C 403 -30.51 20.98 -2.67
N GLU C 404 -31.28 20.82 -1.60
CA GLU C 404 -32.71 20.65 -1.82
C GLU C 404 -33.43 22.00 -2.00
N LYS C 405 -32.71 23.11 -1.92
CA LYS C 405 -33.32 24.45 -1.99
C LYS C 405 -34.51 24.56 -1.05
N GLU C 406 -34.30 24.18 0.20
CA GLU C 406 -35.36 24.15 1.21
C GLU C 406 -35.05 25.13 2.32
N GLY C 407 -36.06 25.89 2.74
CA GLY C 407 -35.85 26.93 3.74
C GLY C 407 -34.84 27.97 3.28
N ILE C 408 -33.93 28.30 4.18
CA ILE C 408 -32.82 29.21 3.88
C ILE C 408 -31.99 28.68 2.71
N GLY C 409 -32.01 27.35 2.49
CA GLY C 409 -31.25 26.77 1.40
C GLY C 409 -31.60 27.35 0.04
N LYS C 410 -32.86 27.75 -0.14
CA LYS C 410 -33.24 28.33 -1.42
C LYS C 410 -32.48 29.64 -1.69
N ILE C 411 -32.30 30.46 -0.65
CA ILE C 411 -31.53 31.70 -0.79
C ILE C 411 -30.05 31.40 -0.98
N LEU C 412 -29.49 30.55 -0.10
CA LEU C 412 -28.06 30.23 -0.15
C LEU C 412 -27.66 29.49 -1.43
N ALA C 413 -28.58 28.72 -2.03
CA ALA C 413 -28.27 28.03 -3.28
C ALA C 413 -27.91 28.99 -4.42
N GLU C 414 -28.13 30.29 -4.23
CA GLU C 414 -27.84 31.24 -5.30
C GLU C 414 -26.40 31.74 -5.27
N GLY C 415 -25.61 31.37 -4.26
CA GLY C 415 -24.24 31.81 -4.20
C GLY C 415 -24.06 33.03 -3.29
N THR C 416 -22.81 33.24 -2.85
CA THR C 416 -22.57 34.21 -1.78
C THR C 416 -23.02 35.63 -2.18
N TYR C 417 -22.75 36.04 -3.42
CA TYR C 417 -23.07 37.40 -3.82
C TYR C 417 -24.57 37.64 -3.83
N ARG C 418 -25.29 36.85 -4.63
CA ARG C 418 -26.73 37.00 -4.73
C ARG C 418 -27.40 36.77 -3.39
N ALA C 419 -26.91 35.81 -2.59
CA ALA C 419 -27.50 35.57 -1.27
C ALA C 419 -27.35 36.78 -0.36
N ALA C 420 -26.16 37.40 -0.37
CA ALA C 420 -25.95 38.57 0.47
C ALA C 420 -26.89 39.72 0.08
N LEU C 421 -27.11 39.92 -1.21
CA LEU C 421 -28.07 40.94 -1.62
C LEU C 421 -29.45 40.63 -1.07
N LYS C 422 -29.91 39.38 -1.24
CA LYS C 422 -31.24 38.99 -0.80
C LYS C 422 -31.39 39.15 0.71
N ILE C 423 -30.40 38.68 1.47
CA ILE C 423 -30.50 38.76 2.92
C ILE C 423 -30.43 40.21 3.36
N SER C 424 -29.64 41.03 2.68
CA SER C 424 -29.61 42.46 3.01
C SER C 424 -31.00 43.08 2.85
N GLU C 425 -31.67 42.81 1.74
CA GLU C 425 -33.03 43.31 1.55
C GLU C 425 -33.98 42.79 2.62
N ILE C 426 -33.82 41.53 3.02
CA ILE C 426 -34.81 40.94 3.93
C ILE C 426 -34.59 41.47 5.34
N LYS C 427 -33.34 41.64 5.75
CA LYS C 427 -33.05 41.99 7.13
C LYS C 427 -32.90 43.48 7.36
N GLY C 428 -32.83 44.28 6.29
CA GLY C 428 -32.53 45.69 6.42
C GLY C 428 -31.15 45.96 6.98
N ILE C 429 -30.21 45.04 6.78
CA ILE C 429 -28.85 45.16 7.27
C ILE C 429 -27.92 44.90 6.08
N ASP C 430 -26.84 45.65 5.96
CA ASP C 430 -25.89 45.39 4.88
C ASP C 430 -25.01 44.19 5.25
N VAL C 431 -25.32 43.00 4.76
CA VAL C 431 -24.43 41.86 5.00
C VAL C 431 -23.41 41.67 3.89
N THR C 432 -23.43 42.52 2.85
CA THR C 432 -22.43 42.38 1.80
C THR C 432 -21.04 42.67 2.34
N LYS C 433 -20.93 43.34 3.49
CA LYS C 433 -19.60 43.56 4.05
C LYS C 433 -18.94 42.26 4.51
N TYR C 434 -19.71 41.18 4.73
CA TYR C 434 -19.20 39.88 5.16
C TYR C 434 -18.99 38.90 4.00
N ALA C 435 -19.37 39.29 2.78
CA ALA C 435 -19.35 38.41 1.62
C ALA C 435 -18.01 38.56 0.92
N VAL C 436 -17.21 37.50 0.87
CA VAL C 436 -15.84 37.60 0.36
C VAL C 436 -15.85 37.00 -1.04
N HIS C 437 -16.10 37.86 -2.02
CA HIS C 437 -16.17 37.52 -3.44
C HIS C 437 -15.57 38.65 -4.26
N VAL C 438 -15.23 38.36 -5.52
CA VAL C 438 -15.02 39.40 -6.53
C VAL C 438 -15.79 39.00 -7.78
N LYS C 439 -16.55 39.95 -8.35
CA LYS C 439 -17.40 39.71 -9.52
C LYS C 439 -18.27 38.46 -9.35
N GLY C 440 -18.78 38.24 -8.15
CA GLY C 440 -19.73 37.17 -7.96
C GLY C 440 -19.13 35.79 -7.74
N ILE C 441 -17.80 35.68 -7.77
CA ILE C 441 -17.07 34.42 -7.61
C ILE C 441 -16.30 34.51 -6.30
N ALA C 442 -16.55 33.55 -5.41
CA ALA C 442 -15.83 33.50 -4.13
C ALA C 442 -14.32 33.60 -4.34
N VAL C 443 -13.66 34.32 -3.42
CA VAL C 443 -12.20 34.42 -3.47
C VAL C 443 -11.60 33.09 -3.04
N GLY C 444 -10.72 32.55 -3.87
CA GLY C 444 -10.00 31.33 -3.50
C GLY C 444 -9.19 31.49 -2.23
N ALA C 445 -8.75 30.35 -1.67
CA ALA C 445 -8.20 30.38 -0.32
C ALA C 445 -6.75 30.89 -0.26
N HIS C 446 -6.49 32.06 -0.87
CA HIS C 446 -5.20 32.73 -0.80
C HIS C 446 -5.47 34.22 -0.60
N GLY C 447 -5.17 34.74 0.60
CA GLY C 447 -5.44 36.15 0.89
C GLY C 447 -4.35 37.08 0.38
N ILE C 448 -4.65 38.37 0.44
CA ILE C 448 -3.71 39.41 0.01
C ILE C 448 -3.15 40.24 1.16
N ARG C 449 -3.73 40.14 2.36
CA ARG C 449 -3.35 41.09 3.40
C ARG C 449 -1.92 40.88 3.85
N SER C 450 -1.49 39.61 3.99
CA SER C 450 -0.19 39.41 4.59
C SER C 450 0.92 39.74 3.61
N GLU C 451 0.62 39.67 2.31
CA GLU C 451 1.60 39.75 1.22
C GLU C 451 2.70 38.70 1.34
N LEU C 452 2.44 37.60 2.06
CA LEU C 452 3.39 36.49 2.10
C LEU C 452 3.05 35.40 1.09
N ASP C 453 1.88 35.48 0.45
CA ASP C 453 1.45 34.50 -0.51
C ASP C 453 1.64 35.07 -1.92
N TYR C 454 1.33 34.27 -2.94
CA TYR C 454 1.49 34.81 -4.31
C TYR C 454 0.40 35.80 -4.70
N THR C 455 -0.70 35.86 -3.96
CA THR C 455 -1.76 36.81 -4.24
C THR C 455 -1.48 38.13 -3.51
N LYS C 456 -1.67 39.24 -4.22
CA LYS C 456 -1.38 40.57 -3.70
C LYS C 456 -2.30 41.56 -4.39
N ASP C 457 -2.43 42.73 -3.76
CA ASP C 457 -3.15 43.91 -4.23
CA ASP C 457 -3.18 43.91 -4.20
C ASP C 457 -4.26 43.65 -5.25
N ILE C 458 -3.92 43.62 -6.56
CA ILE C 458 -4.94 43.57 -7.60
C ILE C 458 -5.16 42.16 -8.16
N SER C 459 -4.59 41.12 -7.54
CA SER C 459 -4.65 39.76 -8.11
C SER C 459 -6.07 39.36 -8.52
N TYR C 460 -7.04 39.58 -7.64
CA TYR C 460 -8.43 39.30 -7.94
C TYR C 460 -9.17 40.49 -8.51
N ALA C 461 -8.79 41.70 -8.08
CA ALA C 461 -9.58 42.91 -8.34
C ALA C 461 -9.85 43.14 -9.83
N VAL C 462 -8.87 42.88 -10.70
CA VAL C 462 -9.03 43.16 -12.14
C VAL C 462 -9.12 41.92 -13.00
N SER C 463 -9.05 40.73 -12.40
CA SER C 463 -9.04 39.52 -13.21
C SER C 463 -10.38 39.33 -13.93
N VAL C 464 -10.33 38.84 -15.18
CA VAL C 464 -11.58 38.51 -15.86
C VAL C 464 -12.28 37.29 -15.29
N GLN C 465 -11.67 36.59 -14.31
CA GLN C 465 -12.33 35.49 -13.61
C GLN C 465 -12.55 35.78 -12.12
N GLY C 466 -12.51 37.06 -11.73
CA GLY C 466 -12.99 37.44 -10.41
C GLY C 466 -12.17 36.80 -9.28
N GLY C 467 -12.86 36.17 -8.33
CA GLY C 467 -12.21 35.53 -7.18
C GLY C 467 -11.42 34.25 -7.48
N ASP C 468 -11.36 33.84 -8.75
CA ASP C 468 -10.73 32.59 -9.17
C ASP C 468 -9.21 32.69 -8.94
N HIS C 469 -8.71 32.05 -7.88
CA HIS C 469 -7.29 32.15 -7.54
C HIS C 469 -6.39 31.40 -8.51
N THR C 470 -6.95 30.59 -9.42
CA THR C 470 -6.14 29.92 -10.41
C THR C 470 -5.96 30.74 -11.69
N SER C 471 -6.40 31.99 -11.70
CA SER C 471 -6.25 32.83 -12.89
C SER C 471 -6.19 34.30 -12.43
N THR C 472 -5.24 34.61 -11.56
CA THR C 472 -5.13 35.95 -11.00
C THR C 472 -4.31 36.84 -11.93
N ALA C 473 -4.51 38.15 -11.75
CA ALA C 473 -3.78 39.15 -12.52
C ALA C 473 -2.46 39.49 -11.82
N ALA C 474 -1.49 39.97 -12.61
CA ALA C 474 -0.21 40.42 -12.09
C ALA C 474 0.13 41.81 -12.60
N LEU C 475 1.06 42.47 -11.90
CA LEU C 475 1.75 43.66 -12.42
C LEU C 475 3.24 43.33 -12.52
N PRO C 476 3.87 43.44 -13.71
CA PRO C 476 3.39 43.86 -15.02
C PRO C 476 2.28 42.96 -15.55
N ALA C 477 1.33 43.52 -16.29
CA ALA C 477 0.18 42.73 -16.70
C ALA C 477 0.59 41.62 -17.67
N LYS C 478 1.59 41.86 -18.52
CA LYS C 478 2.18 40.74 -19.25
C LYS C 478 3.16 40.07 -18.28
N GLY C 479 4.22 39.45 -18.72
CA GLY C 479 5.04 38.80 -17.71
C GLY C 479 4.39 37.53 -17.19
N TYR C 480 5.22 36.66 -16.64
CA TYR C 480 4.96 35.24 -16.76
C TYR C 480 4.09 34.68 -15.65
N THR C 481 3.78 35.45 -14.63
CA THR C 481 2.63 35.20 -13.78
C THR C 481 1.46 36.00 -14.35
N GLY C 482 0.28 35.85 -13.82
CA GLY C 482 -0.77 36.68 -14.37
C GLY C 482 -1.59 36.04 -15.49
N GLU C 483 -2.60 36.82 -15.90
CA GLU C 483 -3.74 36.28 -16.63
C GLU C 483 -3.34 35.74 -18.00
N LEU C 484 -2.42 36.42 -18.67
CA LEU C 484 -2.11 36.06 -20.05
C LEU C 484 -1.47 34.69 -20.12
N VAL C 485 -0.58 34.40 -19.18
CA VAL C 485 0.08 33.09 -19.16
C VAL C 485 -0.90 32.02 -18.70
N GLU C 486 -1.71 32.32 -17.67
CA GLU C 486 -2.71 31.34 -17.29
C GLU C 486 -3.68 31.07 -18.42
N ALA C 487 -4.00 32.09 -19.23
CA ALA C 487 -4.86 31.88 -20.38
C ALA C 487 -4.25 30.86 -21.33
N PHE C 488 -2.93 30.87 -21.48
CA PHE C 488 -2.28 29.85 -22.30
C PHE C 488 -2.49 28.44 -21.72
N TYR C 489 -2.19 28.24 -20.42
CA TYR C 489 -2.30 26.87 -19.90
C TYR C 489 -3.74 26.37 -19.98
N ASP C 490 -4.72 27.25 -19.71
CA ASP C 490 -6.13 26.90 -19.82
C ASP C 490 -6.59 26.73 -21.28
N SER C 491 -5.78 27.12 -22.26
CA SER C 491 -6.09 26.92 -23.67
C SER C 491 -5.25 25.84 -24.31
N ALA C 492 -4.20 25.35 -23.63
CA ALA C 492 -3.20 24.52 -24.28
C ALA C 492 -3.63 23.08 -24.41
N VAL C 493 -4.75 22.75 -23.76
CA VAL C 493 -4.97 22.53 -22.33
C VAL C 493 -4.07 21.57 -21.55
N ILE C 494 -3.33 22.13 -20.58
CA ILE C 494 -2.41 21.36 -19.73
C ILE C 494 -2.57 21.77 -18.27
N CYS C 495 -2.08 20.90 -17.39
CA CYS C 495 -2.20 21.10 -15.96
C CYS C 495 -1.13 22.08 -15.47
N ASN C 496 -1.56 23.11 -14.71
CA ASN C 496 -0.63 24.01 -14.03
C ASN C 496 0.51 23.27 -13.33
N PHE C 497 0.22 22.14 -12.69
CA PHE C 497 1.22 21.50 -11.84
C PHE C 497 2.33 20.84 -12.64
N VAL C 498 2.21 20.73 -13.96
CA VAL C 498 3.29 20.15 -14.77
C VAL C 498 4.02 21.23 -15.56
N THR C 499 3.94 22.50 -15.16
CA THR C 499 4.53 23.54 -15.99
C THR C 499 5.94 23.94 -15.56
N LYS C 500 6.59 23.14 -14.69
CA LYS C 500 7.98 23.39 -14.33
C LYS C 500 8.91 23.77 -15.49
N PRO C 501 8.79 23.19 -16.70
CA PRO C 501 9.71 23.60 -17.77
C PRO C 501 9.58 25.07 -18.13
N GLY C 502 8.44 25.70 -17.87
CA GLY C 502 8.33 27.13 -18.05
C GLY C 502 7.62 27.50 -19.34
N PHE C 503 7.03 28.69 -19.34
CA PHE C 503 6.21 29.22 -20.43
C PHE C 503 6.87 29.05 -21.80
N GLU C 504 8.13 29.46 -21.91
CA GLU C 504 8.78 29.51 -23.22
C GLU C 504 8.99 28.12 -23.77
N LYS C 505 9.42 27.20 -22.91
CA LYS C 505 9.66 25.83 -23.34
C LYS C 505 8.35 25.15 -23.71
N ILE C 506 7.27 25.49 -23.01
CA ILE C 506 6.01 24.82 -23.30
C ILE C 506 5.42 25.35 -24.61
N ILE C 507 5.56 26.66 -24.86
CA ILE C 507 5.19 27.21 -26.18
C ILE C 507 5.93 26.49 -27.28
N GLU C 508 7.25 26.34 -27.10
CA GLU C 508 8.08 25.65 -28.07
C GLU C 508 7.62 24.21 -28.30
N PHE C 509 7.23 23.52 -27.23
CA PHE C 509 6.66 22.18 -27.38
C PHE C 509 5.39 22.21 -28.23
N GLY C 510 4.51 23.17 -27.97
CA GLY C 510 3.31 23.26 -28.77
C GLY C 510 3.57 23.51 -30.25
N ASN C 511 4.62 24.28 -30.56
CA ASN C 511 5.02 24.47 -31.96
C ASN C 511 5.52 23.16 -32.58
N ALA C 512 6.29 22.36 -31.83
CA ALA C 512 6.74 21.06 -32.33
C ALA C 512 5.57 20.12 -32.60
N LEU C 513 4.48 20.23 -31.85
CA LEU C 513 3.29 19.41 -32.13
C LEU C 513 2.56 19.90 -33.38
N SER C 514 2.34 21.22 -33.47
CA SER C 514 1.33 21.80 -34.35
C SER C 514 1.91 22.34 -35.64
N GLY C 515 3.20 22.60 -35.70
CA GLY C 515 3.78 23.26 -36.84
C GLY C 515 3.57 24.75 -36.87
N PHE C 516 2.92 25.33 -35.86
CA PHE C 516 2.85 26.78 -35.69
C PHE C 516 4.24 27.33 -35.33
N ASN C 517 4.36 28.66 -35.36
CA ASN C 517 5.57 29.32 -34.86
C ASN C 517 5.20 30.46 -33.92
N ILE C 518 4.33 30.17 -32.95
CA ILE C 518 3.96 31.17 -31.96
C ILE C 518 5.15 31.46 -31.05
N THR C 519 5.36 32.73 -30.75
CA THR C 519 6.40 33.14 -29.83
C THR C 519 5.78 33.63 -28.51
N PRO C 520 6.54 33.61 -27.43
CA PRO C 520 6.01 34.15 -26.16
C PRO C 520 5.45 35.57 -26.32
N GLU C 521 6.16 36.42 -27.06
CA GLU C 521 5.71 37.79 -27.32
C GLU C 521 4.39 37.82 -28.10
N GLN C 522 4.21 36.93 -29.09
CA GLN C 522 2.91 36.87 -29.79
C GLN C 522 1.79 36.46 -28.85
N TRP C 523 2.08 35.50 -27.95
CA TRP C 523 1.07 35.09 -26.99
C TRP C 523 0.70 36.27 -26.09
N LEU C 524 1.70 36.94 -25.53
CA LEU C 524 1.43 38.00 -24.56
C LEU C 524 0.84 39.25 -25.21
N ASN C 525 1.16 39.52 -26.47
CA ASN C 525 0.72 40.77 -27.09
C ASN C 525 -0.45 40.60 -28.04
N GLU C 526 -0.76 39.38 -28.47
CA GLU C 526 -1.84 39.22 -29.40
C GLU C 526 -2.80 38.12 -28.96
N ILE C 527 -2.33 36.87 -28.88
CA ILE C 527 -3.27 35.75 -28.75
C ILE C 527 -3.89 35.72 -27.36
N GLY C 528 -3.07 35.65 -26.31
CA GLY C 528 -3.63 35.71 -24.96
C GLY C 528 -4.31 37.05 -24.69
N LEU C 529 -3.79 38.13 -25.26
CA LEU C 529 -4.39 39.43 -25.00
C LEU C 529 -5.80 39.51 -25.57
N ARG C 530 -6.03 38.96 -26.78
CA ARG C 530 -7.38 38.99 -27.34
C ARG C 530 -8.34 38.10 -26.56
N ILE C 531 -7.86 36.97 -26.01
CA ILE C 531 -8.70 36.14 -25.16
C ILE C 531 -9.13 36.91 -23.92
N ILE C 532 -8.16 37.55 -23.26
CA ILE C 532 -8.49 38.35 -22.06
C ILE C 532 -9.44 39.49 -22.43
N HIS C 533 -9.25 40.12 -23.58
CA HIS C 533 -10.11 41.26 -23.93
C HIS C 533 -11.54 40.81 -24.17
N LEU C 534 -11.73 39.67 -24.82
CA LEU C 534 -13.09 39.16 -25.03
C LEU C 534 -13.73 38.75 -23.71
N GLN C 535 -12.97 38.08 -22.83
CA GLN C 535 -13.49 37.75 -21.51
C GLN C 535 -13.89 39.00 -20.75
N ARG C 536 -13.05 40.04 -20.81
CA ARG C 536 -13.40 41.30 -20.14
C ARG C 536 -14.71 41.85 -20.69
N ILE C 537 -14.87 41.84 -22.02
CA ILE C 537 -16.08 42.38 -22.65
C ILE C 537 -17.32 41.59 -22.26
N LEU C 538 -17.26 40.26 -22.33
CA LEU C 538 -18.41 39.47 -21.91
C LEU C 538 -18.71 39.69 -20.43
N LEU C 539 -17.69 39.82 -19.60
CA LEU C 539 -17.95 40.01 -18.18
C LEU C 539 -18.60 41.37 -17.94
N LEU C 540 -18.14 42.40 -18.66
CA LEU C 540 -18.71 43.74 -18.48
C LEU C 540 -20.13 43.83 -19.02
N LEU C 541 -20.46 43.04 -20.04
CA LEU C 541 -21.85 43.01 -20.54
C LEU C 541 -22.78 42.34 -19.54
N GLY C 542 -22.34 41.24 -18.93
CA GLY C 542 -23.08 40.79 -17.77
C GLY C 542 -24.46 40.24 -18.11
N GLY C 543 -25.38 40.41 -17.14
CA GLY C 543 -26.16 39.30 -16.67
C GLY C 543 -27.23 38.75 -17.55
N PRO C 544 -28.35 38.44 -16.94
CA PRO C 544 -29.53 39.30 -17.11
C PRO C 544 -29.90 39.85 -15.74
N ASP C 545 -29.38 39.19 -14.68
CA ASP C 545 -29.77 39.52 -13.31
C ASP C 545 -28.72 40.33 -12.56
N VAL C 546 -27.46 40.29 -12.97
CA VAL C 546 -26.37 40.95 -12.25
C VAL C 546 -25.45 41.59 -13.26
N TYR C 547 -25.08 42.84 -13.03
CA TYR C 547 -24.20 43.62 -13.88
C TYR C 547 -23.06 44.15 -13.04
N TRP C 548 -21.89 44.32 -13.65
CA TRP C 548 -20.75 44.88 -12.95
C TRP C 548 -20.44 46.27 -13.50
N ASP C 549 -19.91 47.13 -12.65
CA ASP C 549 -19.46 48.47 -13.02
C ASP C 549 -18.01 48.56 -12.58
N PRO C 550 -17.04 48.67 -13.49
CA PRO C 550 -15.63 48.59 -13.08
C PRO C 550 -15.19 49.67 -12.12
N ARG C 551 -15.91 50.80 -12.05
CA ARG C 551 -15.55 51.90 -11.15
C ARG C 551 -15.82 51.56 -9.69
N LYS C 552 -16.61 50.52 -9.40
CA LYS C 552 -16.70 50.01 -8.04
C LYS C 552 -16.30 48.54 -7.92
N ASP C 553 -16.36 47.76 -9.00
CA ASP C 553 -16.23 46.31 -8.85
C ASP C 553 -14.85 45.77 -9.24
N ASP C 554 -13.94 46.62 -9.73
CA ASP C 554 -12.52 46.29 -9.86
C ASP C 554 -11.81 46.60 -8.54
N ASP C 555 -12.08 45.76 -7.53
CA ASP C 555 -11.70 46.06 -6.15
C ASP C 555 -11.82 44.80 -5.30
N ASN C 556 -11.21 44.86 -4.16
CA ASN C 556 -11.22 43.76 -3.19
C ASN C 556 -12.45 43.86 -2.28
N PRO C 557 -12.93 42.74 -1.74
CA PRO C 557 -13.96 42.82 -0.70
C PRO C 557 -13.48 43.65 0.47
N PRO C 558 -14.39 44.38 1.12
CA PRO C 558 -13.93 45.30 2.18
C PRO C 558 -13.17 44.61 3.31
N ARG C 559 -13.47 43.34 3.57
CA ARG C 559 -12.72 42.66 4.64
C ARG C 559 -11.23 42.65 4.37
N PHE C 560 -10.81 42.70 3.09
CA PHE C 560 -9.39 42.66 2.78
C PHE C 560 -8.67 43.98 3.07
N TYR C 561 -9.39 45.03 3.45
CA TYR C 561 -8.74 46.24 3.97
C TYR C 561 -8.76 46.31 5.49
N GLU C 562 -9.30 45.30 6.17
CA GLU C 562 -9.25 45.25 7.63
C GLU C 562 -7.89 44.71 8.07
N PRO C 563 -7.22 45.35 9.06
CA PRO C 563 -5.91 44.85 9.48
C PRO C 563 -6.01 43.41 9.99
N LEU C 564 -4.99 42.62 9.68
CA LEU C 564 -4.99 41.22 10.13
C LEU C 564 -5.04 41.18 11.65
N PRO C 565 -5.95 40.42 12.26
CA PRO C 565 -6.07 40.44 13.72
C PRO C 565 -5.03 39.63 14.49
N SER C 566 -4.33 38.68 13.87
CA SER C 566 -3.46 37.78 14.61
C SER C 566 -2.31 37.35 13.71
N GLY C 567 -1.28 36.75 14.34
CA GLY C 567 -0.19 36.17 13.61
C GLY C 567 1.03 37.06 13.47
N PRO C 568 2.06 36.54 12.80
CA PRO C 568 3.32 37.29 12.67
C PRO C 568 3.20 38.61 11.92
N VAL C 569 2.19 38.84 11.10
CA VAL C 569 2.02 40.16 10.50
C VAL C 569 0.67 40.73 10.93
N LYS C 570 0.32 40.51 12.21
CA LYS C 570 -0.82 41.20 12.81
C LYS C 570 -0.72 42.69 12.49
N GLY C 571 -1.85 43.30 12.13
CA GLY C 571 -1.90 44.71 11.80
C GLY C 571 -1.84 45.04 10.31
N LYS C 572 -1.37 44.10 9.48
CA LYS C 572 -1.14 44.39 8.07
C LYS C 572 -2.41 44.23 7.22
N ALA C 573 -2.55 45.12 6.21
CA ALA C 573 -3.57 45.08 5.16
C ALA C 573 -3.24 46.17 4.14
N PRO C 574 -3.63 46.01 2.87
CA PRO C 574 -3.28 47.04 1.89
C PRO C 574 -4.16 48.28 2.06
N ASN C 575 -3.77 49.32 1.33
CA ASN C 575 -4.44 50.61 1.41
C ASN C 575 -5.25 50.82 0.13
N ARG C 576 -6.52 51.16 0.28
CA ARG C 576 -7.41 51.20 -0.88
C ARG C 576 -6.93 52.21 -1.91
N GLU C 577 -6.23 53.25 -1.47
CA GLU C 577 -5.71 54.25 -2.41
C GLU C 577 -4.61 53.67 -3.29
N ASP C 578 -3.72 52.84 -2.71
CA ASP C 578 -2.71 52.16 -3.51
C ASP C 578 -3.34 51.16 -4.47
N ILE C 579 -4.36 50.43 -4.01
CA ILE C 579 -5.07 49.53 -4.91
C ILE C 579 -5.62 50.31 -6.10
N LYS C 580 -6.23 51.47 -5.83
CA LYS C 580 -6.82 52.23 -6.94
C LYS C 580 -5.73 52.63 -7.93
N ALA C 581 -4.58 53.06 -7.42
CA ALA C 581 -3.44 53.38 -8.30
C ALA C 581 -3.05 52.19 -9.16
N LYS C 582 -2.92 51.01 -8.55
CA LYS C 582 -2.48 49.86 -9.31
C LYS C 582 -3.51 49.41 -10.33
N VAL C 583 -4.79 49.55 -9.99
CA VAL C 583 -5.83 49.22 -10.95
C VAL C 583 -5.72 50.12 -12.19
N LYS C 584 -5.57 51.43 -11.98
CA LYS C 584 -5.42 52.32 -13.12
C LYS C 584 -4.19 51.96 -13.95
N GLN C 585 -3.10 51.60 -13.28
CA GLN C 585 -1.90 51.15 -13.97
C GLN C 585 -2.14 49.84 -14.75
N TYR C 586 -2.92 48.92 -14.17
CA TYR C 586 -3.22 47.67 -14.88
C TYR C 586 -3.99 47.95 -16.17
N TYR C 587 -5.03 48.79 -16.09
CA TYR C 587 -5.77 49.21 -17.29
C TYR C 587 -4.81 49.64 -18.40
N GLU C 588 -3.86 50.53 -18.06
CA GLU C 588 -2.93 51.06 -19.05
C GLU C 588 -2.17 49.92 -19.73
N GLU C 589 -1.59 49.03 -18.93
CA GLU C 589 -0.71 47.99 -19.47
C GLU C 589 -1.46 46.95 -20.29
N ILE C 590 -2.72 46.66 -19.96
CA ILE C 590 -3.47 45.60 -20.63
C ILE C 590 -4.27 46.11 -21.82
N GLY C 591 -4.42 47.43 -21.99
CA GLY C 591 -5.18 47.96 -23.09
C GLY C 591 -6.62 48.31 -22.81
N TYR C 592 -6.98 48.63 -21.57
CA TYR C 592 -8.29 49.15 -21.26
C TYR C 592 -8.17 50.67 -21.11
N ASP C 593 -9.29 51.37 -21.36
CA ASP C 593 -9.29 52.82 -21.20
C ASP C 593 -9.32 53.16 -19.73
N GLU C 594 -9.39 54.47 -19.43
CA GLU C 594 -9.27 54.93 -18.06
C GLU C 594 -10.38 54.41 -17.16
N HIS C 595 -11.49 53.98 -17.76
CA HIS C 595 -12.61 53.39 -17.01
C HIS C 595 -12.57 51.87 -16.97
N GLY C 596 -11.56 51.24 -17.53
CA GLY C 596 -11.47 49.80 -17.49
C GLY C 596 -12.19 49.08 -18.60
N ILE C 597 -12.64 49.80 -19.62
CA ILE C 597 -13.29 49.20 -20.79
C ILE C 597 -12.24 49.10 -21.90
N PRO C 598 -12.07 47.91 -22.53
CA PRO C 598 -11.08 47.73 -23.60
C PRO C 598 -11.09 48.86 -24.62
N LYS C 599 -9.93 49.39 -24.98
CA LYS C 599 -9.85 50.49 -25.96
C LYS C 599 -10.25 49.99 -27.36
N GLU C 600 -11.07 50.79 -28.05
CA GLU C 600 -11.53 50.38 -29.39
C GLU C 600 -10.35 50.20 -30.35
N GLU C 601 -9.30 51.01 -30.19
CA GLU C 601 -8.14 50.89 -31.06
C GLU C 601 -7.41 49.56 -30.83
N VAL C 602 -7.29 49.14 -29.56
CA VAL C 602 -6.62 47.88 -29.25
C VAL C 602 -7.37 46.71 -29.85
N LEU C 603 -8.69 46.70 -29.72
CA LEU C 603 -9.50 45.67 -30.36
C LEU C 603 -9.23 45.57 -31.86
N GLU C 604 -9.10 46.70 -32.57
CA GLU C 604 -8.80 46.62 -34.01
C GLU C 604 -7.44 46.00 -34.24
N GLU C 605 -6.44 46.46 -33.49
CA GLU C 605 -5.10 45.88 -33.60
C GLU C 605 -5.13 44.38 -33.30
N LEU C 606 -5.95 43.96 -32.34
CA LEU C 606 -6.02 42.55 -31.99
C LEU C 606 -6.83 41.73 -32.98
N GLY C 607 -7.42 42.36 -33.99
CA GLY C 607 -8.19 41.59 -34.93
C GLY C 607 -9.58 41.23 -34.48
N ILE C 608 -10.09 41.89 -33.44
CA ILE C 608 -11.47 41.63 -33.02
C ILE C 608 -12.21 42.97 -33.01
N GLY C 609 -11.97 43.80 -34.04
CA GLY C 609 -12.61 45.11 -34.10
C GLY C 609 -14.12 45.03 -34.02
N GLU C 610 -14.71 43.92 -34.46
CA GLU C 610 -16.16 43.77 -34.35
C GLU C 610 -16.66 43.89 -32.92
N ALA C 611 -15.81 43.64 -31.92
CA ALA C 611 -16.24 43.76 -30.53
C ALA C 611 -16.49 45.20 -30.10
N LYS C 612 -16.18 46.18 -30.96
CA LYS C 612 -16.55 47.56 -30.66
C LYS C 612 -18.04 47.71 -30.48
N ARG C 613 -18.81 46.89 -31.19
CA ARG C 613 -20.25 46.92 -31.03
C ARG C 613 -20.64 46.56 -29.60
N GLU C 614 -19.89 45.64 -28.97
CA GLU C 614 -20.16 45.30 -27.59
C GLU C 614 -19.65 46.38 -26.63
N VAL C 615 -18.46 46.93 -26.88
CA VAL C 615 -17.97 48.02 -26.03
C VAL C 615 -18.96 49.18 -26.05
N LYS C 616 -19.61 49.41 -27.20
CA LYS C 616 -20.58 50.50 -27.26
C LYS C 616 -21.76 50.23 -26.35
N ARG C 617 -22.30 49.00 -26.31
CA ARG C 617 -23.43 48.75 -25.40
C ARG C 617 -23.03 48.83 -23.92
N ILE C 618 -21.78 48.46 -23.59
CA ILE C 618 -21.32 48.58 -22.22
C ILE C 618 -21.37 50.05 -21.79
N LYS C 619 -20.96 50.95 -22.68
CA LYS C 619 -20.96 52.38 -22.35
C LYS C 619 -22.36 53.02 -22.12
N LYS C 620 -23.42 52.74 -22.89
CA LYS C 620 -24.73 53.30 -22.51
C LYS C 620 -25.31 52.75 -21.26
N ARG C 621 -25.16 51.45 -20.98
CA ARG C 621 -25.56 51.00 -19.65
C ARG C 621 -24.87 51.86 -18.61
N LEU C 622 -23.55 52.04 -18.75
CA LEU C 622 -22.83 52.71 -17.69
C LEU C 622 -22.97 54.23 -17.75
N ASN C 623 -23.74 54.78 -18.67
CA ASN C 623 -23.71 56.25 -18.67
C ASN C 623 -25.08 56.94 -18.61
N GLU D 7 19.84 -15.08 -20.71
CA GLU D 7 18.80 -15.49 -19.75
C GLU D 7 17.47 -14.76 -20.01
N ARG D 8 16.35 -15.45 -19.80
CA ARG D 8 15.05 -14.93 -20.20
C ARG D 8 14.48 -14.01 -19.11
N ILE D 9 13.52 -13.17 -19.49
CA ILE D 9 12.90 -12.24 -18.56
C ILE D 9 11.38 -12.39 -18.59
N TRP D 10 10.75 -11.89 -17.53
CA TRP D 10 9.32 -11.93 -17.37
C TRP D 10 8.94 -10.72 -16.53
N ILE D 11 7.81 -10.07 -16.85
CA ILE D 11 7.40 -8.85 -16.15
C ILE D 11 6.45 -9.23 -15.03
N LEU D 12 6.89 -9.00 -13.80
CA LEU D 12 6.07 -9.27 -12.61
C LEU D 12 5.36 -7.97 -12.19
N ILE D 13 4.05 -8.05 -12.04
CA ILE D 13 3.22 -6.87 -11.88
C ILE D 13 2.68 -6.88 -10.47
N THR D 14 2.72 -5.70 -9.82
CA THR D 14 2.13 -5.48 -8.51
C THR D 14 1.07 -4.40 -8.67
N PRO D 15 -0.20 -4.77 -8.86
CA PRO D 15 -1.19 -3.73 -9.17
C PRO D 15 -1.32 -2.66 -8.09
N ASP D 16 -1.19 -3.02 -6.80
CA ASP D 16 -1.39 -2.02 -5.76
C ASP D 16 -0.28 -0.96 -5.70
N LYS D 17 0.82 -1.14 -6.41
CA LYS D 17 1.81 -0.07 -6.53
C LYS D 17 1.63 0.75 -7.81
N CYS D 18 0.63 0.44 -8.61
CA CYS D 18 0.43 1.20 -9.83
C CYS D 18 -0.31 2.51 -9.52
N SER D 19 0.28 3.63 -9.92
CA SER D 19 -0.28 4.96 -9.70
C SER D 19 -1.30 5.37 -10.77
N GLY D 20 -1.35 4.67 -11.90
CA GLY D 20 -2.15 5.16 -13.02
C GLY D 20 -1.48 6.25 -13.82
N CYS D 21 -0.16 6.43 -13.68
CA CYS D 21 0.49 7.49 -14.44
C CYS D 21 0.48 7.22 -15.94
N ARG D 22 0.35 5.95 -16.33
CA ARG D 22 0.29 5.50 -17.72
C ARG D 22 1.49 5.98 -18.52
N LEU D 23 2.61 6.25 -17.83
CA LEU D 23 3.86 6.52 -18.56
C LEU D 23 4.33 5.27 -19.30
N CYS D 24 3.99 4.08 -18.79
CA CYS D 24 4.26 2.85 -19.52
C CYS D 24 3.55 2.83 -20.89
N GLU D 25 2.30 3.31 -20.95
CA GLU D 25 1.58 3.33 -22.24
C GLU D 25 2.18 4.33 -23.21
N VAL D 26 2.54 5.51 -22.71
CA VAL D 26 3.15 6.54 -23.53
C VAL D 26 4.46 6.03 -24.12
N THR D 27 5.31 5.42 -23.27
CA THR D 27 6.60 4.91 -23.70
C THR D 27 6.44 3.76 -24.72
N CYS D 28 5.54 2.84 -24.44
CA CYS D 28 5.39 1.66 -25.30
C CYS D 28 4.87 2.06 -26.68
N SER D 29 3.83 2.90 -26.72
CA SER D 29 3.24 3.23 -28.01
C SER D 29 4.17 4.14 -28.81
N LEU D 30 4.88 5.07 -28.14
CA LEU D 30 5.89 5.85 -28.88
C LEU D 30 6.98 4.93 -29.42
N GLU D 31 7.36 3.91 -28.66
CA GLU D 31 8.45 3.05 -29.14
C GLU D 31 8.03 2.25 -30.38
N HIS D 32 6.82 1.69 -30.39
CA HIS D 32 6.40 0.75 -31.44
C HIS D 32 5.52 1.37 -32.51
N GLU D 33 4.90 2.51 -32.26
CA GLU D 33 4.07 3.16 -33.25
C GLU D 33 4.61 4.50 -33.67
N GLY D 34 5.58 5.05 -32.94
CA GLY D 34 6.04 6.39 -33.22
C GLY D 34 5.07 7.50 -32.92
N ILE D 35 3.93 7.22 -32.30
CA ILE D 35 2.93 8.22 -31.97
C ILE D 35 2.31 7.82 -30.63
N ILE D 36 1.72 8.79 -29.94
CA ILE D 36 0.95 8.50 -28.75
C ILE D 36 -0.36 7.84 -29.16
N TRP D 37 -0.64 6.68 -28.58
CA TRP D 37 -1.78 5.90 -29.05
C TRP D 37 -2.14 4.92 -27.94
N PRO D 38 -2.97 5.34 -26.98
CA PRO D 38 -3.17 4.51 -25.78
C PRO D 38 -3.60 3.09 -26.09
N GLU D 39 -4.53 2.91 -27.05
CA GLU D 39 -5.07 1.57 -27.28
C GLU D 39 -4.15 0.69 -28.13
N ALA D 40 -3.04 1.23 -28.66
CA ALA D 40 -2.02 0.41 -29.31
C ALA D 40 -0.84 0.10 -28.42
N SER D 41 -0.80 0.61 -27.20
CA SER D 41 0.27 0.19 -26.27
C SER D 41 0.12 -1.30 -25.98
N ARG D 42 1.25 -2.00 -25.81
CA ARG D 42 1.25 -3.42 -25.50
C ARG D 42 1.13 -3.68 -24.01
N ILE D 43 1.17 -2.62 -23.20
CA ILE D 43 0.79 -2.68 -21.80
C ILE D 43 -0.32 -1.65 -21.62
N ARG D 44 -1.42 -2.05 -21.03
CA ARG D 44 -2.54 -1.14 -20.93
C ARG D 44 -3.05 -1.20 -19.50
N VAL D 45 -3.33 -0.03 -18.94
CA VAL D 45 -3.70 0.07 -17.54
C VAL D 45 -5.19 0.28 -17.46
N PHE D 46 -5.87 -0.57 -16.71
CA PHE D 46 -7.32 -0.51 -16.57
C PHE D 46 -7.70 0.15 -15.24
N GLU D 47 -8.55 1.19 -15.29
CA GLU D 47 -9.00 1.87 -14.07
C GLU D 47 -10.51 1.91 -14.11
N LEU D 48 -11.15 0.78 -13.84
CA LEU D 48 -12.61 0.73 -13.97
C LEU D 48 -13.30 1.43 -12.80
N PHE D 49 -12.66 1.51 -11.65
CA PHE D 49 -13.11 2.37 -10.56
C PHE D 49 -11.94 3.27 -10.14
N PRO D 50 -12.20 4.59 -9.93
CA PRO D 50 -11.10 5.53 -9.66
C PRO D 50 -10.11 5.04 -8.62
N GLY D 51 -8.82 4.98 -8.96
CA GLY D 51 -7.80 4.65 -7.98
C GLY D 51 -7.47 3.17 -7.87
N ILE D 52 -8.22 2.29 -8.54
CA ILE D 52 -7.91 0.87 -8.61
C ILE D 52 -7.30 0.65 -9.99
N ASN D 53 -5.98 0.62 -10.07
CA ASN D 53 -5.26 0.62 -11.34
C ASN D 53 -4.63 -0.75 -11.60
N VAL D 54 -4.95 -1.34 -12.74
CA VAL D 54 -4.54 -2.70 -13.05
C VAL D 54 -3.78 -2.71 -14.36
N PRO D 55 -2.45 -2.80 -14.30
CA PRO D 55 -1.67 -2.95 -15.54
C PRO D 55 -1.83 -4.37 -16.09
N HIS D 56 -1.85 -4.47 -17.42
CA HIS D 56 -2.22 -5.71 -18.10
C HIS D 56 -1.32 -5.93 -19.31
N THR D 57 -0.66 -7.09 -19.38
CA THR D 57 0.16 -7.39 -20.57
C THR D 57 0.34 -8.89 -20.73
N CYS D 58 1.06 -9.25 -21.80
CA CYS D 58 1.34 -10.65 -22.13
C CYS D 58 2.22 -11.30 -21.06
N VAL D 59 1.98 -12.59 -20.80
CA VAL D 59 2.80 -13.38 -19.88
C VAL D 59 3.61 -14.46 -20.59
N GLN D 60 3.59 -14.53 -21.92
CA GLN D 60 4.37 -15.50 -22.67
C GLN D 60 4.01 -16.95 -22.28
N CYS D 61 2.72 -17.27 -22.33
CA CYS D 61 2.26 -18.63 -22.07
C CYS D 61 3.14 -19.64 -22.80
N PRO D 62 3.67 -20.69 -22.14
CA PRO D 62 4.60 -21.61 -22.84
C PRO D 62 3.97 -22.36 -24.00
N ASP D 63 2.64 -22.52 -23.99
CA ASP D 63 1.88 -23.19 -25.03
C ASP D 63 1.31 -22.20 -26.04
N TYR D 64 1.61 -20.89 -25.90
CA TYR D 64 1.24 -19.79 -26.79
C TYR D 64 -0.10 -20.00 -27.49
N PRO D 65 -1.23 -19.94 -26.78
CA PRO D 65 -2.53 -20.13 -27.44
C PRO D 65 -2.73 -19.22 -28.64
N CYS D 66 -2.23 -17.99 -28.56
CA CYS D 66 -2.40 -17.02 -29.63
C CYS D 66 -1.68 -17.50 -30.89
N VAL D 67 -0.41 -17.85 -30.75
CA VAL D 67 0.37 -18.30 -31.90
C VAL D 67 -0.31 -19.47 -32.59
N ASN D 68 -0.86 -20.40 -31.81
CA ASN D 68 -1.35 -21.60 -32.44
C ASN D 68 -2.73 -21.41 -33.03
N ALA D 69 -3.44 -20.34 -32.67
CA ALA D 69 -4.77 -20.07 -33.17
C ALA D 69 -4.75 -19.29 -34.47
N CYS D 70 -3.63 -18.67 -34.81
CA CYS D 70 -3.61 -17.76 -35.93
C CYS D 70 -3.77 -18.53 -37.23
N PRO D 71 -4.69 -18.16 -38.11
CA PRO D 71 -4.87 -18.91 -39.37
C PRO D 71 -3.87 -18.52 -40.45
N THR D 72 -3.24 -17.35 -40.36
CA THR D 72 -2.34 -16.89 -41.41
C THR D 72 -0.86 -16.99 -41.04
N ASN D 73 -0.55 -17.66 -39.93
CA ASN D 73 0.81 -17.69 -39.33
C ASN D 73 1.44 -16.30 -39.21
N ALA D 74 0.62 -15.29 -38.82
CA ALA D 74 1.17 -13.95 -38.60
C ALA D 74 1.96 -13.86 -37.30
N LEU D 75 1.73 -14.76 -36.36
CA LEU D 75 2.37 -14.77 -35.04
C LEU D 75 3.45 -15.85 -34.97
N SER D 76 4.59 -15.51 -34.38
CA SER D 76 5.62 -16.50 -34.10
C SER D 76 6.24 -16.18 -32.73
N VAL D 77 7.18 -17.01 -32.31
CA VAL D 77 7.86 -16.86 -31.01
C VAL D 77 9.33 -16.52 -31.27
N ASP D 78 9.79 -15.41 -30.70
CA ASP D 78 11.22 -15.06 -30.74
C ASP D 78 12.05 -16.09 -29.97
N GLU D 79 13.03 -16.70 -30.65
CA GLU D 79 13.82 -17.76 -30.01
C GLU D 79 14.67 -17.24 -28.87
N LYS D 80 15.15 -16.01 -28.96
CA LYS D 80 15.99 -15.44 -27.92
C LYS D 80 15.18 -15.09 -26.66
N THR D 81 14.07 -14.34 -26.83
CA THR D 81 13.32 -13.78 -25.71
C THR D 81 12.10 -14.61 -25.29
N GLY D 82 11.57 -15.47 -26.16
CA GLY D 82 10.30 -16.10 -25.86
C GLY D 82 9.07 -15.20 -26.05
N ALA D 83 9.26 -13.98 -26.55
CA ALA D 83 8.13 -13.09 -26.78
C ALA D 83 7.38 -13.47 -28.04
N VAL D 84 6.07 -13.17 -28.06
CA VAL D 84 5.31 -13.22 -29.30
C VAL D 84 5.77 -12.11 -30.24
N VAL D 85 5.87 -12.44 -31.53
CA VAL D 85 6.25 -11.51 -32.58
C VAL D 85 5.14 -11.48 -33.63
N VAL D 86 4.67 -10.28 -33.97
CA VAL D 86 3.57 -10.09 -34.92
C VAL D 86 4.14 -9.65 -36.27
N ASN D 87 3.82 -10.41 -37.32
CA ASN D 87 4.02 -9.93 -38.70
C ASN D 87 2.76 -9.18 -39.10
N GLU D 88 2.78 -7.86 -38.99
CA GLU D 88 1.55 -7.09 -39.18
C GLU D 88 0.95 -7.28 -40.58
N GLU D 89 1.81 -7.54 -41.57
CA GLU D 89 1.32 -7.68 -42.95
C GLU D 89 0.56 -8.97 -43.19
N LYS D 90 0.81 -10.01 -42.41
CA LYS D 90 0.02 -11.24 -42.54
C LYS D 90 -1.22 -11.24 -41.68
N CYS D 91 -1.41 -10.23 -40.85
CA CYS D 91 -2.55 -10.25 -39.93
C CYS D 91 -3.80 -9.79 -40.67
N ILE D 92 -4.89 -10.55 -40.51
CA ILE D 92 -6.18 -10.22 -41.12
C ILE D 92 -7.20 -9.79 -40.06
N THR D 93 -6.71 -9.33 -38.90
CA THR D 93 -7.54 -8.79 -37.80
C THR D 93 -8.81 -9.61 -37.60
N CYS D 94 -8.62 -10.95 -37.57
CA CYS D 94 -9.72 -11.89 -37.42
C CYS D 94 -10.14 -12.09 -35.97
N GLY D 95 -9.24 -11.87 -35.00
CA GLY D 95 -9.61 -12.01 -33.61
C GLY D 95 -9.46 -13.39 -33.01
N ALA D 96 -8.96 -14.38 -33.76
CA ALA D 96 -8.82 -15.72 -33.18
C ALA D 96 -7.85 -15.70 -32.00
N CYS D 97 -6.79 -14.89 -32.08
CA CYS D 97 -5.80 -14.88 -31.00
C CYS D 97 -6.37 -14.21 -29.76
N VAL D 98 -7.19 -13.17 -29.98
CA VAL D 98 -7.90 -12.49 -28.90
C VAL D 98 -8.74 -13.49 -28.12
N LEU D 99 -9.43 -14.37 -28.85
CA LEU D 99 -10.33 -15.33 -28.20
C LEU D 99 -9.55 -16.45 -27.54
N ALA D 100 -8.42 -16.85 -28.12
CA ALA D 100 -7.67 -17.96 -27.55
C ALA D 100 -6.96 -17.58 -26.25
N CYS D 101 -6.67 -16.28 -26.08
CA CYS D 101 -5.81 -15.85 -24.97
C CYS D 101 -6.55 -15.95 -23.65
N PRO D 102 -6.03 -16.69 -22.67
CA PRO D 102 -6.69 -16.76 -21.34
C PRO D 102 -6.86 -15.39 -20.69
N GLY D 103 -6.00 -14.43 -20.99
CA GLY D 103 -6.05 -13.12 -20.36
C GLY D 103 -6.64 -12.03 -21.24
N LYS D 104 -7.16 -12.39 -22.40
CA LYS D 104 -7.66 -11.46 -23.42
C LYS D 104 -6.67 -10.30 -23.60
N VAL D 105 -5.43 -10.65 -23.91
CA VAL D 105 -4.35 -9.66 -24.03
C VAL D 105 -4.26 -9.06 -25.44
N PRO D 106 -4.34 -9.85 -26.52
CA PRO D 106 -4.24 -9.27 -27.86
C PRO D 106 -5.28 -8.17 -28.06
N ARG D 107 -4.88 -7.12 -28.74
CA ARG D 107 -5.71 -5.93 -28.89
C ARG D 107 -5.59 -5.44 -30.33
N ILE D 108 -6.73 -5.16 -30.95
CA ILE D 108 -6.75 -4.61 -32.32
C ILE D 108 -7.28 -3.19 -32.24
N PRO D 109 -6.42 -2.18 -32.28
CA PRO D 109 -6.90 -0.79 -32.11
C PRO D 109 -7.40 -0.24 -33.45
N ALA D 110 -8.26 0.78 -33.34
CA ALA D 110 -8.97 1.34 -34.50
C ALA D 110 -8.00 1.76 -35.57
N GLY D 111 -8.19 1.24 -36.79
CA GLY D 111 -7.45 1.67 -37.95
C GLY D 111 -6.01 1.19 -38.02
N LYS D 112 -5.57 0.31 -37.13
CA LYS D 112 -4.23 -0.24 -37.28
C LYS D 112 -4.18 -1.32 -38.36
N GLY D 113 -5.20 -2.16 -38.45
CA GLY D 113 -5.16 -3.26 -39.39
C GLY D 113 -4.31 -4.41 -38.96
N SER D 114 -3.94 -4.48 -37.67
CA SER D 114 -3.20 -5.60 -37.15
C SER D 114 -3.41 -5.66 -35.65
N VAL D 115 -3.28 -6.86 -35.07
CA VAL D 115 -3.19 -6.99 -33.61
C VAL D 115 -1.88 -6.40 -33.12
N VAL D 116 -1.84 -6.04 -31.83
CA VAL D 116 -0.59 -5.73 -31.14
C VAL D 116 -0.47 -6.60 -29.90
N ILE D 117 0.74 -7.09 -29.65
CA ILE D 117 1.08 -7.96 -28.52
C ILE D 117 2.49 -7.60 -28.10
N CYS D 118 2.75 -7.61 -26.78
CA CYS D 118 4.05 -7.24 -26.25
C CYS D 118 5.16 -8.08 -26.91
N ASP D 119 6.23 -7.41 -27.38
CA ASP D 119 7.37 -8.17 -27.89
C ASP D 119 8.54 -8.12 -26.91
N LEU D 120 8.25 -7.78 -25.65
CA LEU D 120 9.27 -7.59 -24.60
C LEU D 120 10.34 -6.58 -25.01
N CYS D 121 10.00 -5.63 -25.90
CA CYS D 121 10.98 -4.69 -26.44
C CYS D 121 12.30 -5.39 -26.78
N GLY D 122 12.21 -6.59 -27.35
CA GLY D 122 13.42 -7.28 -27.74
C GLY D 122 14.35 -7.67 -26.61
N GLY D 123 13.88 -7.70 -25.36
CA GLY D 123 14.71 -8.09 -24.23
C GLY D 123 14.93 -6.99 -23.19
N ASN D 124 14.60 -5.73 -23.46
CA ASN D 124 14.80 -4.64 -22.51
C ASN D 124 13.53 -3.78 -22.41
N PRO D 125 12.54 -4.25 -21.64
CA PRO D 125 11.24 -3.55 -21.59
C PRO D 125 11.37 -2.08 -21.20
N LYS D 126 10.83 -1.21 -22.06
CA LYS D 126 10.85 0.21 -21.73
C LYS D 126 9.77 0.61 -20.71
N CYS D 127 8.69 -0.16 -20.61
CA CYS D 127 7.67 0.09 -19.58
C CYS D 127 8.26 -0.09 -18.19
N VAL D 128 9.00 -1.18 -17.97
CA VAL D 128 9.62 -1.40 -16.66
C VAL D 128 10.56 -0.25 -16.32
N GLU D 129 11.34 0.21 -17.29
CA GLU D 129 12.33 1.22 -17.00
C GLU D 129 11.68 2.51 -16.53
N ILE D 130 10.60 2.94 -17.20
CA ILE D 130 9.98 4.22 -16.85
C ILE D 130 9.24 4.08 -15.53
N CYS D 131 8.60 2.93 -15.29
CA CYS D 131 7.95 2.67 -14.01
C CYS D 131 8.95 2.73 -12.85
N HIS D 132 10.15 2.20 -13.07
CA HIS D 132 11.18 2.23 -12.03
C HIS D 132 11.76 3.64 -11.89
N GLU D 133 11.95 4.32 -13.02
CA GLU D 133 12.46 5.68 -12.97
C GLU D 133 11.48 6.62 -12.25
N ALA D 134 10.17 6.43 -12.44
CA ALA D 134 9.17 7.24 -11.76
C ALA D 134 9.02 6.88 -10.28
N GLY D 135 9.61 5.78 -9.81
CA GLY D 135 9.51 5.44 -8.40
C GLY D 135 8.35 4.54 -8.04
N HIS D 136 7.49 4.17 -9.00
CA HIS D 136 6.35 3.33 -8.63
C HIS D 136 6.74 1.86 -8.45
N ASP D 137 7.55 1.30 -9.34
CA ASP D 137 7.94 -0.11 -9.32
C ASP D 137 6.74 -1.07 -9.27
N ALA D 138 5.66 -0.70 -9.96
CA ALA D 138 4.57 -1.63 -10.17
C ALA D 138 4.96 -2.72 -11.17
N LEU D 139 5.98 -2.49 -11.99
CA LEU D 139 6.50 -3.48 -12.93
C LEU D 139 7.93 -3.79 -12.53
N LYS D 140 8.28 -5.08 -12.54
CA LYS D 140 9.66 -5.49 -12.24
C LYS D 140 10.02 -6.72 -13.07
N ILE D 141 11.27 -6.79 -13.50
CA ILE D 141 11.74 -7.91 -14.32
C ILE D 141 12.21 -9.04 -13.42
N VAL D 142 11.78 -10.27 -13.71
CA VAL D 142 12.31 -11.49 -13.12
C VAL D 142 13.19 -12.14 -14.17
N THR D 143 14.41 -12.49 -13.78
CA THR D 143 15.36 -13.15 -14.67
C THR D 143 15.51 -14.61 -14.29
N GLY D 144 15.48 -15.50 -15.27
CA GLY D 144 15.60 -16.93 -15.00
C GLY D 144 14.65 -17.74 -15.85
N ASN D 145 14.57 -19.03 -15.58
CA ASN D 145 13.73 -19.89 -16.41
C ASN D 145 12.24 -19.65 -16.13
N TYR D 146 11.42 -19.91 -17.13
CA TYR D 146 9.98 -19.73 -16.98
C TYR D 146 9.45 -20.64 -15.88
N ARG D 147 8.50 -20.13 -15.11
CA ARG D 147 7.81 -20.93 -14.08
C ARG D 147 6.35 -21.08 -14.48
N PRO D 148 5.79 -22.29 -14.48
CA PRO D 148 4.39 -22.45 -14.91
C PRO D 148 3.41 -21.50 -14.23
N ILE D 149 3.67 -21.08 -12.98
CA ILE D 149 2.67 -20.21 -12.34
C ILE D 149 2.54 -18.86 -13.07
N TYR D 150 3.57 -18.46 -13.84
CA TYR D 150 3.49 -17.23 -14.63
C TYR D 150 2.24 -17.21 -15.51
N ARG D 151 1.90 -18.37 -16.06
CA ARG D 151 0.78 -18.41 -16.98
C ARG D 151 -0.53 -18.11 -16.27
N THR D 152 -0.63 -18.33 -14.95
CA THR D 152 -1.90 -18.06 -14.27
C THR D 152 -2.17 -16.56 -14.11
N PHE D 153 -1.18 -15.71 -14.40
CA PHE D 153 -1.39 -14.28 -14.36
C PHE D 153 -2.12 -13.77 -15.59
N ALA D 154 -2.16 -14.53 -16.67
CA ALA D 154 -3.01 -14.15 -17.80
C ALA D 154 -4.47 -14.35 -17.44
N LYS D 155 -5.13 -13.34 -16.88
CA LYS D 155 -6.56 -13.43 -16.62
C LYS D 155 -7.21 -12.10 -16.95
N ASP D 156 -8.53 -12.10 -16.98
CA ASP D 156 -9.26 -10.97 -17.50
C ASP D 156 -9.11 -9.78 -16.55
N PRO D 157 -8.76 -8.60 -17.04
CA PRO D 157 -8.51 -7.48 -16.13
C PRO D 157 -9.75 -7.05 -15.36
N GLN D 158 -10.95 -7.30 -15.87
CA GLN D 158 -12.14 -6.98 -15.08
C GLN D 158 -12.19 -7.85 -13.82
N GLU D 159 -11.76 -9.11 -13.90
CA GLU D 159 -11.71 -9.95 -12.69
C GLU D 159 -10.70 -9.42 -11.67
N LYS D 160 -9.50 -9.06 -12.13
CA LYS D 160 -8.51 -8.51 -11.21
C LYS D 160 -9.03 -7.22 -10.57
N SER D 161 -9.64 -6.34 -11.37
CA SER D 161 -10.16 -5.07 -10.87
C SER D 161 -11.18 -5.29 -9.77
N LEU D 162 -12.12 -6.20 -10.01
CA LEU D 162 -13.17 -6.42 -9.02
C LEU D 162 -12.61 -7.05 -7.74
N ASP D 163 -11.65 -7.99 -7.87
CA ASP D 163 -11.02 -8.56 -6.68
C ASP D 163 -10.44 -7.45 -5.81
N ILE D 164 -9.67 -6.55 -6.43
CA ILE D 164 -8.97 -5.52 -5.66
C ILE D 164 -9.98 -4.56 -5.00
N ALA D 165 -11.02 -4.14 -5.75
CA ALA D 165 -12.02 -3.23 -5.19
C ALA D 165 -12.65 -3.83 -3.94
N ARG D 166 -12.94 -5.13 -3.95
CA ARG D 166 -13.55 -5.75 -2.78
C ARG D 166 -12.56 -5.85 -1.63
N LYS D 167 -11.28 -6.06 -1.95
CA LYS D 167 -10.25 -6.14 -0.91
C LYS D 167 -10.09 -4.79 -0.21
N VAL D 168 -10.09 -3.70 -0.99
CA VAL D 168 -9.90 -2.36 -0.43
C VAL D 168 -11.15 -1.89 0.30
N PHE D 169 -12.31 -2.00 -0.35
CA PHE D 169 -13.51 -1.35 0.17
C PHE D 169 -14.48 -2.31 0.85
N GLY D 170 -14.25 -3.63 0.76
CA GLY D 170 -15.03 -4.52 1.59
C GLY D 170 -16.48 -4.64 1.12
N GLU D 171 -17.37 -4.80 2.10
CA GLU D 171 -18.79 -4.92 1.80
C GLU D 171 -19.42 -3.59 1.38
N ASP D 172 -18.74 -2.47 1.60
CA ASP D 172 -19.18 -1.17 1.09
C ASP D 172 -18.99 -1.00 -0.41
N PHE D 173 -18.38 -1.93 -1.12
CA PHE D 173 -18.26 -1.76 -2.56
C PHE D 173 -19.50 -2.30 -3.28
C1 PTE E . 7.75 -25.27 10.29
C2 PTE E . 6.31 -25.32 9.83
C3 PTE E . 6.24 -24.61 8.47
S3 PTE E . 7.49 -24.96 7.38
C4 PTE E . 5.21 -23.83 8.14
S4 PTE E . 5.11 -23.09 6.63
W1 PTE E . 7.18 -23.40 5.50
C5 PTE E . 4.05 -23.64 9.07
N6 PTE E . 4.01 -22.32 9.74
C7 PTE E . 2.91 -22.20 10.54
C8 PTE E . 2.19 -20.95 10.70
O8 PTE E . 2.61 -19.92 10.12
N9 PTE E . 1.11 -20.92 11.48
C10 PTE E . 0.68 -22.00 12.13
N10 PTE E . -0.43 -21.85 12.89
N11 PTE E . 1.29 -23.21 12.03
C12 PTE E . 2.41 -23.36 11.28
N13 PTE E . 3.07 -24.53 11.17
C14 PTE E . 4.09 -24.73 10.15
O2 PTE E . 5.39 -24.71 10.74
C21 PTE E . 8.39 -19.82 8.81
C22 PTE E . 9.48 -19.98 7.77
C23 PTE E . 9.11 -21.16 6.84
S23 PTE E . 7.58 -21.05 6.11
C24 PTE E . 9.99 -22.15 6.59
S24 PTE E . 9.67 -23.45 5.51
C25 PTE E . 11.35 -22.13 7.21
N26 PTE E . 11.44 -22.95 8.39
C27 PTE E . 12.64 -22.93 9.01
C28 PTE E . 13.22 -24.08 9.75
O28 PTE E . 12.55 -25.13 9.88
N29 PTE E . 14.44 -23.96 10.31
C30 PTE E . 15.16 -22.82 10.19
N30 PTE E . 16.39 -22.73 10.76
N31 PTE E . 14.70 -21.75 9.49
C32 PTE E . 13.48 -21.73 8.90
N33 PTE E . 13.03 -20.64 8.23
C34 PTE E . 11.73 -20.69 7.58
O22 PTE E . 10.72 -20.16 8.45
P1 PTE E . 9.07 -25.31 12.55
O1P PTE E . 8.71 -23.82 13.14
O2P PTE E . 9.07 -26.30 13.68
O3P PTE E . 10.34 -25.25 11.70
O4P PTE E . 7.88 -25.82 11.60
P2 PTE E . 8.23 -18.99 11.23
O5P PTE E . 9.17 -20.14 11.97
O6P PTE E . 8.54 -17.64 11.84
O7P PTE E . 6.79 -19.41 11.16
O8P PTE E . 8.77 -18.81 9.74
MG1 PTE E . 8.57 -22.03 12.22
O1G PTE E . 10.16 -22.62 11.00
O2G PTE E . 6.94 -22.06 10.97
FE1 SF4 F . 11.03 -14.47 5.78
FE2 SF4 F . 13.07 -15.70 7.25
FE3 SF4 F . 11.43 -13.74 8.32
FE4 SF4 F . 13.23 -13.02 6.53
S1 SF4 F . 13.60 -13.96 8.49
S2 SF4 F . 11.12 -12.45 6.57
S3 SF4 F . 13.07 -14.77 5.27
S4 SF4 F . 10.96 -15.75 7.55
MG MG G . 2.68 -18.30 9.17
MG MG H . 12.00 -26.53 11.26
C1 TAU I . 7.43 -23.74 0.59
C2 TAU I . 8.40 -24.48 1.52
N1 TAU I . 7.54 -24.18 -0.81
S TAU I . 7.44 -24.64 2.85
O1 TAU I . 8.17 -25.02 4.02
O2 TAU I . 6.82 -23.41 3.06
O3 TAU I . 6.49 -25.94 2.74
P PO4 J . 14.70 -0.08 28.02
O1 PO4 J . 14.98 -0.70 26.67
O2 PO4 J . 15.21 -0.92 29.18
O3 PO4 J . 13.19 -0.17 28.07
O4 PO4 J . 15.21 1.36 28.29
P PO4 K . 27.14 -3.10 6.39
O1 PO4 K . 26.30 -3.49 5.18
O2 PO4 K . 26.96 -4.17 7.43
O3 PO4 K . 28.60 -3.03 5.99
O4 PO4 K . 26.68 -1.77 6.96
P PO4 L . 10.88 -5.48 -2.96
O1 PO4 L . 10.79 -6.93 -2.43
O2 PO4 L . 9.82 -5.11 -3.99
O3 PO4 L . 12.23 -5.41 -3.65
O4 PO4 L . 10.77 -4.45 -1.83
FE1 SF4 M . 14.06 0.88 7.72
FE2 SF4 M . 13.18 1.19 5.12
FE3 SF4 M . 11.44 0.47 7.04
FE4 SF4 M . 13.33 -1.38 6.24
S1 SF4 M . 11.74 -0.43 5.06
S2 SF4 M . 12.77 -0.76 8.25
S3 SF4 M . 14.88 0.09 5.88
S4 SF4 M . 12.63 2.31 6.92
FE1 SF4 N . 15.96 17.81 18.78
FE2 SF4 N . 15.46 16.24 16.65
FE3 SF4 N . 13.66 18.33 17.23
FE4 SF4 N . 13.73 16.19 18.81
S1 SF4 N . 13.32 16.23 16.66
S2 SF4 N . 14.01 18.29 19.40
S3 SF4 N . 15.79 15.62 18.74
S4 SF4 N . 15.69 18.39 16.69
FE1 SF4 O . 21.00 15.75 29.38
FE2 SF4 O . 22.43 17.13 27.40
FE3 SF4 O . 20.36 15.32 26.69
FE4 SF4 O . 22.89 14.45 27.63
S1 SF4 O . 22.31 15.55 25.87
S2 SF4 O . 20.91 13.91 28.22
S3 SF4 O . 23.12 16.02 29.12
S4 SF4 O . 20.36 17.14 27.87
FE1 SF4 P . 20.56 9.61 10.94
FE2 SF4 P . 22.62 8.47 9.50
FE3 SF4 P . 20.00 7.61 9.10
FE4 SF4 P . 21.44 6.97 11.40
S1 SF4 P . 21.78 6.43 9.31
S2 SF4 P . 19.49 7.78 11.22
S3 SF4 P . 22.44 8.88 11.69
S4 SF4 P . 20.88 9.57 8.78
CL CL Q . -7.72 -6.34 13.74
P PO4 R . -3.50 1.60 4.05
O1 PO4 R . -2.57 0.46 4.44
O2 PO4 R . -4.96 1.15 3.70
O3 PO4 R . -2.76 2.52 3.09
O4 PO4 R . -3.57 2.49 5.25
C1 PTE S . -9.97 25.06 -9.36
C2 PTE S . -10.49 24.82 -7.96
C3 PTE S . -9.31 24.30 -7.18
S3 PTE S . -7.81 25.03 -7.46
C4 PTE S . -9.47 23.33 -6.28
S4 PTE S . -8.20 22.76 -5.37
W1 PTE S . -6.15 23.73 -6.18
C5 PTE S . -10.80 22.71 -6.00
N6 PTE S . -10.98 21.36 -6.54
C7 PTE S . -12.21 20.86 -6.24
C8 PTE S . -12.44 19.45 -5.91
O8 PTE S . -11.51 18.63 -5.97
N9 PTE S . -13.68 19.08 -5.59
C10 PTE S . -14.70 19.91 -5.51
N10 PTE S . -15.89 19.39 -5.15
N11 PTE S . -14.59 21.22 -5.82
C12 PTE S . -13.39 21.74 -6.17
N13 PTE S . -13.22 23.04 -6.45
C14 PTE S . -11.90 23.61 -6.60
O2 PTE S . -11.54 23.85 -7.97
C21 PTE S . -7.06 20.19 -9.60
C22 PTE S . -5.66 20.79 -9.80
C23 PTE S . -5.45 21.93 -8.81
S23 PTE S . -5.78 21.55 -7.18
C24 PTE S . -4.96 23.12 -9.18
S24 PTE S . -4.68 24.40 -8.08
C25 PTE S . -4.65 23.37 -10.63
N26 PTE S . -5.72 24.06 -11.32
C27 PTE S . -5.48 24.27 -12.64
C28 PTE S . -6.03 25.44 -13.39
O28 PTE S . -6.78 26.25 -12.82
N29 PTE S . -5.75 25.55 -14.72
C30 PTE S . -4.93 24.66 -15.34
N30 PTE S . -4.62 24.81 -16.64
N31 PTE S . -4.38 23.59 -14.68
C32 PTE S . -4.64 23.35 -13.38
N33 PTE S . -4.13 22.27 -12.75
C34 PTE S . -4.38 22.05 -11.34
O22 PTE S . -5.53 21.22 -11.15
P1 PTE S . -10.94 25.19 -11.83
O1P PTE S . -11.15 23.62 -12.13
O2P PTE S . -12.12 25.99 -12.35
O3P PTE S . -9.54 25.57 -12.25
O4P PTE S . -11.03 25.47 -10.22
P2 PTE S . -8.85 19.04 -11.09
O5P PTE S . -9.01 20.35 -12.07
O6P PTE S . -8.85 17.76 -11.89
O7P PTE S . -9.85 19.10 -9.96
O8P PTE S . -7.33 19.20 -10.61
MG1 PTE S . -10.26 21.87 -11.68
O1G PTE S . -8.53 22.97 -12.00
O2G PTE S . -10.09 21.74 -9.62
FE1 SF4 T . -1.79 16.14 -10.38
FE2 SF4 T . -2.07 17.66 -12.73
FE3 SF4 T . -3.35 15.20 -12.41
FE4 SF4 T . -0.75 15.24 -12.73
S1 SF4 T . -2.29 16.00 -14.12
S2 SF4 T . -1.82 14.13 -11.20
S3 SF4 T . -0.30 17.02 -11.60
S4 SF4 T . -3.54 17.05 -11.27
MG MG U . -10.36 17.29 -5.57
MG MG V . -8.60 27.25 -13.13
CL CL W . -12.87 0.58 -28.63
C1 TAU X . -2.30 24.72 -3.52
C2 TAU X . -2.78 25.17 -4.92
N1 TAU X . -1.62 25.86 -2.89
S TAU X . -4.36 25.43 -4.59
O1 TAU X . -4.77 24.14 -4.21
O2 TAU X . -4.65 26.56 -3.77
O3 TAU X . -5.26 25.87 -5.87
P PO4 Y . -21.12 9.23 5.24
O1 PO4 Y . -21.21 7.85 4.58
O2 PO4 Y . -21.99 9.38 6.48
O3 PO4 Y . -19.69 9.38 5.68
O4 PO4 Y . -21.55 10.30 4.26
P PO4 Z . 7.26 8.68 -6.16
O1 PO4 Z . 6.64 7.72 -7.17
O2 PO4 Z . 7.63 7.79 -4.98
O3 PO4 Z . 8.57 9.28 -6.63
O4 PO4 Z . 6.31 9.87 -5.96
FE1 SF4 AA . 2.48 1.98 -15.80
FE2 SF4 AA . 3.99 1.78 -13.54
FE3 SF4 AA . 1.30 1.77 -13.30
FE4 SF4 AA . 2.57 4.14 -14.04
S1 SF4 AA . 2.78 2.97 -12.19
S2 SF4 AA . 0.88 3.14 -14.94
S3 SF4 AA . 4.14 3.20 -15.19
S4 SF4 AA . 2.57 0.33 -14.36
FE1 SF4 BA . -0.47 -15.20 -26.32
FE2 SF4 BA . 0.44 -13.53 -24.39
FE3 SF4 BA . -0.51 -16.08 -23.62
FE4 SF4 BA . -2.23 -14.23 -24.42
S1 SF4 BA . -0.82 -14.06 -22.74
S2 SF4 BA . -1.96 -16.24 -25.26
S3 SF4 BA . -1.09 -13.15 -25.88
S4 SF4 BA . 1.09 -15.55 -24.83
FE1 SF4 CA . -6.17 -13.32 -36.54
FE2 SF4 CA . -3.50 -13.98 -36.59
FE3 SF4 CA . -4.65 -12.68 -34.31
FE4 SF4 CA . -4.13 -11.35 -36.71
S1 SF4 CA . -2.81 -12.33 -35.31
S2 SF4 CA . -5.89 -11.42 -35.51
S3 SF4 CA . -4.70 -12.95 -38.07
S4 SF4 CA . -5.04 -14.61 -35.29
FE1 SF4 DA . 6.03 -5.13 -23.89
FE2 SF4 DA . 8.06 -3.32 -24.43
FE3 SF4 DA . 6.63 -3.10 -22.06
FE4 SF4 DA . 5.54 -2.45 -24.55
S1 SF4 DA . 7.19 -1.56 -23.44
S2 SF4 DA . 4.74 -3.65 -23.01
S3 SF4 DA . 6.43 -4.06 -25.71
S4 SF4 DA . 7.87 -4.73 -22.78
CL CL EA . -16.85 2.52 -2.03
P PO4 FA . -5.09 -2.33 0.45
O1 PO4 FA . -4.20 -3.39 -0.20
O2 PO4 FA . -6.02 -2.76 1.57
O3 PO4 FA . -5.93 -1.92 -0.74
O4 PO4 FA . -4.32 -1.08 0.92
#